data_3RUF
#
_entry.id   3RUF
#
_cell.length_a   77.978
_cell.length_b   77.978
_cell.length_c   223.873
_cell.angle_alpha   90.00
_cell.angle_beta   90.00
_cell.angle_gamma   120.00
#
_symmetry.space_group_name_H-M   'P 32'
#
loop_
_entity.id
_entity.type
_entity.pdbx_description
1 polymer WbgU
2 non-polymer NICOTINAMIDE-ADENINE-DINUCLEOTIDE
3 non-polymer "URIDINE-5'-DIPHOSPHATE"
4 non-polymer 'SULFATE ION'
5 water water
#
_entity_poly.entity_id   1
_entity_poly.type   'polypeptide(L)'
_entity_poly.pdbx_seq_one_letter_code
;HHHHHHMDIYMSRYEEITQQLIFSPKTWLITGVAGFIGSNLLEKLLKLNQVVIGLDNFSTGHQYNLDEVKTLVSTEQWSR
FCFIEGDIRDLTTCEQVMKGVDHVLHQAALGSVPRSIVDPITTNATNITGFLNILHAAKNAQVQSFTYAASSSTYGDHPA
LPKVEENIGNPLSPYAVTKYVNEIYAQVYARTYGFKTIGLRYFNVFGRRQDPNGAYAAVIPKWTAAMLKGDDVYINGDGE
TSRDFCYIDNVIQMNILSALAKDSAKDNIYNVAVGDRTTLNELSGYIYDELNLIHHIDKLSIKYREFRSGDVRHSQADVT
KAIDLLKYRPNIKIREGLRLSMPWYVRFLKG
;
_entity_poly.pdbx_strand_id   A,B,S,b
#
# COMPACT_ATOMS: atom_id res chain seq x y z
N TYR A 10 -3.27 4.71 -7.57
CA TYR A 10 -2.26 5.78 -7.77
C TYR A 10 -2.55 6.59 -9.01
N MET A 11 -2.39 7.89 -8.89
CA MET A 11 -2.52 8.77 -10.06
C MET A 11 -1.12 9.21 -10.51
N SER A 12 -0.45 8.30 -11.20
CA SER A 12 1.02 8.42 -11.33
C SER A 12 1.49 9.58 -12.18
N ARG A 13 0.82 9.84 -13.30
CA ARG A 13 1.23 11.01 -14.13
C ARG A 13 0.97 12.32 -13.34
N TYR A 14 -0.16 12.35 -12.67
CA TYR A 14 -0.56 13.53 -11.89
C TYR A 14 0.45 13.81 -10.79
N GLU A 15 0.92 12.74 -10.12
CA GLU A 15 1.98 12.85 -9.10
C GLU A 15 3.26 13.51 -9.59
N GLU A 16 3.71 13.04 -10.77
CA GLU A 16 4.92 13.55 -11.44
C GLU A 16 4.80 15.04 -11.76
N ILE A 17 3.73 15.38 -12.45
CA ILE A 17 3.48 16.79 -12.79
C ILE A 17 3.37 17.64 -11.53
N THR A 18 2.65 17.21 -10.51
CA THR A 18 2.66 18.01 -9.27
C THR A 18 4.07 18.19 -8.69
N GLN A 19 4.92 17.15 -8.79
CA GLN A 19 6.32 17.27 -8.35
C GLN A 19 7.08 18.30 -9.11
N GLN A 20 6.87 18.32 -10.41
CA GLN A 20 7.50 19.37 -11.23
C GLN A 20 7.10 20.75 -10.71
N LEU A 21 5.81 20.89 -10.41
CA LEU A 21 5.28 22.23 -9.99
C LEU A 21 5.80 22.66 -8.66
N ILE A 22 5.92 21.74 -7.71
CA ILE A 22 6.50 22.11 -6.41
C ILE A 22 7.97 22.60 -6.54
N PHE A 23 8.76 21.95 -7.38
CA PHE A 23 10.16 22.33 -7.58
C PHE A 23 10.30 23.65 -8.33
N SER A 24 9.51 23.84 -9.38
CA SER A 24 9.63 25.02 -10.23
C SER A 24 8.22 25.70 -10.22
N PRO A 25 7.92 26.48 -9.17
CA PRO A 25 6.49 26.96 -9.00
C PRO A 25 6.17 28.01 -10.10
N LYS A 26 4.89 28.07 -10.49
CA LYS A 26 4.46 29.00 -11.49
C LYS A 26 3.39 29.93 -10.91
N THR A 27 2.99 30.92 -11.71
CA THR A 27 1.85 31.75 -11.41
C THR A 27 0.65 31.29 -12.18
N TRP A 28 -0.43 31.10 -11.44
CA TRP A 28 -1.67 30.55 -11.99
C TRP A 28 -2.80 31.64 -11.91
N LEU A 29 -3.71 31.70 -12.90
CA LEU A 29 -4.93 32.49 -12.70
C LEU A 29 -6.06 31.55 -12.62
N ILE A 30 -6.86 31.68 -11.58
CA ILE A 30 -8.09 30.95 -11.55
C ILE A 30 -9.20 32.00 -11.56
N THR A 31 -10.10 31.87 -12.53
CA THR A 31 -11.32 32.70 -12.55
C THR A 31 -12.43 31.81 -11.97
N GLY A 32 -13.44 32.40 -11.32
CA GLY A 32 -14.42 31.61 -10.61
C GLY A 32 -13.84 31.03 -9.30
N VAL A 33 -12.79 31.65 -8.79
CA VAL A 33 -12.02 31.13 -7.60
C VAL A 33 -12.85 30.99 -6.30
N ALA A 34 -13.89 31.81 -6.16
CA ALA A 34 -14.67 31.72 -4.98
C ALA A 34 -15.81 30.72 -5.12
N GLY A 35 -15.89 30.02 -6.26
CA GLY A 35 -16.94 29.03 -6.46
C GLY A 35 -16.51 27.65 -6.04
N PHE A 36 -17.29 26.67 -6.44
CA PHE A 36 -17.10 25.29 -6.02
C PHE A 36 -15.79 24.71 -6.62
N ILE A 37 -15.72 24.64 -7.95
CA ILE A 37 -14.55 24.03 -8.58
C ILE A 37 -13.38 24.98 -8.38
N GLY A 38 -13.58 26.28 -8.60
CA GLY A 38 -12.53 27.21 -8.47
C GLY A 38 -11.85 27.21 -7.10
N SER A 39 -12.62 27.14 -6.03
CA SER A 39 -12.01 27.18 -4.70
C SER A 39 -11.33 25.83 -4.37
N ASN A 40 -11.80 24.76 -4.98
CA ASN A 40 -11.08 23.49 -4.89
C ASN A 40 -9.74 23.48 -5.61
N LEU A 41 -9.73 24.07 -6.81
CA LEU A 41 -8.49 24.32 -7.52
C LEU A 41 -7.55 25.18 -6.71
N LEU A 42 -8.07 26.19 -6.04
CA LEU A 42 -7.28 27.11 -5.23
C LEU A 42 -6.57 26.32 -4.12
N GLU A 43 -7.36 25.51 -3.46
CA GLU A 43 -6.87 24.73 -2.34
C GLU A 43 -5.66 23.83 -2.79
N LYS A 44 -5.85 23.05 -3.86
CA LYS A 44 -4.79 22.22 -4.40
C LYS A 44 -3.53 23.01 -4.85
N LEU A 45 -3.66 24.06 -5.69
CA LEU A 45 -2.50 24.86 -6.11
C LEU A 45 -1.73 25.53 -4.97
N LEU A 46 -2.44 26.02 -3.95
CA LEU A 46 -1.74 26.60 -2.78
C LEU A 46 -1.03 25.50 -1.99
N LYS A 47 -1.65 24.34 -1.86
CA LYS A 47 -0.93 23.22 -1.20
C LYS A 47 0.35 22.79 -1.95
N LEU A 48 0.43 23.05 -3.25
CA LEU A 48 1.67 22.87 -4.05
C LEU A 48 2.56 24.08 -4.09
N ASN A 49 2.33 25.06 -3.21
CA ASN A 49 3.16 26.28 -3.13
C ASN A 49 3.14 27.09 -4.41
N GLN A 50 2.06 26.95 -5.22
CA GLN A 50 1.95 27.85 -6.39
C GLN A 50 1.63 29.30 -5.97
N VAL A 51 1.88 30.24 -6.88
CA VAL A 51 1.49 31.64 -6.68
C VAL A 51 0.19 31.64 -7.43
N VAL A 52 -0.89 32.13 -6.80
CA VAL A 52 -2.20 32.13 -7.45
C VAL A 52 -2.81 33.52 -7.45
N ILE A 53 -3.28 33.95 -8.62
CA ILE A 53 -4.11 35.13 -8.75
C ILE A 53 -5.54 34.62 -8.92
N GLY A 54 -6.45 35.14 -8.10
CA GLY A 54 -7.83 34.71 -8.15
C GLY A 54 -8.75 35.88 -8.59
N LEU A 55 -9.69 35.59 -9.51
CA LEU A 55 -10.67 36.58 -9.93
C LEU A 55 -12.12 36.07 -9.69
N ASP A 56 -12.97 36.85 -9.00
CA ASP A 56 -14.36 36.42 -8.84
C ASP A 56 -15.25 37.65 -8.59
N ASN A 57 -16.50 37.55 -9.00
CA ASN A 57 -17.44 38.69 -8.75
C ASN A 57 -18.46 38.38 -7.60
N PHE A 58 -18.31 37.21 -6.95
CA PHE A 58 -19.23 36.78 -5.89
C PHE A 58 -20.69 36.84 -6.40
N SER A 59 -20.91 36.50 -7.68
CA SER A 59 -22.28 36.29 -8.11
C SER A 59 -22.91 35.00 -7.51
N THR A 60 -22.45 33.83 -7.96
CA THR A 60 -22.83 32.56 -7.33
C THR A 60 -21.74 32.09 -6.38
N GLY A 61 -20.58 32.72 -6.42
CA GLY A 61 -19.52 32.32 -5.48
C GLY A 61 -19.57 33.06 -4.11
N HIS A 62 -18.74 32.63 -3.19
CA HIS A 62 -18.77 33.11 -1.81
C HIS A 62 -17.44 33.43 -1.21
N GLN A 63 -17.43 34.57 -0.57
CA GLN A 63 -16.34 34.94 0.38
C GLN A 63 -15.99 33.82 1.35
N TYR A 64 -17.03 33.14 1.86
CA TYR A 64 -16.80 32.06 2.84
C TYR A 64 -16.03 30.84 2.22
N ASN A 65 -16.07 30.67 0.88
CA ASN A 65 -15.30 29.55 0.31
C ASN A 65 -13.84 29.92 0.36
N LEU A 66 -13.54 31.20 0.16
CA LEU A 66 -12.20 31.68 0.28
C LEU A 66 -11.69 31.53 1.72
N ASP A 67 -12.51 31.94 2.67
CA ASP A 67 -12.19 31.81 4.11
C ASP A 67 -11.85 30.34 4.46
N GLU A 68 -12.66 29.43 3.98
CA GLU A 68 -12.44 28.05 4.29
C GLU A 68 -11.10 27.57 3.80
N VAL A 69 -10.67 28.05 2.62
CA VAL A 69 -9.45 27.52 1.99
C VAL A 69 -8.31 28.10 2.75
N LYS A 70 -8.48 29.34 3.23
CA LYS A 70 -7.49 29.96 4.12
C LYS A 70 -7.15 29.05 5.35
N THR A 71 -8.14 28.35 5.87
CA THR A 71 -7.95 27.57 7.09
C THR A 71 -7.32 26.19 6.74
N LEU A 72 -7.28 25.84 5.47
CA LEU A 72 -6.82 24.53 5.06
C LEU A 72 -5.38 24.51 4.51
N VAL A 73 -4.67 25.64 4.54
CA VAL A 73 -3.33 25.75 3.94
C VAL A 73 -2.48 26.58 4.89
N SER A 74 -1.17 26.57 4.72
CA SER A 74 -0.33 27.26 5.65
C SER A 74 -0.37 28.76 5.44
N THR A 75 0.13 29.52 6.42
CA THR A 75 0.30 30.98 6.27
C THR A 75 1.13 31.39 5.04
N GLU A 76 2.29 30.75 4.86
CA GLU A 76 3.16 31.02 3.73
C GLU A 76 2.40 30.73 2.45
N GLN A 77 1.66 29.64 2.46
CA GLN A 77 0.95 29.22 1.25
C GLN A 77 -0.17 30.26 0.96
N TRP A 78 -0.85 30.72 2.02
CA TRP A 78 -1.90 31.74 1.83
C TRP A 78 -1.31 33.07 1.41
N SER A 79 -0.05 33.33 1.81
CA SER A 79 0.58 34.59 1.46
C SER A 79 0.83 34.69 -0.04
N ARG A 80 0.76 33.57 -0.78
CA ARG A 80 1.06 33.58 -2.24
C ARG A 80 -0.22 33.74 -3.10
N PHE A 81 -1.37 33.90 -2.46
CA PHE A 81 -2.68 34.11 -3.09
C PHE A 81 -3.09 35.56 -3.06
N CYS A 82 -3.30 36.12 -4.25
CA CYS A 82 -3.81 37.49 -4.42
C CYS A 82 -5.24 37.41 -5.01
N PHE A 83 -6.22 37.85 -4.24
CA PHE A 83 -7.61 37.78 -4.71
C PHE A 83 -7.98 39.11 -5.31
N ILE A 84 -8.62 39.08 -6.47
CA ILE A 84 -9.10 40.28 -7.10
C ILE A 84 -10.59 40.10 -7.25
N GLU A 85 -11.35 40.98 -6.59
CA GLU A 85 -12.78 41.04 -6.81
C GLU A 85 -13.06 41.73 -8.14
N GLY A 86 -13.68 41.06 -9.12
CA GLY A 86 -13.83 41.76 -10.40
C GLY A 86 -14.58 40.86 -11.34
N ASP A 87 -14.80 41.32 -12.56
CA ASP A 87 -15.81 40.69 -13.38
C ASP A 87 -15.18 40.43 -14.73
N ILE A 88 -15.30 39.16 -15.18
CA ILE A 88 -14.73 38.77 -16.45
C ILE A 88 -15.36 39.50 -17.62
N ARG A 89 -16.57 40.05 -17.46
CA ARG A 89 -17.14 40.90 -18.49
C ARG A 89 -16.41 42.17 -18.87
N ASP A 90 -15.53 42.63 -17.99
CA ASP A 90 -14.73 43.82 -18.16
C ASP A 90 -13.33 43.46 -18.68
N LEU A 91 -13.06 43.79 -19.93
CA LEU A 91 -11.80 43.36 -20.54
C LEU A 91 -10.59 43.92 -19.82
N THR A 92 -10.67 45.18 -19.41
CA THR A 92 -9.62 45.77 -18.59
C THR A 92 -9.20 44.95 -17.34
N THR A 93 -10.20 44.49 -16.60
CA THR A 93 -9.96 43.68 -15.43
C THR A 93 -9.23 42.35 -15.88
N CYS A 94 -9.70 41.74 -16.96
CA CYS A 94 -9.08 40.46 -17.49
C CYS A 94 -7.62 40.67 -17.85
N GLU A 95 -7.31 41.78 -18.53
CA GLU A 95 -5.95 42.15 -18.87
C GLU A 95 -5.10 42.42 -17.63
N GLN A 96 -5.65 43.16 -16.69
CA GLN A 96 -4.95 43.39 -15.46
C GLN A 96 -4.57 42.09 -14.69
N VAL A 97 -5.47 41.15 -14.60
CA VAL A 97 -5.17 39.99 -13.74
C VAL A 97 -4.21 38.99 -14.48
N MET A 98 -4.03 39.23 -15.78
CA MET A 98 -3.31 38.28 -16.67
C MET A 98 -1.81 38.51 -16.53
N LYS A 99 -1.48 39.61 -15.86
CA LYS A 99 -0.08 40.07 -15.91
C LYS A 99 0.82 39.09 -15.18
N GLY A 100 1.85 38.60 -15.87
CA GLY A 100 2.78 37.61 -15.28
C GLY A 100 2.23 36.20 -15.04
N VAL A 101 1.07 35.89 -15.58
CA VAL A 101 0.48 34.58 -15.38
C VAL A 101 1.13 33.58 -16.33
N ASP A 102 1.33 32.36 -15.84
CA ASP A 102 1.83 31.26 -16.68
C ASP A 102 0.69 30.34 -17.12
N HIS A 103 -0.19 30.00 -16.19
CA HIS A 103 -1.22 29.02 -16.46
C HIS A 103 -2.61 29.57 -16.15
N VAL A 104 -3.56 29.43 -17.07
CA VAL A 104 -4.93 29.90 -16.85
C VAL A 104 -5.88 28.77 -16.65
N LEU A 105 -6.60 28.80 -15.52
CA LEU A 105 -7.69 27.91 -15.30
C LEU A 105 -8.96 28.75 -15.23
N HIS A 106 -9.73 28.68 -16.28
CA HIS A 106 -10.94 29.52 -16.42
C HIS A 106 -12.19 28.70 -16.02
N GLN A 107 -12.73 29.02 -14.84
CA GLN A 107 -13.94 28.42 -14.33
C GLN A 107 -15.09 29.44 -14.20
N ALA A 108 -14.81 30.72 -14.31
CA ALA A 108 -15.90 31.72 -14.12
C ALA A 108 -17.00 31.61 -15.16
N ALA A 109 -18.21 31.34 -14.67
CA ALA A 109 -19.43 31.30 -15.50
C ALA A 109 -20.62 31.30 -14.63
N LEU A 110 -21.79 31.61 -15.20
CA LEU A 110 -23.04 31.32 -14.56
C LEU A 110 -23.53 30.02 -15.21
N GLY A 111 -23.45 28.92 -14.44
CA GLY A 111 -24.00 27.66 -14.82
C GLY A 111 -25.50 27.50 -14.77
N SER A 112 -25.89 26.24 -14.83
CA SER A 112 -27.28 25.76 -14.71
C SER A 112 -28.01 25.83 -16.03
N VAL A 113 -28.59 24.73 -16.46
CA VAL A 113 -29.44 24.71 -17.66
C VAL A 113 -30.75 25.60 -17.45
N PRO A 114 -31.53 25.37 -16.36
CA PRO A 114 -32.72 26.27 -16.22
C PRO A 114 -32.42 27.76 -16.12
N ARG A 115 -31.28 28.12 -15.50
CA ARG A 115 -30.90 29.51 -15.41
C ARG A 115 -30.76 30.09 -16.84
N SER A 116 -30.08 29.37 -17.76
CA SER A 116 -29.83 29.88 -19.14
C SER A 116 -31.18 30.07 -19.84
N ILE A 117 -32.17 29.25 -19.53
CA ILE A 117 -33.45 29.33 -20.26
C ILE A 117 -34.22 30.58 -19.87
N VAL A 118 -34.12 30.90 -18.59
CA VAL A 118 -34.85 31.96 -17.97
C VAL A 118 -34.12 33.29 -18.17
N ASP A 119 -32.77 33.27 -18.22
CA ASP A 119 -32.06 34.54 -18.52
C ASP A 119 -30.87 34.21 -19.43
N PRO A 120 -31.15 33.97 -20.70
CA PRO A 120 -30.12 33.76 -21.71
C PRO A 120 -29.28 34.99 -21.95
N ILE A 121 -29.77 36.19 -21.59
CA ILE A 121 -28.98 37.40 -21.80
C ILE A 121 -27.76 37.55 -20.88
N THR A 122 -27.96 37.55 -19.56
CA THR A 122 -26.84 37.80 -18.66
C THR A 122 -25.77 36.65 -18.76
N THR A 123 -26.29 35.44 -18.96
CA THR A 123 -25.63 34.16 -19.14
C THR A 123 -24.78 34.22 -20.40
N ASN A 124 -25.35 34.79 -21.48
CA ASN A 124 -24.61 35.01 -22.71
C ASN A 124 -23.43 35.93 -22.45
N ALA A 125 -23.69 37.06 -21.76
CA ALA A 125 -22.64 37.98 -21.37
C ALA A 125 -21.53 37.36 -20.52
N THR A 126 -21.87 36.58 -19.51
CA THR A 126 -20.81 36.05 -18.68
C THR A 126 -20.10 34.85 -19.37
N ASN A 127 -20.88 33.99 -20.01
CA ASN A 127 -20.32 32.69 -20.48
C ASN A 127 -19.68 32.79 -21.86
N ILE A 128 -20.18 33.76 -22.69
CA ILE A 128 -19.53 34.03 -24.02
C ILE A 128 -18.61 35.24 -24.02
N THR A 129 -19.15 36.45 -23.72
CA THR A 129 -18.29 37.64 -23.67
C THR A 129 -17.17 37.51 -22.66
N GLY A 130 -17.53 37.06 -21.48
CA GLY A 130 -16.51 36.93 -20.45
C GLY A 130 -15.46 35.84 -20.78
N PHE A 131 -15.91 34.70 -21.29
CA PHE A 131 -14.94 33.69 -21.80
C PHE A 131 -14.01 34.29 -22.83
N LEU A 132 -14.59 35.02 -23.80
CA LEU A 132 -13.71 35.58 -24.88
C LEU A 132 -12.73 36.65 -24.34
N ASN A 133 -13.19 37.46 -23.38
CA ASN A 133 -12.35 38.47 -22.79
C ASN A 133 -11.15 37.78 -22.17
N ILE A 134 -11.43 36.71 -21.42
CA ILE A 134 -10.37 35.99 -20.75
C ILE A 134 -9.43 35.26 -21.75
N LEU A 135 -10.02 34.61 -22.73
CA LEU A 135 -9.20 33.96 -23.80
C LEU A 135 -8.27 34.96 -24.51
N HIS A 136 -8.82 36.11 -24.90
CA HIS A 136 -8.02 37.15 -25.58
C HIS A 136 -6.92 37.77 -24.75
N ALA A 137 -7.24 38.06 -23.49
CA ALA A 137 -6.25 38.61 -22.63
C ALA A 137 -5.12 37.60 -22.44
N ALA A 138 -5.51 36.34 -22.26
CA ALA A 138 -4.45 35.26 -22.05
C ALA A 138 -3.54 35.17 -23.28
N LYS A 139 -4.15 35.11 -24.47
CA LYS A 139 -3.37 35.13 -25.69
C LYS A 139 -2.39 36.30 -25.69
N ASN A 140 -2.88 37.51 -25.41
CA ASN A 140 -2.06 38.71 -25.55
C ASN A 140 -0.96 38.73 -24.50
N ALA A 141 -1.26 38.15 -23.35
CA ALA A 141 -0.27 38.02 -22.31
C ALA A 141 0.76 36.91 -22.53
N GLN A 142 0.55 36.12 -23.56
CA GLN A 142 1.39 34.94 -23.90
C GLN A 142 1.58 33.95 -22.75
N VAL A 143 0.48 33.49 -22.17
CA VAL A 143 0.55 32.58 -21.04
C VAL A 143 1.04 31.21 -21.59
N GLN A 144 1.58 30.38 -20.73
CA GLN A 144 2.06 29.03 -21.14
C GLN A 144 0.93 28.06 -21.45
N SER A 145 -0.24 28.23 -20.79
CA SER A 145 -1.35 27.33 -20.97
C SER A 145 -2.68 27.97 -20.58
N PHE A 146 -3.73 27.35 -21.09
CA PHE A 146 -5.10 27.82 -21.03
C PHE A 146 -6.08 26.65 -21.10
N THR A 147 -6.79 26.46 -20.00
CA THR A 147 -7.69 25.35 -19.75
C THR A 147 -8.98 25.93 -19.22
N TYR A 148 -10.08 25.50 -19.79
CA TYR A 148 -11.36 26.16 -19.50
C TYR A 148 -12.43 25.13 -19.27
N ALA A 149 -13.38 25.50 -18.43
CA ALA A 149 -14.52 24.62 -18.12
C ALA A 149 -15.49 24.62 -19.25
N ALA A 150 -15.74 23.45 -19.85
CA ALA A 150 -16.84 23.21 -20.76
C ALA A 150 -17.88 22.27 -20.14
N SER A 151 -18.77 21.69 -20.95
CA SER A 151 -19.93 21.02 -20.38
C SER A 151 -20.39 19.81 -21.16
N SER A 152 -20.78 18.75 -20.43
CA SER A 152 -21.42 17.60 -21.15
C SER A 152 -22.79 17.96 -21.70
N SER A 153 -23.37 19.08 -21.26
CA SER A 153 -24.67 19.46 -21.80
C SER A 153 -24.54 19.65 -23.33
N THR A 154 -23.35 19.90 -23.84
CA THR A 154 -23.06 20.12 -25.27
C THR A 154 -23.26 18.88 -26.18
N TYR A 155 -23.34 17.70 -25.58
CA TYR A 155 -23.71 16.48 -26.29
C TYR A 155 -25.17 16.65 -26.70
N GLY A 156 -25.94 17.35 -25.85
CA GLY A 156 -27.31 17.73 -26.27
C GLY A 156 -28.21 16.50 -26.43
N ASP A 157 -28.83 16.35 -27.60
CA ASP A 157 -29.75 15.24 -27.84
C ASP A 157 -29.14 14.06 -28.63
N HIS A 158 -27.82 14.03 -28.81
CA HIS A 158 -27.11 12.83 -29.37
C HIS A 158 -27.47 11.57 -28.54
N PRO A 159 -28.00 10.52 -29.18
CA PRO A 159 -28.51 9.39 -28.40
C PRO A 159 -27.42 8.37 -27.99
N ALA A 160 -26.21 8.44 -28.54
CA ALA A 160 -25.17 7.42 -28.25
C ALA A 160 -24.62 7.45 -26.83
N LEU A 161 -24.41 6.25 -26.30
CA LEU A 161 -23.84 6.02 -25.01
C LEU A 161 -22.70 5.00 -25.23
N PRO A 162 -21.52 5.21 -24.60
CA PRO A 162 -21.18 6.41 -23.83
C PRO A 162 -20.86 7.58 -24.80
N LYS A 163 -20.69 8.79 -24.29
CA LYS A 163 -20.45 9.96 -25.13
C LYS A 163 -18.98 10.10 -25.49
N VAL A 164 -18.69 10.27 -26.76
CA VAL A 164 -17.30 10.43 -27.18
C VAL A 164 -17.23 11.83 -27.74
N GLU A 165 -16.06 12.43 -27.57
CA GLU A 165 -15.86 13.88 -27.79
C GLU A 165 -16.19 14.36 -29.19
N GLU A 166 -15.91 13.55 -30.17
CA GLU A 166 -16.10 13.91 -31.55
C GLU A 166 -17.58 13.98 -31.92
N ASN A 167 -18.46 13.37 -31.12
CA ASN A 167 -19.87 13.18 -31.55
C ASN A 167 -20.89 13.90 -30.68
N ILE A 168 -21.34 15.07 -31.12
CA ILE A 168 -22.33 15.84 -30.35
C ILE A 168 -23.59 16.04 -31.20
N GLY A 169 -24.71 16.31 -30.50
CA GLY A 169 -26.02 16.50 -31.15
C GLY A 169 -26.44 17.97 -31.17
N ASN A 170 -27.75 18.17 -31.14
CA ASN A 170 -28.35 19.51 -31.05
C ASN A 170 -28.36 20.05 -29.62
N PRO A 171 -27.84 21.26 -29.42
CA PRO A 171 -27.90 21.80 -28.04
C PRO A 171 -29.35 21.99 -27.56
N LEU A 172 -29.67 21.52 -26.36
CA LEU A 172 -31.05 21.59 -25.84
C LEU A 172 -31.32 22.83 -24.93
N SER A 173 -30.35 23.72 -24.81
CA SER A 173 -30.48 24.86 -23.87
C SER A 173 -29.52 25.96 -24.26
N PRO A 174 -29.79 27.25 -23.86
CA PRO A 174 -28.78 28.27 -24.04
C PRO A 174 -27.47 27.98 -23.36
N TYR A 175 -27.48 27.29 -22.23
CA TYR A 175 -26.26 26.91 -21.55
C TYR A 175 -25.43 25.98 -22.43
N ALA A 176 -26.07 25.06 -23.11
CA ALA A 176 -25.35 24.15 -24.01
C ALA A 176 -24.66 24.97 -25.13
N VAL A 177 -25.34 25.98 -25.63
CA VAL A 177 -24.80 26.85 -26.64
C VAL A 177 -23.57 27.64 -26.16
N THR A 178 -23.67 28.29 -25.00
CA THR A 178 -22.59 29.12 -24.56
C THR A 178 -21.34 28.25 -24.38
N LYS A 179 -21.49 27.08 -23.75
CA LYS A 179 -20.27 26.25 -23.52
C LYS A 179 -19.70 25.72 -24.86
N TYR A 180 -20.60 25.28 -25.74
CA TYR A 180 -20.20 24.97 -27.11
C TYR A 180 -19.39 26.14 -27.77
N VAL A 181 -19.85 27.39 -27.59
CA VAL A 181 -19.23 28.47 -28.27
C VAL A 181 -17.87 28.73 -27.71
N ASN A 182 -17.69 28.44 -26.42
CA ASN A 182 -16.32 28.53 -25.85
C ASN A 182 -15.36 27.59 -26.64
N GLU A 183 -15.85 26.37 -26.91
CA GLU A 183 -15.08 25.36 -27.62
C GLU A 183 -14.72 25.89 -28.97
N ILE A 184 -15.66 26.52 -29.66
CA ILE A 184 -15.44 26.86 -31.06
C ILE A 184 -14.45 28.07 -31.08
N TYR A 185 -14.64 29.05 -30.18
CA TYR A 185 -13.64 30.14 -30.10
C TYR A 185 -12.25 29.62 -29.81
N ALA A 186 -12.13 28.69 -28.84
CA ALA A 186 -10.79 28.12 -28.54
C ALA A 186 -10.20 27.42 -29.78
N GLN A 187 -10.98 26.68 -30.54
CA GLN A 187 -10.45 26.01 -31.74
C GLN A 187 -10.02 27.02 -32.76
N VAL A 188 -10.81 28.12 -32.91
CA VAL A 188 -10.42 29.20 -33.83
C VAL A 188 -9.19 29.93 -33.37
N TYR A 189 -9.01 30.10 -32.04
CA TYR A 189 -7.80 30.73 -31.59
C TYR A 189 -6.54 29.92 -31.92
N ALA A 190 -6.64 28.60 -31.79
CA ALA A 190 -5.54 27.70 -32.28
C ALA A 190 -5.26 27.89 -33.76
N ARG A 191 -6.31 27.87 -34.58
CA ARG A 191 -6.18 28.02 -36.07
C ARG A 191 -5.60 29.37 -36.41
N THR A 192 -6.12 30.44 -35.80
CA THR A 192 -5.75 31.74 -36.28
C THR A 192 -4.64 32.43 -35.58
N TYR A 193 -4.40 32.12 -34.29
CA TYR A 193 -3.25 32.67 -33.61
C TYR A 193 -2.15 31.68 -33.15
N GLY A 194 -2.38 30.37 -33.37
CA GLY A 194 -1.41 29.43 -32.81
C GLY A 194 -1.59 29.27 -31.32
N PHE A 195 -2.73 29.72 -30.79
CA PHE A 195 -2.87 29.73 -29.36
C PHE A 195 -3.68 28.49 -28.89
N LYS A 196 -2.98 27.52 -28.31
CA LYS A 196 -3.49 26.19 -28.14
C LYS A 196 -4.05 25.95 -26.72
N THR A 197 -5.33 25.61 -26.61
CA THR A 197 -6.03 25.46 -25.32
C THR A 197 -6.55 24.04 -25.10
N ILE A 198 -7.04 23.80 -23.89
CA ILE A 198 -7.78 22.59 -23.59
C ILE A 198 -9.13 22.92 -22.93
N GLY A 199 -10.19 22.37 -23.50
CA GLY A 199 -11.51 22.49 -22.96
C GLY A 199 -11.89 21.20 -22.24
N LEU A 200 -12.41 21.34 -21.03
CA LEU A 200 -12.74 20.16 -20.18
C LEU A 200 -14.27 20.03 -20.09
N ARG A 201 -14.87 19.06 -20.81
CA ARG A 201 -16.31 18.83 -20.74
C ARG A 201 -16.69 18.13 -19.40
N TYR A 202 -17.12 18.90 -18.40
CA TYR A 202 -17.34 18.34 -17.08
C TYR A 202 -18.66 17.64 -17.14
N PHE A 203 -18.76 16.51 -16.44
CA PHE A 203 -20.03 15.75 -16.32
C PHE A 203 -20.44 15.80 -14.85
N ASN A 204 -21.45 16.54 -14.48
CA ASN A 204 -22.00 16.44 -13.07
C ASN A 204 -21.01 16.34 -11.90
N VAL A 205 -20.28 17.40 -11.66
CA VAL A 205 -19.27 17.40 -10.65
C VAL A 205 -19.91 17.55 -9.27
N PHE A 206 -19.30 16.96 -8.25
CA PHE A 206 -19.84 17.12 -6.89
C PHE A 206 -18.76 17.00 -5.86
N GLY A 207 -19.07 17.43 -4.63
CA GLY A 207 -18.10 17.39 -3.55
C GLY A 207 -18.17 18.63 -2.69
N ARG A 208 -17.13 18.82 -1.88
CA ARG A 208 -17.10 19.91 -0.91
C ARG A 208 -17.14 21.29 -1.55
N ARG A 209 -17.91 22.19 -0.93
CA ARG A 209 -18.11 23.58 -1.37
C ARG A 209 -18.99 23.76 -2.62
N GLN A 210 -19.68 22.68 -3.00
CA GLN A 210 -20.78 22.77 -3.96
C GLN A 210 -22.02 23.31 -3.24
N ASP A 211 -22.60 24.40 -3.76
CA ASP A 211 -23.55 25.22 -2.99
C ASP A 211 -24.89 24.46 -2.88
N PRO A 212 -25.38 24.21 -1.64
CA PRO A 212 -26.69 23.45 -1.52
C PRO A 212 -27.94 24.36 -1.60
N ASN A 213 -27.67 25.68 -1.54
CA ASN A 213 -28.67 26.74 -1.31
C ASN A 213 -29.10 27.41 -2.62
N GLY A 214 -30.27 28.04 -2.62
CA GLY A 214 -30.70 28.72 -3.88
C GLY A 214 -31.45 27.89 -4.88
N ALA A 215 -32.05 28.60 -5.83
CA ALA A 215 -32.99 28.01 -6.77
C ALA A 215 -32.28 27.10 -7.79
N TYR A 216 -30.97 27.26 -7.93
CA TYR A 216 -30.27 26.45 -8.97
C TYR A 216 -29.37 25.33 -8.43
N ALA A 217 -29.50 25.02 -7.15
CA ALA A 217 -28.54 24.07 -6.56
C ALA A 217 -28.53 22.73 -7.29
N ALA A 218 -27.35 22.11 -7.38
CA ALA A 218 -27.27 20.83 -8.05
C ALA A 218 -27.89 19.72 -7.20
N VAL A 219 -28.29 18.63 -7.86
CA VAL A 219 -29.06 17.57 -7.23
C VAL A 219 -28.40 17.01 -5.94
N ILE A 220 -27.09 16.79 -5.98
CA ILE A 220 -26.45 16.15 -4.82
C ILE A 220 -26.43 17.02 -3.56
N PRO A 221 -25.94 18.27 -3.69
CA PRO A 221 -26.02 19.04 -2.47
C PRO A 221 -27.50 19.37 -2.14
N LYS A 222 -28.34 19.55 -3.15
CA LYS A 222 -29.75 19.90 -2.90
C LYS A 222 -30.42 18.82 -1.99
N TRP A 223 -30.17 17.56 -2.35
CA TRP A 223 -30.80 16.40 -1.74
C TRP A 223 -30.21 16.10 -0.40
N THR A 224 -28.87 16.12 -0.31
CA THR A 224 -28.20 16.06 0.97
C THR A 224 -28.82 17.05 1.99
N ALA A 225 -28.89 18.33 1.60
CA ALA A 225 -29.50 19.39 2.40
C ALA A 225 -30.91 19.01 2.85
N ALA A 226 -31.74 18.59 1.93
CA ALA A 226 -33.10 18.18 2.24
C ALA A 226 -33.16 16.94 3.16
N MET A 227 -32.39 15.89 2.85
CA MET A 227 -32.36 14.69 3.68
C MET A 227 -31.96 15.01 5.11
N LEU A 228 -30.97 15.88 5.25
CA LEU A 228 -30.60 16.37 6.55
C LEU A 228 -31.67 17.17 7.27
N LYS A 229 -32.39 18.07 6.60
CA LYS A 229 -33.47 18.89 7.23
C LYS A 229 -34.73 18.08 7.53
N GLY A 230 -34.86 16.95 6.86
CA GLY A 230 -36.04 16.13 6.94
C GLY A 230 -37.07 16.54 5.90
N ASP A 231 -36.68 17.40 4.95
CA ASP A 231 -37.62 17.88 3.94
C ASP A 231 -37.86 16.87 2.81
N ASP A 232 -38.88 17.16 2.00
CA ASP A 232 -39.20 16.38 0.82
C ASP A 232 -38.01 16.37 -0.17
N VAL A 233 -37.82 15.22 -0.84
CA VAL A 233 -36.81 15.04 -1.89
C VAL A 233 -37.56 14.87 -3.21
N TYR A 234 -37.52 15.88 -4.07
CA TYR A 234 -38.24 15.88 -5.35
C TYR A 234 -37.41 15.33 -6.51
N ILE A 235 -38.10 14.62 -7.42
CA ILE A 235 -37.50 14.03 -8.60
C ILE A 235 -38.18 14.55 -9.89
N ASN A 236 -37.41 15.32 -10.69
CA ASN A 236 -37.86 15.87 -11.97
C ASN A 236 -38.00 14.83 -13.09
N GLY A 237 -39.23 14.34 -13.28
CA GLY A 237 -39.53 13.22 -14.16
C GLY A 237 -39.72 11.93 -13.36
N ASP A 238 -39.35 10.79 -13.98
CA ASP A 238 -39.53 9.43 -13.45
C ASP A 238 -38.34 8.87 -12.71
N GLY A 239 -37.25 9.62 -12.70
CA GLY A 239 -36.04 9.24 -11.97
C GLY A 239 -35.12 8.26 -12.70
N GLU A 240 -35.43 8.00 -13.98
CA GLU A 240 -34.63 7.15 -14.86
C GLU A 240 -33.59 7.98 -15.62
N THR A 241 -33.78 9.29 -15.60
CA THR A 241 -32.75 10.24 -16.03
C THR A 241 -31.44 9.85 -15.35
N SER A 242 -30.38 9.67 -16.13
CA SER A 242 -29.10 9.10 -15.62
C SER A 242 -27.89 10.02 -15.85
N ARG A 243 -26.87 9.89 -14.98
CA ARG A 243 -25.68 10.78 -15.00
C ARG A 243 -24.37 10.04 -14.63
N ASP A 244 -23.24 10.66 -15.02
CA ASP A 244 -21.87 10.24 -14.68
C ASP A 244 -21.38 11.27 -13.64
N PHE A 245 -21.70 11.01 -12.38
CA PHE A 245 -21.37 11.92 -11.31
C PHE A 245 -19.86 11.81 -11.08
N CYS A 246 -19.22 12.97 -10.92
CA CYS A 246 -17.77 13.04 -10.97
C CYS A 246 -17.26 13.83 -9.83
N TYR A 247 -16.57 13.15 -8.92
CA TYR A 247 -16.10 13.78 -7.70
C TYR A 247 -15.02 14.84 -8.03
N ILE A 248 -15.07 16.01 -7.35
CA ILE A 248 -14.21 17.15 -7.69
C ILE A 248 -12.73 16.77 -7.82
N ASP A 249 -12.22 15.83 -7.02
CA ASP A 249 -10.74 15.55 -7.11
C ASP A 249 -10.35 15.11 -8.53
N ASN A 250 -11.21 14.35 -9.20
CA ASN A 250 -10.94 13.95 -10.61
C ASN A 250 -10.85 15.11 -11.58
N VAL A 251 -11.71 16.11 -11.34
CA VAL A 251 -11.68 17.40 -12.01
C VAL A 251 -10.40 18.15 -11.69
N ILE A 252 -9.99 18.19 -10.42
CA ILE A 252 -8.75 18.91 -10.05
C ILE A 252 -7.58 18.23 -10.78
N GLN A 253 -7.57 16.87 -10.78
CA GLN A 253 -6.51 16.14 -11.56
C GLN A 253 -6.52 16.64 -13.01
N MET A 254 -7.68 16.61 -13.64
CA MET A 254 -7.70 16.91 -15.09
C MET A 254 -7.27 18.36 -15.44
N ASN A 255 -7.52 19.32 -14.55
CA ASN A 255 -7.04 20.68 -14.78
C ASN A 255 -5.52 20.81 -14.77
N ILE A 256 -4.91 20.18 -13.78
CA ILE A 256 -3.47 20.32 -13.54
C ILE A 256 -2.75 19.54 -14.69
N LEU A 257 -3.25 18.35 -15.04
CA LEU A 257 -2.73 17.55 -16.18
C LEU A 257 -2.85 18.37 -17.48
N SER A 258 -3.97 19.09 -17.61
CA SER A 258 -4.21 19.88 -18.82
C SER A 258 -3.27 21.06 -18.84
N ALA A 259 -3.10 21.78 -17.71
CA ALA A 259 -2.20 22.94 -17.65
C ALA A 259 -0.77 22.57 -18.13
N LEU A 260 -0.31 21.38 -17.82
CA LEU A 260 1.08 20.97 -18.22
C LEU A 260 1.13 19.89 -19.31
N ALA A 261 0.01 19.67 -20.01
CA ALA A 261 -0.06 18.74 -21.17
C ALA A 261 1.04 19.03 -22.19
N LYS A 262 1.57 17.99 -22.84
CA LYS A 262 2.53 18.24 -23.95
C LYS A 262 1.76 18.98 -25.01
N ASP A 263 2.48 19.71 -25.83
CA ASP A 263 1.83 20.55 -26.84
C ASP A 263 0.86 19.79 -27.74
N SER A 264 1.24 18.59 -28.24
CA SER A 264 0.33 17.80 -29.15
C SER A 264 -0.99 17.39 -28.48
N ALA A 265 -1.07 17.41 -27.16
CA ALA A 265 -2.32 17.11 -26.47
C ALA A 265 -3.23 18.36 -26.21
N LYS A 266 -2.70 19.53 -26.52
CA LYS A 266 -3.47 20.79 -26.49
C LYS A 266 -4.29 20.92 -27.72
N ASP A 267 -5.05 22.02 -27.80
CA ASP A 267 -6.10 22.21 -28.79
C ASP A 267 -6.99 20.96 -28.90
N ASN A 268 -7.47 20.52 -27.75
CA ASN A 268 -8.34 19.40 -27.75
C ASN A 268 -9.39 19.60 -26.67
N ILE A 269 -10.50 18.92 -26.88
CA ILE A 269 -11.54 18.72 -25.91
C ILE A 269 -11.49 17.32 -25.24
N TYR A 270 -11.57 17.30 -23.90
CA TYR A 270 -11.70 16.05 -23.13
C TYR A 270 -12.91 16.00 -22.24
N ASN A 271 -13.65 14.90 -22.35
CA ASN A 271 -14.58 14.51 -21.29
C ASN A 271 -13.87 14.38 -19.94
N VAL A 272 -14.52 14.90 -18.89
CA VAL A 272 -14.05 14.78 -17.51
C VAL A 272 -15.15 14.12 -16.69
N ALA A 273 -14.94 12.84 -16.45
CA ALA A 273 -15.84 12.01 -15.70
C ALA A 273 -15.12 10.69 -15.35
N VAL A 274 -15.90 9.69 -14.98
CA VAL A 274 -15.38 8.42 -14.52
C VAL A 274 -15.86 7.26 -15.35
N GLY A 275 -16.98 7.41 -16.04
CA GLY A 275 -17.43 6.37 -16.99
C GLY A 275 -18.58 5.52 -16.48
N ASP A 276 -19.16 5.93 -15.36
CA ASP A 276 -20.26 5.22 -14.72
C ASP A 276 -21.61 5.87 -14.98
N ARG A 277 -22.68 5.10 -14.90
CA ARG A 277 -24.03 5.61 -15.10
C ARG A 277 -24.90 5.33 -13.86
N THR A 278 -25.43 6.40 -13.25
CA THR A 278 -26.32 6.33 -12.06
C THR A 278 -27.61 7.11 -12.38
N THR A 279 -28.77 6.46 -12.16
CA THR A 279 -30.08 7.10 -12.35
C THR A 279 -30.40 7.97 -11.12
N LEU A 280 -31.33 8.90 -11.27
CA LEU A 280 -31.76 9.68 -10.10
C LEU A 280 -32.24 8.79 -8.94
N ASN A 281 -32.94 7.70 -9.29
CA ASN A 281 -33.43 6.71 -8.31
C ASN A 281 -32.32 6.08 -7.42
N GLU A 282 -31.27 5.53 -8.04
CA GLU A 282 -30.23 4.86 -7.27
C GLU A 282 -29.44 5.88 -6.46
N LEU A 283 -29.25 7.08 -7.00
CA LEU A 283 -28.58 8.16 -6.22
C LEU A 283 -29.33 8.55 -4.92
N SER A 284 -30.67 8.54 -4.98
CA SER A 284 -31.50 8.88 -3.80
C SER A 284 -31.09 7.90 -2.71
N GLY A 285 -31.02 6.62 -3.10
CA GLY A 285 -30.51 5.56 -2.28
C GLY A 285 -29.16 5.85 -1.67
N TYR A 286 -28.13 6.03 -2.52
CA TYR A 286 -26.75 6.09 -2.03
C TYR A 286 -26.59 7.20 -1.04
N ILE A 287 -27.26 8.34 -1.28
CA ILE A 287 -27.11 9.52 -0.43
C ILE A 287 -27.71 9.31 0.95
N TYR A 288 -28.93 8.78 0.97
CA TYR A 288 -29.60 8.41 2.21
C TYR A 288 -28.68 7.49 3.03
N ASP A 289 -28.19 6.44 2.36
CA ASP A 289 -27.33 5.44 2.96
C ASP A 289 -26.09 6.05 3.62
N GLU A 290 -25.36 6.89 2.87
CA GLU A 290 -24.13 7.52 3.40
C GLU A 290 -24.32 8.46 4.60
N LEU A 291 -25.35 9.30 4.50
CA LEU A 291 -25.73 10.22 5.59
C LEU A 291 -26.24 9.46 6.83
N ASN A 292 -26.97 8.37 6.61
CA ASN A 292 -27.52 7.60 7.72
C ASN A 292 -26.44 6.88 8.54
N LEU A 293 -25.32 6.56 7.88
CA LEU A 293 -24.11 6.06 8.55
C LEU A 293 -23.43 7.13 9.41
N ILE A 294 -23.86 8.39 9.25
CA ILE A 294 -23.32 9.50 10.03
C ILE A 294 -24.37 10.02 11.01
N HIS A 295 -25.48 9.23 11.10
CA HIS A 295 -26.44 9.16 12.26
C HIS A 295 -27.48 10.29 12.33
N HIS A 296 -28.55 10.21 11.52
CA HIS A 296 -29.47 11.35 11.45
C HIS A 296 -30.93 10.95 11.23
N ILE A 302 -39.53 11.39 -0.64
CA ILE A 302 -39.57 10.87 -2.02
C ILE A 302 -40.83 11.33 -2.77
N LYS A 303 -40.67 12.06 -3.88
CA LYS A 303 -41.81 12.61 -4.61
C LYS A 303 -41.45 12.88 -6.08
N TYR A 304 -42.38 12.58 -6.98
CA TYR A 304 -42.13 12.77 -8.40
C TYR A 304 -42.87 13.96 -8.94
N ARG A 305 -42.16 14.79 -9.70
CA ARG A 305 -42.77 15.90 -10.43
C ARG A 305 -42.38 15.82 -11.89
N GLU A 306 -42.82 16.80 -12.69
CA GLU A 306 -42.57 16.71 -14.13
C GLU A 306 -41.13 17.01 -14.53
N PHE A 307 -40.74 16.47 -15.69
CA PHE A 307 -39.40 16.65 -16.25
C PHE A 307 -38.97 18.11 -16.25
N ARG A 308 -37.67 18.30 -16.12
CA ARG A 308 -37.07 19.63 -16.14
C ARG A 308 -36.80 19.99 -17.62
N SER A 309 -37.32 21.12 -18.11
CA SER A 309 -37.19 21.34 -19.55
C SER A 309 -35.77 21.86 -19.97
N GLY A 310 -35.36 21.54 -21.19
CA GLY A 310 -33.94 21.66 -21.59
C GLY A 310 -33.00 20.53 -21.08
N ASP A 311 -33.52 19.66 -20.20
CA ASP A 311 -32.70 18.72 -19.42
C ASP A 311 -32.26 17.52 -20.31
N VAL A 312 -30.97 17.17 -20.28
CA VAL A 312 -30.46 15.95 -20.99
C VAL A 312 -30.97 14.63 -20.31
N ARG A 313 -31.34 13.62 -21.10
CA ARG A 313 -31.99 12.41 -20.58
C ARG A 313 -31.01 11.55 -19.82
N HIS A 314 -30.05 10.96 -20.55
CA HIS A 314 -29.00 10.07 -20.02
C HIS A 314 -27.58 10.59 -20.30
N SER A 315 -26.67 10.34 -19.38
CA SER A 315 -25.32 10.78 -19.59
C SER A 315 -24.33 9.77 -18.99
N GLN A 316 -23.45 9.22 -19.82
CA GLN A 316 -22.26 8.48 -19.36
C GLN A 316 -21.06 8.83 -20.25
N ALA A 317 -19.98 9.31 -19.69
CA ALA A 317 -18.85 9.69 -20.51
C ALA A 317 -18.02 8.47 -20.88
N ASP A 318 -17.40 8.58 -22.06
CA ASP A 318 -16.24 7.76 -22.40
C ASP A 318 -14.97 8.59 -22.12
N VAL A 319 -14.12 8.17 -21.16
CA VAL A 319 -12.92 8.96 -20.81
C VAL A 319 -11.61 8.39 -21.38
N THR A 320 -11.72 7.53 -22.38
CA THR A 320 -10.55 6.87 -23.03
C THR A 320 -9.57 7.94 -23.54
N LYS A 321 -10.14 9.02 -24.09
CA LYS A 321 -9.30 10.00 -24.76
C LYS A 321 -8.37 10.66 -23.76
N ALA A 322 -8.92 10.99 -22.59
CA ALA A 322 -8.07 11.64 -21.52
C ALA A 322 -7.10 10.65 -20.90
N ILE A 323 -7.58 9.42 -20.74
CA ILE A 323 -6.74 8.30 -20.24
C ILE A 323 -5.53 8.21 -21.13
N ASP A 324 -5.80 8.18 -22.44
CA ASP A 324 -4.80 8.01 -23.49
C ASP A 324 -3.80 9.15 -23.60
N LEU A 325 -4.37 10.34 -23.87
CA LEU A 325 -3.53 11.48 -24.26
C LEU A 325 -2.89 12.18 -23.06
N LEU A 326 -3.52 12.09 -21.90
CA LEU A 326 -3.02 12.88 -20.79
C LEU A 326 -2.60 12.03 -19.67
N LYS A 327 -2.88 10.74 -19.74
CA LYS A 327 -2.59 9.83 -18.64
C LYS A 327 -3.47 10.05 -17.44
N TYR A 328 -4.68 10.48 -17.71
CA TYR A 328 -5.67 10.72 -16.66
C TYR A 328 -6.05 9.40 -16.01
N ARG A 329 -6.11 9.40 -14.67
CA ARG A 329 -6.51 8.18 -13.94
C ARG A 329 -7.64 8.56 -13.01
N PRO A 330 -8.89 8.28 -13.44
CA PRO A 330 -9.95 8.67 -12.56
C PRO A 330 -9.89 7.78 -11.29
N ASN A 331 -9.84 8.36 -10.09
CA ASN A 331 -9.67 7.49 -8.92
C ASN A 331 -10.88 7.31 -8.01
N ILE A 332 -11.83 8.23 -8.02
CA ILE A 332 -12.87 8.22 -6.98
C ILE A 332 -14.20 8.14 -7.67
N LYS A 333 -14.96 7.13 -7.28
CA LYS A 333 -16.22 6.82 -7.93
C LYS A 333 -17.33 7.35 -7.08
N ILE A 334 -18.55 7.30 -7.61
CA ILE A 334 -19.66 8.00 -6.96
C ILE A 334 -19.85 7.66 -5.46
N ARG A 335 -19.70 6.38 -5.11
CA ARG A 335 -19.98 5.94 -3.72
C ARG A 335 -18.96 6.47 -2.72
N GLU A 336 -17.68 6.33 -3.04
CA GLU A 336 -16.63 6.93 -2.18
C GLU A 336 -16.68 8.47 -2.13
N GLY A 337 -17.16 9.09 -3.22
CA GLY A 337 -17.14 10.53 -3.30
C GLY A 337 -18.18 11.05 -2.36
N LEU A 338 -19.32 10.37 -2.35
CA LEU A 338 -20.39 10.76 -1.45
C LEU A 338 -19.89 10.59 -0.03
N ARG A 339 -19.18 9.49 0.22
CA ARG A 339 -18.68 9.21 1.58
C ARG A 339 -17.68 10.27 1.98
N LEU A 340 -16.87 10.72 1.00
CA LEU A 340 -15.94 11.82 1.26
C LEU A 340 -16.69 13.14 1.46
N SER A 341 -17.86 13.30 0.86
CA SER A 341 -18.58 14.63 0.89
C SER A 341 -19.52 14.81 2.07
N MET A 342 -20.17 13.75 2.52
CA MET A 342 -21.24 13.93 3.52
C MET A 342 -20.76 14.61 4.82
N PRO A 343 -19.58 14.21 5.36
CA PRO A 343 -19.05 14.94 6.51
C PRO A 343 -18.98 16.44 6.26
N TRP A 344 -18.65 16.86 5.03
CA TRP A 344 -18.52 18.28 4.79
C TRP A 344 -19.91 18.95 4.93
N TYR A 345 -20.91 18.32 4.30
CA TYR A 345 -22.29 18.83 4.27
C TYR A 345 -22.87 18.99 5.69
N VAL A 346 -22.60 17.97 6.52
CA VAL A 346 -22.97 18.03 7.95
C VAL A 346 -22.44 19.28 8.64
N ARG A 347 -21.11 19.49 8.65
CA ARG A 347 -20.51 20.65 9.32
C ARG A 347 -21.08 21.96 8.75
N PHE A 348 -21.13 22.03 7.43
CA PHE A 348 -21.51 23.26 6.77
C PHE A 348 -22.97 23.61 7.06
N LEU A 349 -23.81 22.59 7.10
CA LEU A 349 -25.23 22.79 7.37
C LEU A 349 -25.64 22.60 8.84
N LYS A 350 -24.69 22.38 9.75
CA LYS A 350 -25.03 22.24 11.20
C LYS A 350 -25.32 23.60 11.88
N TYR B 10 35.93 -3.58 -29.58
CA TYR B 10 35.12 -4.82 -29.48
C TYR B 10 34.70 -5.07 -28.04
N MET B 11 33.47 -5.45 -27.86
CA MET B 11 32.98 -5.78 -26.52
C MET B 11 32.80 -7.28 -26.40
N SER B 12 33.92 -7.93 -26.21
CA SER B 12 34.04 -9.38 -26.50
C SER B 12 33.26 -10.28 -25.56
N ARG B 13 33.29 -9.99 -24.26
CA ARG B 13 32.47 -10.80 -23.35
C ARG B 13 30.97 -10.56 -23.67
N TYR B 14 30.66 -9.30 -23.88
CA TYR B 14 29.27 -8.92 -24.11
C TYR B 14 28.76 -9.61 -25.36
N GLU B 15 29.58 -9.68 -26.42
CA GLU B 15 29.20 -10.39 -27.64
C GLU B 15 28.83 -11.86 -27.43
N GLU B 16 29.68 -12.55 -26.66
CA GLU B 16 29.53 -13.98 -26.31
C GLU B 16 28.23 -14.23 -25.56
N ILE B 17 28.03 -13.44 -24.51
CA ILE B 17 26.79 -13.55 -23.72
C ILE B 17 25.56 -13.24 -24.57
N THR B 18 25.59 -12.22 -25.42
CA THR B 18 24.44 -12.01 -26.33
C THR B 18 24.20 -13.21 -27.28
N GLN B 19 25.28 -13.84 -27.75
CA GLN B 19 25.15 -15.10 -28.50
C GLN B 19 24.50 -16.20 -27.75
N GLN B 20 24.83 -16.33 -26.48
CA GLN B 20 24.13 -17.37 -25.70
C GLN B 20 22.64 -17.08 -25.65
N LEU B 21 22.30 -15.79 -25.46
CA LEU B 21 20.84 -15.40 -25.28
C LEU B 21 20.06 -15.64 -26.55
N ILE B 22 20.66 -15.34 -27.69
CA ILE B 22 19.96 -15.62 -28.98
C ILE B 22 19.62 -17.10 -29.17
N PHE B 23 20.55 -17.99 -28.85
CA PHE B 23 20.36 -19.45 -28.98
C PHE B 23 19.39 -20.03 -27.98
N SER B 24 19.46 -19.53 -26.76
CA SER B 24 18.68 -20.08 -25.69
C SER B 24 17.93 -18.88 -25.03
N PRO B 25 16.87 -18.37 -25.73
CA PRO B 25 16.24 -17.06 -25.33
C PRO B 25 15.54 -17.24 -24.00
N LYS B 26 15.52 -16.18 -23.18
CA LYS B 26 14.90 -16.22 -21.87
C LYS B 26 13.76 -15.19 -21.77
N THR B 27 13.09 -15.21 -20.63
CA THR B 27 12.09 -14.25 -20.26
C THR B 27 12.66 -13.22 -19.29
N TRP B 28 12.51 -11.97 -19.67
CA TRP B 28 13.09 -10.85 -18.94
C TRP B 28 11.93 -9.97 -18.39
N LEU B 29 12.09 -9.38 -17.18
CA LEU B 29 11.16 -8.36 -16.76
C LEU B 29 11.92 -7.10 -16.78
N ILE B 30 11.39 -6.08 -17.44
CA ILE B 30 12.01 -4.80 -17.27
C ILE B 30 10.97 -3.89 -16.61
N THR B 31 11.32 -3.32 -15.46
CA THR B 31 10.46 -2.29 -14.83
C THR B 31 10.99 -0.93 -15.25
N GLY B 32 10.13 0.06 -15.46
CA GLY B 32 10.59 1.35 -15.96
C GLY B 32 10.80 1.28 -17.46
N VAL B 33 10.19 0.31 -18.07
CA VAL B 33 10.36 -0.01 -19.52
C VAL B 33 9.96 1.13 -20.50
N ALA B 34 8.98 1.96 -20.11
CA ALA B 34 8.63 3.09 -20.94
C ALA B 34 9.56 4.28 -20.70
N GLY B 35 10.61 4.11 -19.87
CA GLY B 35 11.48 5.22 -19.53
C GLY B 35 12.71 5.24 -20.43
N PHE B 36 13.67 6.08 -20.09
CA PHE B 36 14.90 6.28 -20.91
C PHE B 36 15.75 4.99 -20.93
N ILE B 37 16.21 4.56 -19.75
CA ILE B 37 17.10 3.37 -19.75
C ILE B 37 16.27 2.17 -20.07
N GLY B 38 15.09 2.08 -19.46
CA GLY B 38 14.24 0.95 -19.66
C GLY B 38 13.90 0.67 -21.12
N SER B 39 13.55 1.72 -21.88
CA SER B 39 13.18 1.54 -23.27
C SER B 39 14.39 1.20 -24.14
N ASN B 40 15.54 1.68 -23.74
CA ASN B 40 16.79 1.23 -24.36
C ASN B 40 17.18 -0.22 -24.10
N LEU B 41 17.01 -0.67 -22.86
CA LEU B 41 17.03 -2.10 -22.59
C LEU B 41 16.03 -2.90 -23.40
N LEU B 42 14.80 -2.39 -23.56
CA LEU B 42 13.78 -3.13 -24.29
C LEU B 42 14.22 -3.31 -25.75
N GLU B 43 14.63 -2.21 -26.35
CA GLU B 43 15.09 -2.28 -27.72
C GLU B 43 16.15 -3.41 -27.93
N LYS B 44 17.17 -3.41 -27.08
CA LYS B 44 18.24 -4.39 -27.21
C LYS B 44 17.75 -5.84 -26.97
N LEU B 45 17.04 -6.12 -25.86
CA LEU B 45 16.56 -7.48 -25.64
C LEU B 45 15.65 -7.97 -26.76
N LEU B 46 14.82 -7.09 -27.32
CA LEU B 46 13.94 -7.58 -28.41
C LEU B 46 14.73 -7.91 -29.69
N LYS B 47 15.72 -7.09 -30.00
CA LYS B 47 16.60 -7.40 -31.11
C LYS B 47 17.39 -8.71 -30.93
N LEU B 48 17.66 -9.14 -29.71
CA LEU B 48 18.14 -10.53 -29.41
C LEU B 48 17.06 -11.58 -29.33
N ASN B 49 15.82 -11.27 -29.75
CA ASN B 49 14.72 -12.24 -29.72
C ASN B 49 14.33 -12.70 -28.35
N GLN B 50 14.61 -11.89 -27.30
CA GLN B 50 14.15 -12.31 -25.95
C GLN B 50 12.65 -12.11 -25.81
N VAL B 51 12.03 -12.81 -24.85
CA VAL B 51 10.61 -12.61 -24.47
C VAL B 51 10.72 -11.58 -23.37
N VAL B 52 10.03 -10.43 -23.53
CA VAL B 52 10.11 -9.37 -22.53
C VAL B 52 8.74 -9.04 -21.96
N ILE B 53 8.66 -9.03 -20.61
CA ILE B 53 7.52 -8.47 -19.91
C ILE B 53 7.96 -7.11 -19.41
N GLY B 54 7.16 -6.08 -19.71
CA GLY B 54 7.44 -4.73 -19.28
C GLY B 54 6.40 -4.22 -18.28
N LEU B 55 6.87 -3.46 -17.28
CA LEU B 55 5.98 -2.82 -16.33
C LEU B 55 6.30 -1.30 -16.21
N ASP B 56 5.28 -0.43 -16.30
CA ASP B 56 5.53 0.99 -16.17
C ASP B 56 4.21 1.67 -15.85
N ASN B 57 4.29 2.73 -15.08
CA ASN B 57 3.08 3.50 -14.70
C ASN B 57 2.92 4.85 -15.49
N PHE B 58 3.77 5.06 -16.49
CA PHE B 58 3.79 6.29 -17.28
C PHE B 58 3.80 7.50 -16.36
N SER B 59 4.49 7.40 -15.21
CA SER B 59 4.77 8.58 -14.44
C SER B 59 5.74 9.60 -15.10
N THR B 60 7.02 9.27 -15.15
CA THR B 60 8.00 10.01 -15.95
C THR B 60 8.21 9.34 -17.31
N GLY B 61 7.72 8.13 -17.50
CA GLY B 61 7.92 7.50 -18.79
C GLY B 61 6.75 7.79 -19.74
N HIS B 62 6.87 7.32 -20.97
CA HIS B 62 5.94 7.70 -22.05
C HIS B 62 5.62 6.56 -22.97
N GLN B 63 4.35 6.47 -23.30
CA GLN B 63 3.84 5.59 -24.39
C GLN B 63 4.66 5.74 -25.65
N TYR B 64 5.02 6.98 -25.97
CA TYR B 64 5.74 7.22 -27.21
C TYR B 64 7.17 6.58 -27.20
N ASN B 65 7.73 6.25 -26.03
CA ASN B 65 9.03 5.54 -26.05
C ASN B 65 8.75 4.11 -26.47
N LEU B 66 7.67 3.52 -25.98
CA LEU B 66 7.27 2.24 -26.42
C LEU B 66 6.98 2.19 -27.95
N ASP B 67 6.27 3.19 -28.45
CA ASP B 67 5.93 3.27 -29.89
C ASP B 67 7.22 3.30 -30.72
N GLU B 68 8.17 4.16 -30.35
CA GLU B 68 9.42 4.22 -31.06
C GLU B 68 10.12 2.87 -31.17
N VAL B 69 10.15 2.11 -30.07
CA VAL B 69 10.86 0.81 -30.07
C VAL B 69 10.13 -0.15 -30.99
N LYS B 70 8.80 -0.09 -31.01
CA LYS B 70 8.05 -0.91 -31.95
C LYS B 70 8.57 -0.75 -33.40
N THR B 71 9.04 0.45 -33.72
CA THR B 71 9.36 0.78 -35.11
C THR B 71 10.81 0.38 -35.42
N LEU B 72 11.59 0.10 -34.38
CA LEU B 72 12.98 -0.27 -34.55
C LEU B 72 13.27 -1.78 -34.48
N VAL B 73 12.24 -2.60 -34.32
CA VAL B 73 12.45 -4.07 -34.16
C VAL B 73 11.51 -4.77 -35.12
N SER B 74 11.73 -6.04 -35.46
CA SER B 74 10.78 -6.68 -36.37
C SER B 74 9.44 -6.98 -35.73
N THR B 75 8.46 -7.38 -36.54
CA THR B 75 7.11 -7.76 -36.03
C THR B 75 7.15 -8.97 -35.08
N GLU B 76 7.92 -10.00 -35.46
CA GLU B 76 8.07 -11.19 -34.63
C GLU B 76 8.71 -10.79 -33.33
N GLN B 77 9.72 -9.95 -33.43
CA GLN B 77 10.40 -9.49 -32.23
C GLN B 77 9.40 -8.71 -31.30
N TRP B 78 8.66 -7.76 -31.88
CA TRP B 78 7.63 -7.01 -31.11
C TRP B 78 6.58 -7.93 -30.52
N SER B 79 6.28 -9.03 -31.22
CA SER B 79 5.26 -9.96 -30.78
C SER B 79 5.67 -10.62 -29.47
N ARG B 80 6.95 -10.51 -29.08
CA ARG B 80 7.43 -11.22 -27.87
C ARG B 80 7.42 -10.28 -26.61
N PHE B 81 6.95 -9.07 -26.82
CA PHE B 81 6.79 -8.05 -25.75
C PHE B 81 5.38 -7.97 -25.25
N CYS B 82 5.23 -8.27 -23.96
CA CYS B 82 3.98 -8.09 -23.25
C CYS B 82 4.17 -6.87 -22.31
N PHE B 83 3.40 -5.82 -22.58
CA PHE B 83 3.44 -4.62 -21.76
C PHE B 83 2.34 -4.63 -20.72
N ILE B 84 2.72 -4.41 -19.47
CA ILE B 84 1.75 -4.26 -18.40
C ILE B 84 1.83 -2.84 -17.84
N GLU B 85 0.76 -2.10 -17.97
CA GLU B 85 0.65 -0.83 -17.30
C GLU B 85 0.38 -1.02 -15.80
N GLY B 86 1.25 -0.54 -14.92
CA GLY B 86 1.09 -1.02 -13.54
C GLY B 86 2.09 -0.31 -12.66
N ASP B 87 2.02 -0.54 -11.36
CA ASP B 87 2.76 0.31 -10.43
C ASP B 87 3.48 -0.62 -9.48
N ILE B 88 4.79 -0.42 -9.38
CA ILE B 88 5.59 -1.23 -8.55
C ILE B 88 5.25 -1.08 -7.06
N ARG B 89 4.62 0.04 -6.65
CA ARG B 89 4.12 0.16 -5.28
C ARG B 89 3.11 -0.89 -4.84
N ASP B 90 2.48 -1.52 -5.82
CA ASP B 90 1.47 -2.55 -5.60
C ASP B 90 2.08 -3.98 -5.64
N LEU B 91 2.14 -4.65 -4.48
CA LEU B 91 2.89 -5.89 -4.42
C LEU B 91 2.22 -6.93 -5.33
N THR B 92 0.88 -6.92 -5.35
CA THR B 92 0.13 -7.82 -6.21
C THR B 92 0.53 -7.75 -7.72
N THR B 93 0.67 -6.53 -8.23
CA THR B 93 1.11 -6.31 -9.59
C THR B 93 2.53 -6.92 -9.80
N CYS B 94 3.42 -6.62 -8.86
CA CYS B 94 4.83 -7.12 -8.90
C CYS B 94 4.89 -8.65 -8.98
N GLU B 95 4.11 -9.35 -8.14
CA GLU B 95 4.00 -10.79 -8.21
C GLU B 95 3.44 -11.32 -9.53
N GLN B 96 2.44 -10.63 -10.05
CA GLN B 96 1.82 -11.03 -11.27
C GLN B 96 2.78 -10.98 -12.45
N VAL B 97 3.53 -9.87 -12.54
CA VAL B 97 4.44 -9.68 -13.71
C VAL B 97 5.70 -10.58 -13.60
N MET B 98 5.90 -11.13 -12.41
CA MET B 98 7.08 -11.94 -12.08
C MET B 98 6.96 -13.38 -12.59
N LYS B 99 5.78 -13.76 -13.05
CA LYS B 99 5.49 -15.16 -13.26
C LYS B 99 6.23 -15.63 -14.50
N GLY B 100 6.98 -16.73 -14.36
CA GLY B 100 7.76 -17.27 -15.44
C GLY B 100 9.01 -16.45 -15.84
N VAL B 101 9.40 -15.49 -15.03
CA VAL B 101 10.50 -14.61 -15.41
C VAL B 101 11.83 -15.28 -15.04
N ASP B 102 12.81 -15.13 -15.94
CA ASP B 102 14.22 -15.61 -15.71
C ASP B 102 15.10 -14.51 -15.18
N HIS B 103 15.11 -13.38 -15.86
CA HIS B 103 16.03 -12.29 -15.50
C HIS B 103 15.27 -11.01 -15.21
N VAL B 104 15.58 -10.35 -14.09
CA VAL B 104 14.94 -9.07 -13.72
C VAL B 104 15.87 -7.91 -13.96
N LEU B 105 15.44 -6.91 -14.75
CA LEU B 105 16.12 -5.66 -14.82
C LEU B 105 15.21 -4.57 -14.22
N HIS B 106 15.56 -4.09 -13.03
CA HIS B 106 14.68 -3.14 -12.31
C HIS B 106 15.21 -1.72 -12.44
N GLN B 107 14.51 -0.92 -13.25
CA GLN B 107 14.85 0.47 -13.55
C GLN B 107 13.73 1.40 -13.09
N ALA B 108 12.58 0.88 -12.73
CA ALA B 108 11.49 1.79 -12.29
C ALA B 108 11.87 2.51 -11.00
N ALA B 109 11.85 3.84 -11.07
CA ALA B 109 12.00 4.74 -9.92
C ALA B 109 11.64 6.16 -10.34
N LEU B 110 11.41 7.03 -9.35
CA LEU B 110 11.34 8.46 -9.62
C LEU B 110 12.75 8.98 -9.29
N GLY B 111 13.55 9.27 -10.33
CA GLY B 111 14.83 9.86 -10.13
C GLY B 111 14.87 11.32 -9.76
N SER B 112 16.07 11.89 -9.88
CA SER B 112 16.37 13.31 -9.67
C SER B 112 16.58 13.69 -8.21
N VAL B 113 17.74 14.33 -7.96
CA VAL B 113 18.10 14.82 -6.64
C VAL B 113 17.13 15.96 -6.20
N PRO B 114 16.95 17.03 -7.03
CA PRO B 114 15.95 18.05 -6.56
C PRO B 114 14.52 17.47 -6.32
N ARG B 115 14.08 16.48 -7.11
CA ARG B 115 12.74 15.96 -6.93
C ARG B 115 12.65 15.37 -5.51
N SER B 116 13.69 14.62 -5.09
CA SER B 116 13.65 13.92 -3.77
C SER B 116 13.60 14.95 -2.62
N ILE B 117 14.24 16.09 -2.79
CA ILE B 117 14.28 17.10 -1.70
C ILE B 117 12.91 17.75 -1.50
N VAL B 118 12.22 17.92 -2.62
CA VAL B 118 10.92 18.55 -2.66
C VAL B 118 9.74 17.57 -2.33
N ASP B 119 9.90 16.28 -2.67
CA ASP B 119 8.90 15.27 -2.31
C ASP B 119 9.60 13.95 -1.96
N PRO B 120 10.22 13.91 -0.78
CA PRO B 120 10.85 12.66 -0.26
C PRO B 120 9.82 11.62 0.03
N ILE B 121 8.55 12.00 0.19
CA ILE B 121 7.55 10.99 0.53
C ILE B 121 7.18 10.07 -0.62
N THR B 122 6.70 10.61 -1.75
CA THR B 122 6.29 9.79 -2.89
C THR B 122 7.48 8.95 -3.47
N THR B 123 8.64 9.62 -3.56
CA THR B 123 9.95 9.12 -3.94
C THR B 123 10.45 7.95 -3.04
N ASN B 124 10.28 8.10 -1.72
CA ASN B 124 10.42 7.01 -0.78
C ASN B 124 9.54 5.86 -1.14
N ALA B 125 8.26 6.10 -1.43
CA ALA B 125 7.33 5.01 -1.77
C ALA B 125 7.68 4.32 -3.07
N THR B 126 8.08 5.11 -4.08
CA THR B 126 8.45 4.54 -5.34
C THR B 126 9.82 3.82 -5.23
N ASN B 127 10.76 4.50 -4.62
CA ASN B 127 12.18 4.06 -4.73
C ASN B 127 12.57 3.04 -3.66
N ILE B 128 11.88 3.08 -2.52
CA ILE B 128 12.11 2.05 -1.44
C ILE B 128 11.07 0.93 -1.42
N THR B 129 9.76 1.27 -1.24
CA THR B 129 8.69 0.31 -1.13
C THR B 129 8.59 -0.37 -2.43
N GLY B 130 8.63 0.37 -3.53
CA GLY B 130 8.49 -0.33 -4.79
C GLY B 130 9.73 -1.20 -5.11
N PHE B 131 10.91 -0.72 -4.75
CA PHE B 131 12.09 -1.61 -4.94
C PHE B 131 11.96 -2.90 -4.17
N LEU B 132 11.59 -2.78 -2.90
CA LEU B 132 11.42 -4.00 -2.06
C LEU B 132 10.33 -4.97 -2.57
N ASN B 133 9.23 -4.39 -3.04
CA ASN B 133 8.18 -5.19 -3.62
C ASN B 133 8.73 -6.02 -4.75
N ILE B 134 9.53 -5.40 -5.61
CA ILE B 134 9.99 -6.11 -6.81
C ILE B 134 11.07 -7.15 -6.38
N LEU B 135 11.90 -6.75 -5.43
CA LEU B 135 12.97 -7.66 -4.92
C LEU B 135 12.33 -8.93 -4.27
N HIS B 136 11.33 -8.73 -3.44
CA HIS B 136 10.61 -9.83 -2.77
C HIS B 136 9.88 -10.70 -3.74
N ALA B 137 9.20 -10.07 -4.67
CA ALA B 137 8.47 -10.85 -5.66
C ALA B 137 9.44 -11.74 -6.48
N ALA B 138 10.58 -11.14 -6.84
CA ALA B 138 11.60 -11.90 -7.65
C ALA B 138 12.18 -13.08 -6.84
N LYS B 139 12.54 -12.85 -5.58
CA LYS B 139 13.02 -13.92 -4.72
C LYS B 139 11.94 -15.00 -4.73
N ASN B 140 10.66 -14.66 -4.50
CA ASN B 140 9.63 -15.73 -4.33
C ASN B 140 9.37 -16.47 -5.62
N ALA B 141 9.52 -15.75 -6.73
CA ALA B 141 9.41 -16.38 -8.05
C ALA B 141 10.63 -17.22 -8.39
N GLN B 142 11.66 -17.13 -7.57
CA GLN B 142 12.94 -17.84 -7.87
C GLN B 142 13.53 -17.52 -9.26
N VAL B 143 13.71 -16.24 -9.55
CA VAL B 143 14.24 -15.82 -10.83
C VAL B 143 15.73 -16.23 -10.87
N GLN B 144 16.30 -16.30 -12.05
CA GLN B 144 17.70 -16.70 -12.22
C GLN B 144 18.63 -15.53 -11.93
N SER B 145 18.18 -14.26 -12.16
CA SER B 145 18.98 -13.11 -11.80
C SER B 145 18.15 -11.84 -11.53
N PHE B 146 18.83 -10.87 -10.90
CA PHE B 146 18.19 -9.66 -10.40
C PHE B 146 19.24 -8.58 -10.39
N THR B 147 19.02 -7.56 -11.24
CA THR B 147 19.96 -6.47 -11.49
C THR B 147 19.16 -5.18 -11.39
N TYR B 148 19.64 -4.24 -10.60
CA TYR B 148 18.84 -3.04 -10.31
C TYR B 148 19.64 -1.80 -10.49
N ALA B 149 18.93 -0.74 -10.86
CA ALA B 149 19.52 0.59 -10.95
C ALA B 149 19.78 1.23 -9.62
N ALA B 150 21.08 1.50 -9.37
CA ALA B 150 21.53 2.31 -8.27
C ALA B 150 22.18 3.61 -8.76
N SER B 151 22.88 4.34 -7.90
CA SER B 151 23.24 5.71 -8.20
C SER B 151 24.59 6.13 -7.70
N SER B 152 25.39 6.82 -8.54
CA SER B 152 26.61 7.49 -7.99
C SER B 152 26.33 8.57 -6.97
N SER B 153 25.07 9.03 -6.86
CA SER B 153 24.79 10.07 -5.88
C SER B 153 25.07 9.46 -4.50
N THR B 154 25.11 8.13 -4.40
CA THR B 154 25.36 7.45 -3.12
C THR B 154 26.80 7.60 -2.54
N TYR B 155 27.76 7.99 -3.39
CA TYR B 155 29.11 8.44 -2.91
C TYR B 155 28.94 9.69 -2.00
N GLY B 156 27.98 10.55 -2.36
CA GLY B 156 27.60 11.67 -1.49
C GLY B 156 28.71 12.69 -1.36
N ASP B 157 29.17 12.96 -0.14
CA ASP B 157 30.25 13.94 0.07
C ASP B 157 31.62 13.30 0.24
N HIS B 158 31.77 12.05 -0.20
CA HIS B 158 33.12 11.41 -0.14
C HIS B 158 34.11 12.18 -1.06
N PRO B 159 35.25 12.64 -0.52
CA PRO B 159 36.08 13.53 -1.33
C PRO B 159 36.96 12.85 -2.43
N ALA B 160 37.25 11.57 -2.29
CA ALA B 160 38.21 10.86 -3.18
C ALA B 160 37.76 10.77 -4.63
N LEU B 161 38.72 11.02 -5.53
CA LEU B 161 38.56 10.78 -6.94
C LEU B 161 39.68 9.83 -7.38
N PRO B 162 39.37 8.84 -8.24
CA PRO B 162 38.02 8.56 -8.75
C PRO B 162 37.22 7.74 -7.69
N LYS B 163 35.95 7.49 -7.90
CA LYS B 163 35.14 6.81 -6.86
C LYS B 163 35.24 5.29 -6.95
N VAL B 164 35.55 4.66 -5.84
CA VAL B 164 35.61 3.20 -5.79
C VAL B 164 34.46 2.70 -4.96
N GLU B 165 33.91 1.58 -5.38
CA GLU B 165 32.62 1.12 -4.84
C GLU B 165 32.60 0.99 -3.33
N GLU B 166 33.73 0.61 -2.72
CA GLU B 166 33.75 0.31 -1.30
C GLU B 166 33.73 1.52 -0.41
N ASN B 167 34.04 2.71 -0.95
CA ASN B 167 34.20 3.91 -0.09
C ASN B 167 33.14 4.92 -0.45
N ILE B 168 32.08 4.97 0.36
CA ILE B 168 31.07 6.02 0.21
C ILE B 168 31.04 7.03 1.38
N GLY B 169 30.40 8.17 1.15
CA GLY B 169 30.37 9.24 2.15
C GLY B 169 28.97 9.39 2.72
N ASN B 170 28.69 10.62 3.13
CA ASN B 170 27.35 10.95 3.66
C ASN B 170 26.38 11.28 2.54
N PRO B 171 25.23 10.60 2.52
CA PRO B 171 24.25 10.97 1.47
C PRO B 171 23.87 12.47 1.54
N LEU B 172 23.86 13.17 0.41
CA LEU B 172 23.53 14.60 0.40
C LEU B 172 22.04 14.93 0.05
N SER B 173 21.22 13.89 -0.11
CA SER B 173 19.86 14.06 -0.63
C SER B 173 18.99 12.84 -0.29
N PRO B 174 17.65 13.02 -0.19
CA PRO B 174 16.82 11.81 -0.08
C PRO B 174 16.98 10.82 -1.26
N TYR B 175 17.31 11.30 -2.45
CA TYR B 175 17.54 10.42 -3.56
C TYR B 175 18.70 9.46 -3.23
N ALA B 176 19.76 9.99 -2.66
CA ALA B 176 20.98 9.18 -2.41
C ALA B 176 20.62 8.14 -1.34
N VAL B 177 19.74 8.52 -0.43
CA VAL B 177 19.31 7.61 0.61
C VAL B 177 18.48 6.46 0.01
N THR B 178 17.49 6.75 -0.83
CA THR B 178 16.67 5.65 -1.35
C THR B 178 17.56 4.69 -2.12
N LYS B 179 18.47 5.21 -2.93
CA LYS B 179 19.28 4.29 -3.75
C LYS B 179 20.24 3.44 -2.88
N TYR B 180 20.91 4.08 -1.94
CA TYR B 180 21.68 3.35 -0.91
C TYR B 180 20.83 2.23 -0.21
N VAL B 181 19.54 2.51 0.07
CA VAL B 181 18.73 1.54 0.74
C VAL B 181 18.39 0.34 -0.11
N ASN B 182 18.27 0.57 -1.42
CA ASN B 182 18.15 -0.54 -2.33
C ASN B 182 19.38 -1.49 -2.18
N GLU B 183 20.57 -0.90 -2.09
CA GLU B 183 21.82 -1.67 -2.00
C GLU B 183 21.81 -2.47 -0.71
N ILE B 184 21.40 -1.85 0.39
CA ILE B 184 21.50 -2.59 1.65
C ILE B 184 20.42 -3.70 1.67
N TYR B 185 19.23 -3.41 1.19
CA TYR B 185 18.24 -4.49 1.15
C TYR B 185 18.73 -5.66 0.30
N ALA B 186 19.34 -5.33 -0.88
CA ALA B 186 19.85 -6.39 -1.75
C ALA B 186 20.96 -7.19 -1.00
N GLN B 187 21.83 -6.53 -0.24
CA GLN B 187 22.91 -7.29 0.47
C GLN B 187 22.28 -8.19 1.53
N VAL B 188 21.26 -7.68 2.23
CA VAL B 188 20.55 -8.48 3.23
C VAL B 188 19.74 -9.61 2.60
N TYR B 189 19.22 -9.41 1.39
CA TYR B 189 18.57 -10.53 0.73
C TYR B 189 19.55 -11.69 0.45
N ALA B 190 20.78 -11.32 0.05
CA ALA B 190 21.85 -12.35 -0.15
C ALA B 190 22.20 -13.06 1.15
N ARG B 191 22.38 -12.32 2.24
CA ARG B 191 22.68 -12.95 3.54
C ARG B 191 21.54 -13.80 4.08
N THR B 192 20.30 -13.31 4.00
CA THR B 192 19.28 -13.96 4.75
C THR B 192 18.59 -15.03 3.93
N TYR B 193 18.51 -14.83 2.59
CA TYR B 193 17.80 -15.77 1.74
C TYR B 193 18.69 -16.51 0.71
N GLY B 194 19.94 -16.11 0.60
CA GLY B 194 20.74 -16.72 -0.49
C GLY B 194 20.45 -16.08 -1.84
N PHE B 195 19.78 -14.92 -1.85
CA PHE B 195 19.29 -14.40 -3.14
C PHE B 195 20.28 -13.34 -3.61
N LYS B 196 21.09 -13.66 -4.62
CA LYS B 196 22.23 -12.85 -5.03
C LYS B 196 21.91 -11.93 -6.20
N THR B 197 22.03 -10.64 -5.95
CA THR B 197 21.69 -9.55 -6.91
C THR B 197 22.92 -8.73 -7.36
N ILE B 198 22.78 -7.93 -8.41
CA ILE B 198 23.78 -6.93 -8.71
C ILE B 198 23.16 -5.53 -8.76
N GLY B 199 23.73 -4.62 -8.01
CA GLY B 199 23.40 -3.21 -8.11
C GLY B 199 24.39 -2.45 -8.97
N LEU B 200 23.85 -1.65 -9.89
CA LEU B 200 24.68 -0.86 -10.84
C LEU B 200 24.65 0.64 -10.48
N ARG B 201 25.75 1.18 -9.90
CA ARG B 201 25.75 2.60 -9.61
C ARG B 201 25.96 3.41 -10.96
N TYR B 202 24.87 3.91 -11.55
CA TYR B 202 24.95 4.60 -12.85
C TYR B 202 25.51 5.98 -12.56
N PHE B 203 26.33 6.52 -13.46
CA PHE B 203 26.90 7.86 -13.32
C PHE B 203 26.29 8.67 -14.49
N ASN B 204 25.37 9.58 -14.27
CA ASN B 204 24.99 10.49 -15.42
C ASN B 204 24.89 9.89 -16.83
N VAL B 205 23.82 9.16 -17.05
CA VAL B 205 23.66 8.46 -18.29
C VAL B 205 23.00 9.38 -19.32
N PHE B 206 23.28 9.15 -20.60
CA PHE B 206 22.66 10.01 -21.60
C PHE B 206 22.54 9.30 -22.91
N GLY B 207 21.78 9.89 -23.82
CA GLY B 207 21.58 9.24 -25.12
C GLY B 207 20.13 9.32 -25.46
N ARG B 208 19.72 8.51 -26.46
CA ARG B 208 18.40 8.58 -27.06
C ARG B 208 17.26 8.23 -26.12
N ARG B 209 16.16 8.99 -26.20
CA ARG B 209 14.97 8.75 -25.37
C ARG B 209 15.13 9.20 -23.90
N GLN B 210 16.22 9.92 -23.61
CA GLN B 210 16.28 10.72 -22.41
C GLN B 210 15.46 12.04 -22.54
N ASP B 211 14.56 12.25 -21.59
CA ASP B 211 13.50 13.27 -21.69
C ASP B 211 14.14 14.66 -21.60
N PRO B 212 13.94 15.52 -22.63
CA PRO B 212 14.48 16.91 -22.57
C PRO B 212 13.56 17.90 -21.83
N ASN B 213 12.32 17.47 -21.63
CA ASN B 213 11.20 18.34 -21.23
C ASN B 213 10.97 18.24 -19.72
N GLY B 214 10.42 19.30 -19.12
CA GLY B 214 10.08 19.21 -17.67
C GLY B 214 11.07 19.79 -16.70
N ALA B 215 10.63 19.96 -15.46
CA ALA B 215 11.42 20.69 -14.48
C ALA B 215 12.60 19.83 -13.99
N TYR B 216 12.58 18.53 -14.30
CA TYR B 216 13.69 17.65 -13.80
C TYR B 216 14.63 17.12 -14.88
N ALA B 217 14.60 17.73 -16.08
CA ALA B 217 15.40 17.21 -17.21
C ALA B 217 16.89 17.17 -16.89
N ALA B 218 17.57 16.08 -17.31
CA ALA B 218 18.98 16.03 -17.07
C ALA B 218 19.71 17.06 -17.96
N VAL B 219 20.95 17.41 -17.59
CA VAL B 219 21.70 18.53 -18.21
C VAL B 219 21.88 18.44 -19.72
N ILE B 220 22.16 17.23 -20.19
CA ILE B 220 22.40 17.03 -21.62
C ILE B 220 21.19 17.20 -22.53
N PRO B 221 20.07 16.46 -22.27
CA PRO B 221 18.94 16.72 -23.14
C PRO B 221 18.46 18.17 -22.93
N LYS B 222 18.53 18.65 -21.70
CA LYS B 222 18.00 20.01 -21.39
C LYS B 222 18.72 21.09 -22.21
N TRP B 223 20.06 20.98 -22.30
CA TRP B 223 20.91 21.95 -22.98
C TRP B 223 20.82 21.83 -24.46
N THR B 224 20.82 20.59 -24.94
CA THR B 224 20.52 20.33 -26.34
C THR B 224 19.18 20.98 -26.78
N ALA B 225 18.14 20.81 -25.97
CA ALA B 225 16.83 21.39 -26.22
C ALA B 225 16.92 22.90 -26.32
N ALA B 226 17.56 23.52 -25.34
CA ALA B 226 17.69 24.96 -25.32
C ALA B 226 18.52 25.49 -26.52
N MET B 227 19.70 24.91 -26.77
CA MET B 227 20.54 25.37 -27.88
C MET B 227 19.76 25.34 -29.19
N LEU B 228 19.03 24.26 -29.40
CA LEU B 228 18.20 24.13 -30.58
C LEU B 228 17.10 25.18 -30.71
N LYS B 229 16.44 25.54 -29.61
CA LYS B 229 15.37 26.57 -29.61
C LYS B 229 15.91 27.99 -29.77
N GLY B 230 17.19 28.17 -29.45
CA GLY B 230 17.79 29.48 -29.33
C GLY B 230 17.83 29.98 -27.89
N ASP B 231 17.27 29.20 -26.95
CA ASP B 231 17.12 29.69 -25.58
C ASP B 231 18.42 29.78 -24.81
N ASP B 232 18.36 30.55 -23.72
CA ASP B 232 19.47 30.71 -22.79
C ASP B 232 19.90 29.36 -22.20
N VAL B 233 21.20 29.21 -21.97
CA VAL B 233 21.75 28.00 -21.40
C VAL B 233 22.30 28.29 -20.00
N TYR B 234 21.57 27.83 -18.98
CA TYR B 234 21.89 28.07 -17.56
C TYR B 234 22.82 27.01 -16.96
N ILE B 235 23.70 27.47 -16.08
CA ILE B 235 24.67 26.65 -15.38
C ILE B 235 24.51 26.85 -13.85
N ASN B 236 24.07 25.80 -13.15
CA ASN B 236 23.90 25.83 -11.71
C ASN B 236 25.22 25.89 -10.92
N GLY B 237 25.60 27.10 -10.49
CA GLY B 237 26.91 27.38 -9.86
C GLY B 237 28.00 27.91 -10.81
N ASP B 238 29.27 27.66 -10.44
CA ASP B 238 30.44 28.20 -11.14
C ASP B 238 30.85 27.50 -12.41
N GLY B 239 30.27 26.32 -12.65
CA GLY B 239 30.47 25.56 -13.87
C GLY B 239 31.64 24.57 -13.78
N GLU B 240 32.25 24.50 -12.59
CA GLU B 240 33.38 23.64 -12.36
C GLU B 240 32.92 22.24 -11.90
N THR B 241 31.66 22.16 -11.50
CA THR B 241 31.00 20.90 -11.16
C THR B 241 31.28 19.89 -12.29
N SER B 242 31.81 18.70 -11.92
CA SER B 242 32.31 17.69 -12.92
C SER B 242 31.58 16.32 -12.81
N ARG B 243 31.47 15.61 -13.95
CA ARG B 243 30.68 14.36 -14.08
C ARG B 243 31.29 13.37 -15.09
N ASP B 244 31.03 12.08 -14.88
CA ASP B 244 31.48 10.99 -15.76
C ASP B 244 30.24 10.66 -16.59
N PHE B 245 30.06 11.40 -17.69
CA PHE B 245 28.90 11.19 -18.50
C PHE B 245 29.06 9.86 -19.24
N CYS B 246 27.98 9.08 -19.17
CA CYS B 246 28.00 7.69 -19.59
C CYS B 246 26.95 7.42 -20.63
N TYR B 247 27.38 7.14 -21.85
CA TYR B 247 26.45 6.89 -22.91
C TYR B 247 25.65 5.62 -22.62
N ILE B 248 24.34 5.62 -22.93
CA ILE B 248 23.47 4.48 -22.58
C ILE B 248 23.95 3.12 -23.07
N ASP B 249 24.62 3.02 -24.23
CA ASP B 249 25.02 1.67 -24.73
C ASP B 249 25.90 0.95 -23.67
N ASN B 250 26.73 1.69 -22.95
CA ASN B 250 27.58 1.10 -21.91
C ASN B 250 26.75 0.53 -20.76
N VAL B 251 25.71 1.28 -20.38
CA VAL B 251 24.69 0.81 -19.43
C VAL B 251 24.01 -0.42 -19.91
N ILE B 252 23.59 -0.47 -21.18
CA ILE B 252 22.93 -1.63 -21.74
C ILE B 252 23.88 -2.84 -21.63
N GLN B 253 25.16 -2.62 -21.95
CA GLN B 253 26.17 -3.73 -21.86
C GLN B 253 26.16 -4.21 -20.42
N MET B 254 26.28 -3.29 -19.47
CA MET B 254 26.48 -3.74 -18.10
C MET B 254 25.27 -4.49 -17.49
N ASN B 255 24.07 -4.07 -17.87
CA ASN B 255 22.87 -4.82 -17.48
C ASN B 255 22.89 -6.29 -17.98
N ILE B 256 23.19 -6.48 -19.26
CA ILE B 256 23.14 -7.78 -19.82
C ILE B 256 24.28 -8.66 -19.23
N LEU B 257 25.51 -8.11 -19.09
CA LEU B 257 26.64 -8.79 -18.46
C LEU B 257 26.26 -9.19 -16.99
N SER B 258 25.55 -8.29 -16.30
CA SER B 258 25.16 -8.55 -14.90
C SER B 258 24.12 -9.67 -14.82
N ALA B 259 23.15 -9.67 -15.74
CA ALA B 259 22.09 -10.65 -15.76
C ALA B 259 22.67 -12.07 -15.92
N LEU B 260 23.74 -12.18 -16.68
CA LEU B 260 24.35 -13.50 -16.88
C LEU B 260 25.68 -13.66 -16.14
N ALA B 261 25.95 -12.81 -15.14
CA ALA B 261 27.22 -12.87 -14.39
C ALA B 261 27.42 -14.27 -13.77
N LYS B 262 28.67 -14.75 -13.66
CA LYS B 262 28.88 -16.02 -12.89
C LYS B 262 28.47 -15.71 -11.47
N ASP B 263 28.07 -16.74 -10.75
CA ASP B 263 27.53 -16.56 -9.41
C ASP B 263 28.44 -15.78 -8.43
N SER B 264 29.75 -16.03 -8.45
CA SER B 264 30.69 -15.33 -7.53
C SER B 264 30.76 -13.84 -7.83
N ALA B 265 30.36 -13.41 -9.00
CA ALA B 265 30.31 -11.98 -9.31
C ALA B 265 29.01 -11.26 -8.89
N LYS B 266 28.01 -12.05 -8.54
CA LYS B 266 26.75 -11.50 -7.96
C LYS B 266 26.95 -11.08 -6.53
N ASP B 267 25.87 -10.60 -5.91
CA ASP B 267 25.90 -9.94 -4.62
C ASP B 267 27.03 -8.92 -4.58
N ASN B 268 27.09 -8.04 -5.57
CA ASN B 268 28.09 -7.01 -5.57
C ASN B 268 27.46 -5.75 -6.18
N ILE B 269 28.06 -4.62 -5.87
CA ILE B 269 27.80 -3.35 -6.46
C ILE B 269 28.90 -2.94 -7.50
N TYR B 270 28.48 -2.53 -8.70
CA TYR B 270 29.41 -1.96 -9.70
C TYR B 270 29.12 -0.53 -10.16
N ASN B 271 30.14 0.33 -10.14
CA ASN B 271 30.12 1.55 -10.94
C ASN B 271 29.89 1.26 -12.41
N VAL B 272 28.97 2.04 -13.01
CA VAL B 272 28.74 2.04 -14.45
C VAL B 272 29.00 3.43 -15.02
N ALA B 273 30.13 3.54 -15.69
CA ALA B 273 30.62 4.79 -16.25
C ALA B 273 31.81 4.48 -17.18
N VAL B 274 32.49 5.53 -17.63
CA VAL B 274 33.67 5.34 -18.44
C VAL B 274 34.97 5.71 -17.76
N GLY B 275 34.95 6.58 -16.75
CA GLY B 275 36.20 6.89 -16.04
C GLY B 275 36.74 8.24 -16.42
N ASP B 276 35.96 8.98 -17.19
CA ASP B 276 36.37 10.30 -17.64
C ASP B 276 35.69 11.39 -16.78
N ARG B 277 36.23 12.61 -16.87
CA ARG B 277 35.72 13.72 -16.09
C ARG B 277 35.53 14.98 -16.98
N THR B 278 34.28 15.45 -17.09
CA THR B 278 33.90 16.61 -17.94
C THR B 278 33.18 17.64 -17.06
N THR B 279 33.60 18.90 -17.13
CA THR B 279 32.98 19.93 -16.27
C THR B 279 31.75 20.43 -17.03
N LEU B 280 30.83 21.03 -16.30
CA LEU B 280 29.66 21.61 -16.96
C LEU B 280 30.12 22.61 -18.06
N ASN B 281 31.15 23.40 -17.73
CA ASN B 281 31.79 24.39 -18.64
C ASN B 281 32.24 23.77 -19.98
N GLU B 282 33.00 22.69 -19.95
CA GLU B 282 33.45 22.07 -21.20
C GLU B 282 32.29 21.31 -21.91
N LEU B 283 31.35 20.77 -21.13
CA LEU B 283 30.17 20.14 -21.74
C LEU B 283 29.33 21.11 -22.62
N SER B 284 29.17 22.35 -22.15
CA SER B 284 28.47 23.40 -22.90
C SER B 284 29.15 23.45 -24.27
N GLY B 285 30.48 23.54 -24.20
CA GLY B 285 31.34 23.48 -25.37
C GLY B 285 30.95 22.31 -26.26
N TYR B 286 31.13 21.09 -25.76
CA TYR B 286 30.98 19.91 -26.62
C TYR B 286 29.63 19.83 -27.30
N ILE B 287 28.55 20.17 -26.59
CA ILE B 287 27.21 20.07 -27.17
C ILE B 287 27.03 21.07 -28.33
N TYR B 288 27.43 22.33 -28.12
CA TYR B 288 27.27 23.40 -29.12
C TYR B 288 27.86 22.90 -30.44
N ASP B 289 29.10 22.39 -30.36
CA ASP B 289 29.86 21.96 -31.53
C ASP B 289 29.21 20.81 -32.26
N GLU B 290 28.56 19.90 -31.55
CA GLU B 290 28.01 18.70 -32.21
C GLU B 290 26.73 19.00 -32.95
N LEU B 291 25.91 19.86 -32.35
CA LEU B 291 24.71 20.43 -32.96
C LEU B 291 25.02 21.41 -34.11
N ASN B 292 26.06 22.22 -33.91
CA ASN B 292 26.58 23.19 -34.88
C ASN B 292 26.82 22.56 -36.27
N LEU B 293 27.35 21.33 -36.26
CA LEU B 293 27.61 20.46 -37.44
C LEU B 293 26.35 19.85 -38.09
N ILE B 294 25.21 19.96 -37.42
CA ILE B 294 23.94 19.47 -37.98
C ILE B 294 23.05 20.67 -38.35
N HIS B 295 23.68 21.85 -38.42
CA HIS B 295 23.22 23.05 -39.18
C HIS B 295 22.08 23.88 -38.54
N HIS B 296 22.38 24.48 -37.38
CA HIS B 296 21.33 25.19 -36.61
C HIS B 296 21.78 26.47 -35.94
N ILE B 302 24.51 31.69 -22.65
CA ILE B 302 25.25 31.30 -21.42
C ILE B 302 25.00 32.23 -20.21
N LYS B 303 24.68 31.63 -19.08
CA LYS B 303 24.32 32.38 -17.86
C LYS B 303 24.63 31.55 -16.61
N TYR B 304 25.12 32.23 -15.58
CA TYR B 304 25.43 31.58 -14.32
C TYR B 304 24.40 31.86 -13.23
N ARG B 305 23.87 30.82 -12.64
CA ARG B 305 23.00 30.98 -11.46
C ARG B 305 23.63 30.25 -10.27
N GLU B 306 22.94 30.24 -9.13
CA GLU B 306 23.51 29.65 -7.90
C GLU B 306 23.52 28.10 -7.94
N PHE B 307 24.39 27.51 -7.11
CA PHE B 307 24.57 26.07 -7.05
C PHE B 307 23.27 25.35 -6.71
N ARG B 308 23.03 24.20 -7.32
CA ARG B 308 21.80 23.45 -7.01
C ARG B 308 21.94 22.68 -5.66
N SER B 309 21.00 22.85 -4.72
CA SER B 309 21.27 22.21 -3.41
C SER B 309 21.07 20.67 -3.40
N GLY B 310 21.80 19.99 -2.53
CA GLY B 310 21.87 18.51 -2.54
C GLY B 310 22.80 17.91 -3.60
N ASP B 311 23.35 18.78 -4.47
CA ASP B 311 24.04 18.32 -5.66
C ASP B 311 25.48 17.87 -5.29
N VAL B 312 25.93 16.75 -5.89
CA VAL B 312 27.35 16.32 -5.75
C VAL B 312 28.33 17.26 -6.56
N ARG B 313 29.49 17.59 -5.99
CA ARG B 313 30.44 18.53 -6.61
C ARG B 313 31.13 17.93 -7.83
N HIS B 314 31.97 16.90 -7.60
CA HIS B 314 32.80 16.21 -8.63
C HIS B 314 32.50 14.72 -8.72
N SER B 315 32.43 14.23 -9.95
CA SER B 315 32.16 12.81 -10.13
C SER B 315 33.01 12.22 -11.27
N GLN B 316 33.89 11.27 -10.90
CA GLN B 316 34.56 10.36 -11.87
C GLN B 316 34.61 8.94 -11.37
N ALA B 317 34.10 7.99 -12.15
CA ALA B 317 34.10 6.61 -11.67
C ALA B 317 35.45 5.90 -11.94
N ASP B 318 35.80 5.01 -11.03
CA ASP B 318 36.80 3.98 -11.31
C ASP B 318 35.98 2.73 -11.66
N VAL B 319 36.07 2.24 -12.92
CA VAL B 319 35.32 1.06 -13.33
C VAL B 319 36.15 -0.23 -13.39
N THR B 320 37.29 -0.23 -12.73
CA THR B 320 38.19 -1.39 -12.71
C THR B 320 37.42 -2.60 -12.25
N LYS B 321 36.50 -2.41 -11.30
CA LYS B 321 35.89 -3.58 -10.66
C LYS B 321 35.00 -4.29 -11.70
N ALA B 322 34.25 -3.51 -12.50
CA ALA B 322 33.40 -4.13 -13.56
C ALA B 322 34.24 -4.72 -14.68
N ILE B 323 35.36 -4.05 -14.94
CA ILE B 323 36.29 -4.50 -16.01
C ILE B 323 36.77 -5.88 -15.67
N ASP B 324 37.18 -6.03 -14.43
CA ASP B 324 37.74 -7.28 -13.90
C ASP B 324 36.74 -8.43 -13.80
N LEU B 325 35.68 -8.17 -13.01
CA LEU B 325 34.80 -9.26 -12.55
C LEU B 325 33.82 -9.65 -13.63
N LEU B 326 33.49 -8.69 -14.49
CA LEU B 326 32.44 -8.94 -15.45
C LEU B 326 32.97 -8.87 -16.86
N LYS B 327 34.21 -8.37 -17.01
CA LYS B 327 34.82 -8.18 -18.32
C LYS B 327 34.01 -7.09 -19.12
N TYR B 328 33.47 -6.11 -18.39
CA TYR B 328 32.94 -4.85 -18.97
C TYR B 328 34.02 -4.13 -19.80
N ARG B 329 33.60 -3.73 -21.00
CA ARG B 329 34.43 -2.95 -21.93
C ARG B 329 33.70 -1.68 -22.30
N PRO B 330 33.96 -0.57 -21.60
CA PRO B 330 33.19 0.58 -21.99
C PRO B 330 33.81 1.12 -23.30
N ASN B 331 33.03 1.44 -24.32
CA ASN B 331 33.68 1.88 -25.56
C ASN B 331 33.28 3.24 -26.04
N ILE B 332 32.12 3.73 -25.63
CA ILE B 332 31.67 5.01 -26.16
C ILE B 332 31.87 6.07 -25.10
N LYS B 333 32.79 6.99 -25.45
CA LYS B 333 33.15 8.11 -24.63
C LYS B 333 32.22 9.29 -24.92
N ILE B 334 32.30 10.33 -24.07
CA ILE B 334 31.31 11.40 -24.15
C ILE B 334 31.15 12.07 -25.56
N ARG B 335 32.26 12.37 -26.24
CA ARG B 335 32.18 13.09 -27.53
C ARG B 335 31.47 12.24 -28.55
N GLU B 336 31.86 10.97 -28.62
CA GLU B 336 31.19 10.07 -29.55
C GLU B 336 29.70 9.86 -29.21
N GLY B 337 29.36 9.88 -27.91
CA GLY B 337 27.98 9.62 -27.51
C GLY B 337 27.13 10.80 -27.90
N LEU B 338 27.70 12.00 -27.73
CA LEU B 338 26.96 13.16 -28.15
C LEU B 338 26.73 13.13 -29.65
N ARG B 339 27.72 12.66 -30.41
CA ARG B 339 27.53 12.58 -31.89
C ARG B 339 26.44 11.57 -32.25
N LEU B 340 26.39 10.48 -31.49
CA LEU B 340 25.35 9.48 -31.70
C LEU B 340 23.99 10.00 -31.29
N SER B 341 23.92 10.95 -30.36
CA SER B 341 22.63 11.40 -29.77
C SER B 341 21.97 12.62 -30.44
N MET B 342 22.76 13.53 -31.00
CA MET B 342 22.19 14.78 -31.49
C MET B 342 21.18 14.54 -32.63
N PRO B 343 21.55 13.72 -33.63
CA PRO B 343 20.53 13.43 -34.63
C PRO B 343 19.23 12.99 -34.02
N TRP B 344 19.26 12.21 -32.91
CA TRP B 344 17.99 11.76 -32.32
C TRP B 344 17.22 12.96 -31.79
N TYR B 345 17.94 13.87 -31.11
CA TYR B 345 17.33 15.06 -30.49
C TYR B 345 16.66 16.04 -31.51
N VAL B 346 17.32 16.21 -32.65
CA VAL B 346 16.74 16.96 -33.80
C VAL B 346 15.42 16.39 -34.27
N ARG B 347 15.41 15.10 -34.66
CA ARG B 347 14.16 14.47 -35.08
C ARG B 347 13.10 14.73 -34.02
N PHE B 348 13.46 14.53 -32.76
CA PHE B 348 12.47 14.48 -31.70
C PHE B 348 11.93 15.87 -31.42
N LEU B 349 12.82 16.85 -31.54
CA LEU B 349 12.44 18.25 -31.34
C LEU B 349 12.20 19.10 -32.64
N LYS B 350 12.05 18.46 -33.81
CA LYS B 350 11.78 19.24 -35.05
C LYS B 350 10.32 19.71 -35.10
N TYR C 10 20.22 10.38 43.54
CA TYR C 10 20.23 11.72 42.87
C TYR C 10 20.29 11.67 41.35
N MET C 11 19.11 11.95 40.75
CA MET C 11 18.93 12.14 39.29
C MET C 11 18.98 13.64 38.83
N SER C 12 19.63 14.51 39.62
CA SER C 12 19.53 15.97 39.42
C SER C 12 19.01 16.42 38.05
N ARG C 13 19.68 16.09 36.94
CA ARG C 13 19.21 16.62 35.64
C ARG C 13 17.78 16.17 35.28
N TYR C 14 17.58 14.85 35.26
CA TYR C 14 16.27 14.28 35.08
C TYR C 14 15.20 14.78 36.07
N GLU C 15 15.49 14.79 37.38
CA GLU C 15 14.55 15.32 38.40
C GLU C 15 14.22 16.78 38.10
N GLU C 16 15.21 17.51 37.66
CA GLU C 16 15.08 18.93 37.37
C GLU C 16 14.16 19.20 36.18
N ILE C 17 14.37 18.44 35.12
CA ILE C 17 13.57 18.52 33.94
C ILE C 17 12.11 18.11 34.27
N THR C 18 11.94 17.03 35.01
CA THR C 18 10.59 16.58 35.35
C THR C 18 9.87 17.62 36.27
N GLN C 19 10.64 18.32 37.11
CA GLN C 19 10.10 19.41 37.97
C GLN C 19 9.52 20.47 37.11
N GLN C 20 10.34 20.99 36.21
CA GLN C 20 9.96 22.00 35.23
C GLN C 20 8.68 21.58 34.52
N LEU C 21 8.64 20.36 33.98
CA LEU C 21 7.41 19.92 33.28
C LEU C 21 6.14 19.97 34.15
N ILE C 22 6.27 19.66 35.42
CA ILE C 22 5.15 19.78 36.30
C ILE C 22 4.63 21.23 36.26
N PHE C 23 5.53 22.22 36.06
CA PHE C 23 5.18 23.68 36.12
C PHE C 23 4.84 24.28 34.75
N SER C 24 5.39 23.71 33.70
CA SER C 24 5.22 24.31 32.39
C SER C 24 4.86 23.22 31.42
N PRO C 25 3.60 22.75 31.47
CA PRO C 25 3.27 21.59 30.63
C PRO C 25 3.38 21.87 29.14
N LYS C 26 3.73 20.82 28.40
CA LYS C 26 3.85 20.89 26.98
C LYS C 26 2.90 19.85 26.34
N THR C 27 2.80 19.90 25.02
CA THR C 27 2.07 18.89 24.26
C THR C 27 3.09 17.89 23.64
N TRP C 28 2.87 16.59 23.88
CA TRP C 28 3.75 15.54 23.42
C TRP C 28 2.97 14.67 22.46
N LEU C 29 3.60 14.21 21.40
CA LEU C 29 2.99 13.15 20.58
C LEU C 29 3.72 11.83 20.85
N ILE C 30 2.98 10.81 21.30
CA ILE C 30 3.55 9.50 21.48
C ILE C 30 2.96 8.59 20.40
N THR C 31 3.80 8.08 19.49
CA THR C 31 3.28 7.07 18.54
C THR C 31 3.61 5.75 19.16
N GLY C 32 2.80 4.71 18.90
CA GLY C 32 3.07 3.42 19.55
C GLY C 32 2.65 3.43 21.01
N VAL C 33 1.72 4.33 21.32
CA VAL C 33 1.29 4.68 22.71
C VAL C 33 0.65 3.48 23.42
N ALA C 34 0.06 2.55 22.65
CA ALA C 34 -0.58 1.38 23.23
C ALA C 34 0.36 0.23 23.39
N GLY C 35 1.63 0.44 23.06
CA GLY C 35 2.58 -0.63 23.20
C GLY C 35 3.35 -0.55 24.49
N PHE C 36 4.46 -1.29 24.57
CA PHE C 36 5.17 -1.43 25.83
C PHE C 36 5.82 -0.12 26.23
N ILE C 37 6.75 0.39 25.40
CA ILE C 37 7.49 1.60 25.76
C ILE C 37 6.56 2.80 25.70
N GLY C 38 5.75 2.86 24.65
CA GLY C 38 4.79 3.95 24.48
C GLY C 38 3.86 4.17 25.67
N SER C 39 3.27 3.09 26.18
CA SER C 39 2.30 3.21 27.29
C SER C 39 3.03 3.55 28.60
N ASN C 40 4.29 3.13 28.74
CA ASN C 40 5.08 3.62 29.89
C ASN C 40 5.36 5.09 29.80
N LEU C 41 5.66 5.55 28.61
CA LEU C 41 5.83 6.97 28.41
C LEU C 41 4.57 7.74 28.72
N LEU C 42 3.43 7.20 28.29
CA LEU C 42 2.14 7.84 28.55
C LEU C 42 1.91 7.97 30.10
N GLU C 43 2.05 6.87 30.84
CA GLU C 43 1.91 6.84 32.30
C GLU C 43 2.74 8.00 32.93
N LYS C 44 4.03 8.04 32.62
CA LYS C 44 4.91 9.11 33.12
C LYS C 44 4.49 10.54 32.76
N LEU C 45 4.20 10.80 31.50
CA LEU C 45 3.84 12.15 31.13
C LEU C 45 2.48 12.65 31.69
N LEU C 46 1.50 11.76 31.83
CA LEU C 46 0.20 12.16 32.37
C LEU C 46 0.42 12.37 33.89
N LYS C 47 1.35 11.63 34.48
CA LYS C 47 1.63 11.84 35.90
C LYS C 47 2.32 13.17 36.14
N LEU C 48 2.93 13.69 35.09
CA LEU C 48 3.54 14.99 35.09
C LEU C 48 2.57 16.04 34.55
N ASN C 49 1.30 15.65 34.43
CA ASN C 49 0.24 16.58 33.98
C ASN C 49 0.47 17.18 32.58
N GLN C 50 1.19 16.45 31.73
CA GLN C 50 1.38 16.95 30.36
C GLN C 50 0.13 16.75 29.44
N VAL C 51 0.10 17.45 28.33
CA VAL C 51 -0.88 17.17 27.32
C VAL C 51 -0.28 16.12 26.36
N VAL C 52 -1.00 15.04 26.08
CA VAL C 52 -0.40 13.95 25.30
C VAL C 52 -1.34 13.55 24.21
N ILE C 53 -0.87 13.63 22.97
CA ILE C 53 -1.60 13.04 21.83
C ILE C 53 -1.01 11.68 21.55
N GLY C 54 -1.88 10.71 21.42
CA GLY C 54 -1.42 9.38 21.11
C GLY C 54 -1.86 8.90 19.74
N LEU C 55 -1.01 8.11 19.12
CA LEU C 55 -1.40 7.46 17.87
C LEU C 55 -1.02 6.02 17.97
N ASP C 56 -1.98 5.11 17.75
CA ASP C 56 -1.65 3.69 17.64
C ASP C 56 -2.65 2.93 16.74
N ASN C 57 -2.28 1.81 16.13
CA ASN C 57 -3.27 1.06 15.33
C ASN C 57 -3.58 -0.30 15.97
N PHE C 58 -3.18 -0.49 17.22
CA PHE C 58 -3.30 -1.80 17.93
C PHE C 58 -2.75 -3.01 17.13
N SER C 59 -1.68 -2.82 16.35
CA SER C 59 -1.12 -3.91 15.62
C SER C 59 -0.43 -4.89 16.62
N THR C 60 0.48 -4.38 17.42
CA THR C 60 1.17 -5.17 18.39
C THR C 60 0.84 -4.58 19.81
N GLY C 61 0.18 -3.44 19.82
CA GLY C 61 -0.23 -2.67 21.01
C GLY C 61 -1.61 -3.14 21.48
N HIS C 62 -2.03 -2.71 22.66
CA HIS C 62 -3.32 -3.23 23.20
C HIS C 62 -4.12 -2.15 23.93
N GLN C 63 -5.43 -2.14 23.67
CA GLN C 63 -6.37 -1.30 24.41
C GLN C 63 -6.20 -1.51 25.91
N TYR C 64 -5.92 -2.74 26.33
CA TYR C 64 -5.81 -2.99 27.75
C TYR C 64 -4.62 -2.28 28.42
N ASN C 65 -3.52 -2.00 27.68
CA ASN C 65 -2.47 -1.14 28.23
C ASN C 65 -2.99 0.29 28.48
N LEU C 66 -3.76 0.83 27.55
CA LEU C 66 -4.33 2.14 27.81
C LEU C 66 -5.28 2.13 29.05
N ASP C 67 -6.14 1.11 29.14
CA ASP C 67 -7.07 0.95 30.28
C ASP C 67 -6.28 0.94 31.55
N GLU C 68 -5.13 0.24 31.52
CA GLU C 68 -4.25 0.20 32.68
C GLU C 68 -3.75 1.59 33.08
N VAL C 69 -3.22 2.34 32.12
CA VAL C 69 -2.76 3.67 32.46
C VAL C 69 -3.87 4.56 33.04
N LYS C 70 -5.08 4.42 32.53
CA LYS C 70 -6.22 5.19 33.04
C LYS C 70 -6.37 4.89 34.56
N THR C 71 -6.13 3.64 34.96
CA THR C 71 -6.26 3.30 36.39
C THR C 71 -5.17 3.91 37.25
N LEU C 72 -4.11 4.43 36.62
CA LEU C 72 -2.94 4.92 37.39
C LEU C 72 -2.82 6.43 37.56
N VAL C 73 -3.80 7.21 37.03
CA VAL C 73 -3.65 8.64 36.98
C VAL C 73 -5.05 9.17 37.27
N SER C 74 -5.18 10.50 37.42
CA SER C 74 -6.43 11.11 37.82
C SER C 74 -7.30 11.41 36.65
N THR C 75 -8.61 11.54 36.90
CA THR C 75 -9.53 12.00 35.89
C THR C 75 -8.99 13.20 35.12
N GLU C 76 -8.53 14.22 35.83
CA GLU C 76 -8.03 15.42 35.12
C GLU C 76 -6.77 15.18 34.29
N GLN C 77 -5.86 14.35 34.80
CA GLN C 77 -4.67 13.93 34.06
C GLN C 77 -5.03 13.15 32.81
N TRP C 78 -5.93 12.18 32.97
CA TRP C 78 -6.44 11.43 31.84
C TRP C 78 -7.11 12.36 30.80
N SER C 79 -7.78 13.41 31.26
CA SER C 79 -8.50 14.31 30.37
C SER C 79 -7.57 15.01 29.43
N ARG C 80 -6.26 15.06 29.78
CA ARG C 80 -5.29 15.73 28.94
C ARG C 80 -4.70 14.79 27.84
N PHE C 81 -5.14 13.55 27.81
CA PHE C 81 -4.68 12.56 26.86
C PHE C 81 -5.72 12.40 25.73
N CYS C 82 -5.37 12.87 24.56
CA CYS C 82 -6.22 12.68 23.37
C CYS C 82 -5.68 11.45 22.54
N PHE C 83 -6.47 10.38 22.47
CA PHE C 83 -6.05 9.17 21.77
C PHE C 83 -6.65 8.99 20.38
N ILE C 84 -5.80 8.81 19.36
CA ILE C 84 -6.25 8.55 17.97
C ILE C 84 -5.88 7.13 17.54
N GLU C 85 -6.90 6.37 17.19
CA GLU C 85 -6.67 5.07 16.60
C GLU C 85 -6.39 5.31 15.12
N GLY C 86 -5.23 4.83 14.68
CA GLY C 86 -4.86 5.13 13.29
C GLY C 86 -3.42 4.72 12.99
N ASP C 87 -2.97 5.00 11.76
CA ASP C 87 -1.77 4.33 11.23
C ASP C 87 -0.72 5.32 10.76
N ILE C 88 0.51 5.18 11.26
CA ILE C 88 1.58 6.08 10.79
C ILE C 88 1.87 5.88 9.28
N ARG C 89 1.43 4.77 8.66
CA ARG C 89 1.61 4.60 7.19
C ARG C 89 0.75 5.58 6.36
N ASP C 90 -0.21 6.27 7.01
CA ASP C 90 -0.98 7.31 6.29
C ASP C 90 -0.56 8.73 6.67
N LEU C 91 -0.02 9.47 5.69
CA LEU C 91 0.51 10.81 5.94
C LEU C 91 -0.51 11.80 6.53
N THR C 92 -1.75 11.76 6.03
CA THR C 92 -2.79 12.66 6.55
C THR C 92 -2.92 12.46 8.07
N THR C 93 -3.00 11.21 8.50
CA THR C 93 -3.14 10.90 9.93
C THR C 93 -1.94 11.48 10.68
N CYS C 94 -0.72 11.27 10.12
CA CYS C 94 0.47 11.91 10.70
C CYS C 94 0.36 13.42 10.88
N GLU C 95 -0.09 14.11 9.84
CA GLU C 95 -0.13 15.56 9.88
C GLU C 95 -1.22 16.00 10.87
N GLN C 96 -2.29 15.23 10.98
CA GLN C 96 -3.44 15.60 11.83
C GLN C 96 -2.95 15.57 13.31
N VAL C 97 -2.23 14.49 13.70
CA VAL C 97 -1.85 14.37 15.10
C VAL C 97 -0.71 15.21 15.49
N MET C 98 -0.03 15.77 14.50
CA MET C 98 1.08 16.65 14.77
C MET C 98 0.66 18.09 15.17
N LYS C 99 -0.61 18.46 14.95
CA LYS C 99 -0.98 19.89 15.12
C LYS C 99 -0.72 20.33 16.52
N GLY C 100 0.03 21.41 16.69
CA GLY C 100 0.30 22.02 18.03
C GLY C 100 1.25 21.21 18.91
N VAL C 101 1.83 20.14 18.36
CA VAL C 101 2.73 19.30 19.15
C VAL C 101 4.04 20.01 19.41
N ASP C 102 4.55 19.85 20.63
CA ASP C 102 5.85 20.41 20.94
C ASP C 102 6.97 19.34 20.80
N HIS C 103 6.77 18.21 21.46
CA HIS C 103 7.81 17.16 21.54
C HIS C 103 7.29 15.90 20.92
N VAL C 104 7.99 15.40 19.91
CA VAL C 104 7.62 14.10 19.33
C VAL C 104 8.40 12.91 19.94
N LEU C 105 7.65 11.90 20.44
CA LEU C 105 8.24 10.64 20.88
C LEU C 105 7.73 9.49 20.00
N HIS C 106 8.49 9.24 18.95
CA HIS C 106 8.14 8.23 17.96
C HIS C 106 8.64 6.79 18.32
N GLN C 107 7.71 5.92 18.74
CA GLN C 107 7.99 4.58 19.19
C GLN C 107 7.27 3.62 18.29
N ALA C 108 6.38 4.10 17.41
CA ALA C 108 5.57 3.15 16.62
C ALA C 108 6.44 2.47 15.57
N ALA C 109 6.38 1.13 15.57
CA ALA C 109 7.22 0.25 14.74
C ALA C 109 6.82 -1.19 14.93
N LEU C 110 7.22 -2.05 14.00
CA LEU C 110 7.12 -3.46 14.20
C LEU C 110 8.50 -4.00 14.59
N GLY C 111 8.63 -4.44 15.83
CA GLY C 111 9.89 -4.99 16.34
C GLY C 111 10.07 -6.38 15.78
N SER C 112 11.14 -7.00 16.22
CA SER C 112 11.45 -8.42 15.98
C SER C 112 12.20 -8.73 14.68
N VAL C 113 13.42 -9.19 14.83
CA VAL C 113 14.18 -9.63 13.71
C VAL C 113 13.47 -10.78 12.96
N PRO C 114 12.98 -11.82 13.69
CA PRO C 114 12.38 -12.97 13.03
C PRO C 114 11.07 -12.61 12.31
N ARG C 115 10.34 -11.63 12.84
CA ARG C 115 9.14 -11.16 12.17
C ARG C 115 9.54 -10.65 10.75
N SER C 116 10.67 -9.95 10.69
CA SER C 116 11.01 -9.18 9.48
C SER C 116 11.50 -10.16 8.39
N ILE C 117 11.99 -11.32 8.82
CA ILE C 117 12.54 -12.31 7.88
C ILE C 117 11.41 -13.04 7.18
N VAL C 118 10.41 -13.43 7.96
CA VAL C 118 9.17 -13.96 7.39
C VAL C 118 8.38 -12.93 6.59
N ASP C 119 8.29 -11.70 7.07
CA ASP C 119 7.50 -10.72 6.32
C ASP C 119 8.23 -9.36 6.26
N PRO C 120 9.21 -9.26 5.34
CA PRO C 120 10.01 -8.02 5.28
C PRO C 120 9.15 -6.87 4.73
N ILE C 121 8.11 -7.17 3.99
CA ILE C 121 7.33 -6.08 3.32
C ILE C 121 6.58 -5.28 4.41
N THR C 122 5.91 -6.02 5.31
CA THR C 122 5.10 -5.32 6.34
C THR C 122 5.97 -4.54 7.28
N THR C 123 7.13 -5.12 7.61
CA THR C 123 8.07 -4.41 8.50
C THR C 123 8.59 -3.13 7.81
N ASN C 124 8.96 -3.26 6.53
CA ASN C 124 9.46 -2.07 5.80
C ASN C 124 8.41 -0.91 5.81
N ALA C 125 7.16 -1.28 5.56
CA ALA C 125 6.09 -0.31 5.46
C ALA C 125 5.89 0.45 6.80
N THR C 126 5.82 -0.27 7.92
CA THR C 126 5.70 0.43 9.18
C THR C 126 7.01 1.13 9.58
N ASN C 127 8.14 0.46 9.44
CA ASN C 127 9.35 1.04 10.04
C ASN C 127 10.05 2.07 9.19
N ILE C 128 9.97 1.94 7.87
CA ILE C 128 10.47 3.03 7.03
C ILE C 128 9.40 4.04 6.56
N THR C 129 8.40 3.59 5.80
CA THR C 129 7.38 4.52 5.31
C THR C 129 6.78 5.33 6.49
N GLY C 130 6.38 4.60 7.55
CA GLY C 130 5.70 5.17 8.68
C GLY C 130 6.58 6.13 9.44
N PHE C 131 7.84 5.72 9.64
CA PHE C 131 8.79 6.60 10.25
C PHE C 131 8.99 7.84 9.44
N LEU C 132 9.12 7.68 8.13
CA LEU C 132 9.39 8.87 7.36
C LEU C 132 8.11 9.77 7.38
N ASN C 133 6.92 9.16 7.32
CA ASN C 133 5.69 10.00 7.40
C ASN C 133 5.71 10.85 8.68
N ILE C 134 6.03 10.21 9.81
CA ILE C 134 6.14 10.99 11.08
C ILE C 134 7.25 12.02 11.10
N LEU C 135 8.50 11.63 10.77
CA LEU C 135 9.55 12.68 10.58
C LEU C 135 9.08 13.85 9.67
N HIS C 136 8.59 13.53 8.51
CA HIS C 136 8.23 14.60 7.56
C HIS C 136 7.12 15.57 8.16
N ALA C 137 6.04 14.99 8.65
CA ALA C 137 4.99 15.79 9.32
C ALA C 137 5.54 16.67 10.51
N ALA C 138 6.51 16.18 11.27
CA ALA C 138 7.07 16.92 12.39
C ALA C 138 7.93 18.06 11.84
N LYS C 139 8.68 17.77 10.76
CA LYS C 139 9.47 18.79 10.17
C LYS C 139 8.52 19.91 9.69
N ASN C 140 7.41 19.52 9.05
CA ASN C 140 6.50 20.49 8.43
C ASN C 140 5.75 21.29 9.50
N ALA C 141 5.54 20.71 10.70
CA ALA C 141 4.81 21.34 11.77
C ALA C 141 5.71 22.10 12.70
N GLN C 142 6.99 22.03 12.39
CA GLN C 142 8.06 22.69 13.13
C GLN C 142 8.01 22.47 14.63
N VAL C 143 7.92 21.20 15.05
CA VAL C 143 7.88 20.88 16.48
C VAL C 143 9.18 21.32 17.19
N GLN C 144 9.17 21.44 18.53
CA GLN C 144 10.41 21.76 19.28
C GLN C 144 11.48 20.64 19.33
N SER C 145 11.05 19.40 19.37
CA SER C 145 11.99 18.25 19.44
C SER C 145 11.36 17.04 18.84
N PHE C 146 12.24 16.11 18.44
CA PHE C 146 11.84 14.91 17.78
C PHE C 146 12.87 13.82 18.17
N THR C 147 12.35 12.82 18.90
CA THR C 147 13.12 11.74 19.44
C THR C 147 12.48 10.44 18.90
N TYR C 148 13.31 9.51 18.42
CA TYR C 148 12.79 8.26 17.89
C TYR C 148 13.53 7.05 18.43
N ALA C 149 12.79 5.95 18.48
CA ALA C 149 13.23 4.62 18.81
C ALA C 149 14.14 4.03 17.67
N ALA C 150 15.44 3.95 17.94
CA ALA C 150 16.38 3.32 17.04
C ALA C 150 16.70 1.96 17.66
N SER C 151 17.73 1.28 17.21
CA SER C 151 17.93 -0.07 17.70
C SER C 151 19.40 -0.43 17.70
N SER C 152 19.78 -1.32 18.61
CA SER C 152 21.14 -1.77 18.72
C SER C 152 21.45 -2.67 17.56
N SER C 153 20.43 -3.10 16.83
CA SER C 153 20.67 -3.99 15.67
C SER C 153 21.47 -3.23 14.61
N THR C 154 21.48 -1.89 14.71
CA THR C 154 22.23 -1.05 13.72
C THR C 154 23.74 -1.35 13.77
N TYR C 155 24.23 -1.86 14.90
CA TYR C 155 25.67 -2.27 14.99
C TYR C 155 26.00 -3.38 14.01
N GLY C 156 25.04 -4.31 13.77
CA GLY C 156 25.16 -5.26 12.70
C GLY C 156 26.35 -6.19 12.96
N ASP C 157 27.20 -6.38 11.99
CA ASP C 157 28.29 -7.36 12.18
C ASP C 157 29.55 -6.74 12.75
N HIS C 158 29.48 -5.53 13.28
CA HIS C 158 30.69 -4.87 13.77
C HIS C 158 31.19 -5.57 15.03
N PRO C 159 32.49 -5.91 15.05
CA PRO C 159 33.02 -6.72 16.16
C PRO C 159 33.24 -6.06 17.53
N ALA C 160 33.16 -4.72 17.61
CA ALA C 160 33.53 -4.06 18.84
C ALA C 160 32.53 -4.36 19.89
N LEU C 161 33.03 -4.51 21.12
CA LEU C 161 32.21 -4.73 22.28
C LEU C 161 32.89 -4.22 23.58
N PRO C 162 32.22 -3.32 24.36
CA PRO C 162 30.86 -2.80 24.20
C PRO C 162 30.68 -1.97 22.92
N LYS C 163 29.43 -1.63 22.60
CA LYS C 163 29.16 -0.95 21.34
C LYS C 163 29.23 0.56 21.52
N VAL C 164 29.94 1.25 20.62
CA VAL C 164 30.05 2.70 20.72
C VAL C 164 29.44 3.33 19.44
N GLU C 165 28.71 4.42 19.65
CA GLU C 165 27.75 4.85 18.63
C GLU C 165 28.31 5.07 17.24
N GLU C 166 29.49 5.71 17.16
CA GLU C 166 30.12 6.04 15.83
C GLU C 166 30.59 4.86 15.00
N ASN C 167 30.79 3.70 15.63
CA ASN C 167 31.25 2.48 14.90
C ASN C 167 30.18 1.40 14.67
N ILE C 168 29.73 1.22 13.42
CA ILE C 168 28.67 0.22 13.10
C ILE C 168 29.14 -0.59 11.88
N GLY C 169 28.52 -1.73 11.61
CA GLY C 169 28.88 -2.56 10.48
C GLY C 169 27.70 -2.75 9.58
N ASN C 170 27.67 -3.86 8.87
CA ASN C 170 26.56 -4.18 7.98
C ASN C 170 25.31 -4.66 8.73
N PRO C 171 24.13 -4.15 8.35
CA PRO C 171 22.86 -4.66 8.96
C PRO C 171 22.58 -6.10 8.59
N LEU C 172 22.02 -6.87 9.50
CA LEU C 172 21.93 -8.31 9.29
C LEU C 172 20.58 -8.91 9.04
N SER C 173 19.54 -8.07 8.93
CA SER C 173 18.18 -8.62 8.70
C SER C 173 17.34 -7.48 8.18
N PRO C 174 16.11 -7.81 7.69
CA PRO C 174 15.30 -6.70 7.13
C PRO C 174 14.92 -5.68 8.22
N TYR C 175 14.59 -6.16 9.39
CA TYR C 175 14.39 -5.23 10.51
C TYR C 175 15.56 -4.28 10.76
N ALA C 176 16.78 -4.85 10.76
CA ALA C 176 17.96 -4.01 11.02
C ALA C 176 18.07 -2.94 9.94
N VAL C 177 17.78 -3.28 8.66
CA VAL C 177 17.84 -2.25 7.56
C VAL C 177 16.86 -1.09 7.94
N THR C 178 15.63 -1.43 8.39
CA THR C 178 14.62 -0.36 8.64
C THR C 178 15.09 0.57 9.72
N LYS C 179 15.66 0.06 10.81
CA LYS C 179 16.06 0.94 11.96
C LYS C 179 17.31 1.78 11.63
N TYR C 180 18.24 1.20 10.90
CA TYR C 180 19.36 1.98 10.36
C TYR C 180 18.85 3.08 9.43
N VAL C 181 17.91 2.76 8.55
CA VAL C 181 17.40 3.81 7.59
C VAL C 181 16.70 4.92 8.32
N ASN C 182 16.15 4.60 9.49
CA ASN C 182 15.57 5.70 10.32
C ASN C 182 16.64 6.76 10.70
N GLU C 183 17.82 6.32 11.14
CA GLU C 183 18.93 7.18 11.43
C GLU C 183 19.40 7.90 10.18
N ILE C 184 19.44 7.22 9.03
CA ILE C 184 19.95 7.88 7.85
C ILE C 184 19.01 9.03 7.43
N TYR C 185 17.73 8.75 7.44
CA TYR C 185 16.78 9.80 7.08
C TYR C 185 16.84 10.93 8.09
N ALA C 186 17.01 10.61 9.38
CA ALA C 186 17.05 11.67 10.35
C ALA C 186 18.26 12.60 10.11
N GLN C 187 19.41 12.02 9.73
CA GLN C 187 20.62 12.78 9.47
C GLN C 187 20.41 13.55 8.20
N VAL C 188 19.73 12.99 7.24
CA VAL C 188 19.57 13.74 5.97
C VAL C 188 18.55 14.91 6.16
N TYR C 189 17.66 14.79 7.14
CA TYR C 189 16.66 15.84 7.32
C TYR C 189 17.35 17.00 8.07
N ALA C 190 18.28 16.67 8.95
CA ALA C 190 19.10 17.71 9.61
C ALA C 190 19.87 18.50 8.58
N ARG C 191 20.58 17.80 7.68
CA ARG C 191 21.38 18.40 6.60
C ARG C 191 20.59 19.22 5.64
N THR C 192 19.47 18.68 5.17
CA THR C 192 18.76 19.38 4.12
C THR C 192 17.66 20.40 4.55
N TYR C 193 17.06 20.18 5.72
CA TYR C 193 15.99 21.09 6.20
C TYR C 193 16.34 21.76 7.54
N GLY C 194 17.53 21.44 8.11
CA GLY C 194 17.93 21.90 9.46
C GLY C 194 17.09 21.37 10.65
N PHE C 195 16.40 20.26 10.42
CA PHE C 195 15.50 19.69 11.42
C PHE C 195 16.32 18.63 12.22
N LYS C 196 16.70 18.99 13.44
CA LYS C 196 17.61 18.18 14.26
C LYS C 196 16.92 17.20 15.19
N THR C 197 17.25 15.91 15.03
CA THR C 197 16.55 14.85 15.77
C THR C 197 17.54 14.16 16.74
N ILE C 198 17.02 13.39 17.70
CA ILE C 198 17.77 12.42 18.51
C ILE C 198 17.26 11.03 18.32
N GLY C 199 18.18 10.11 17.95
CA GLY C 199 17.82 8.72 17.82
C GLY C 199 18.36 7.92 18.99
N LEU C 200 17.51 7.04 19.52
CA LEU C 200 17.87 6.23 20.71
C LEU C 200 17.99 4.75 20.39
N ARG C 201 19.25 4.28 20.31
CA ARG C 201 19.52 2.86 20.14
C ARG C 201 19.20 2.12 21.41
N TYR C 202 18.00 1.53 21.47
CA TYR C 202 17.58 0.79 22.61
C TYR C 202 18.29 -0.53 22.58
N PHE C 203 18.69 -1.05 23.75
CA PHE C 203 19.19 -2.44 23.95
C PHE C 203 18.28 -3.30 24.88
N ASN C 204 17.66 -4.34 24.40
CA ASN C 204 16.87 -5.21 25.34
C ASN C 204 16.13 -4.55 26.54
N VAL C 205 15.07 -3.83 26.23
CA VAL C 205 14.32 -3.07 27.20
C VAL C 205 13.30 -4.04 27.84
N PHE C 206 13.10 -3.98 29.16
CA PHE C 206 12.11 -4.86 29.79
C PHE C 206 11.39 -4.10 30.89
N GLY C 207 10.29 -4.67 31.38
CA GLY C 207 9.48 -4.04 32.45
C GLY C 207 7.99 -4.26 32.24
N ARG C 208 7.19 -3.56 33.03
CA ARG C 208 5.75 -3.75 33.03
C ARG C 208 5.20 -3.45 31.64
N ARG C 209 4.10 -4.13 31.27
CA ARG C 209 3.41 -4.05 29.99
C ARG C 209 4.24 -4.45 28.75
N GLN C 210 5.39 -5.06 28.94
CA GLN C 210 6.04 -5.80 27.84
C GLN C 210 5.31 -7.11 27.57
N ASP C 211 4.72 -7.23 26.38
CA ASP C 211 3.83 -8.31 26.04
C ASP C 211 4.46 -9.70 26.15
N PRO C 212 3.96 -10.56 27.08
CA PRO C 212 4.56 -11.91 27.22
C PRO C 212 4.05 -12.99 26.24
N ASN C 213 2.93 -12.72 25.54
CA ASN C 213 2.24 -13.65 24.63
C ASN C 213 2.57 -13.40 23.17
N GLY C 214 2.35 -14.41 22.33
CA GLY C 214 2.47 -14.21 20.88
C GLY C 214 3.84 -14.70 20.45
N ALA C 215 3.95 -15.14 19.20
CA ALA C 215 5.18 -15.80 18.73
C ALA C 215 6.45 -14.97 18.91
N TYR C 216 6.35 -13.65 18.82
CA TYR C 216 7.59 -12.81 18.89
C TYR C 216 7.88 -12.22 20.29
N ALA C 217 7.39 -12.87 21.36
CA ALA C 217 7.64 -12.30 22.68
C ALA C 217 9.12 -12.33 23.04
N ALA C 218 9.54 -11.28 23.76
CA ALA C 218 10.88 -11.06 24.21
C ALA C 218 11.18 -12.02 25.34
N VAL C 219 12.45 -12.29 25.58
CA VAL C 219 12.88 -13.39 26.48
C VAL C 219 12.41 -13.29 27.96
N ILE C 220 12.63 -12.12 28.57
CA ILE C 220 12.27 -11.87 29.98
C ILE C 220 10.78 -12.08 30.26
N PRO C 221 9.88 -11.43 29.49
CA PRO C 221 8.47 -11.73 29.76
C PRO C 221 8.03 -13.17 29.40
N LYS C 222 8.55 -13.70 28.28
CA LYS C 222 8.22 -15.05 27.82
C LYS C 222 8.59 -16.10 28.84
N TRP C 223 9.78 -15.94 29.48
CA TRP C 223 10.29 -16.83 30.51
C TRP C 223 9.52 -16.67 31.78
N THR C 224 9.22 -15.41 32.12
CA THR C 224 8.38 -15.11 33.25
C THR C 224 7.03 -15.84 33.19
N ALA C 225 6.36 -15.72 32.05
CA ALA C 225 5.06 -16.32 31.81
C ALA C 225 5.15 -17.85 31.91
N ALA C 226 6.24 -18.41 31.38
CA ALA C 226 6.41 -19.84 31.39
C ALA C 226 6.72 -20.39 32.80
N MET C 227 7.54 -19.67 33.60
CA MET C 227 7.75 -20.07 34.98
C MET C 227 6.44 -20.10 35.78
N LEU C 228 5.71 -18.98 35.80
CA LEU C 228 4.37 -18.91 36.43
C LEU C 228 3.40 -20.04 36.04
N LYS C 229 3.53 -20.56 34.82
CA LYS C 229 2.70 -21.61 34.25
C LYS C 229 3.24 -23.04 34.46
N GLY C 230 4.55 -23.13 34.72
CA GLY C 230 5.30 -24.40 34.77
C GLY C 230 5.63 -24.95 33.40
N ASP C 231 5.44 -24.13 32.35
CA ASP C 231 5.94 -24.42 30.99
C ASP C 231 7.47 -24.46 30.95
N ASP C 232 7.97 -25.21 29.97
CA ASP C 232 9.40 -25.34 29.65
C ASP C 232 9.95 -23.95 29.44
N VAL C 233 11.00 -23.63 30.17
CA VAL C 233 11.84 -22.48 29.84
C VAL C 233 12.92 -22.91 28.82
N TYR C 234 12.80 -22.46 27.58
CA TYR C 234 13.79 -22.77 26.53
C TYR C 234 14.98 -21.79 26.43
N ILE C 235 16.19 -22.34 26.48
CA ILE C 235 17.40 -21.54 26.19
C ILE C 235 17.93 -21.91 24.80
N ASN C 236 17.97 -20.93 23.90
CA ASN C 236 18.48 -21.15 22.55
C ASN C 236 20.02 -21.07 22.49
N GLY C 237 20.69 -22.20 22.72
CA GLY C 237 22.15 -22.26 22.72
C GLY C 237 22.70 -22.87 24.00
N ASP C 238 23.92 -22.48 24.35
CA ASP C 238 24.56 -23.00 25.56
C ASP C 238 24.33 -22.07 26.71
N GLY C 239 23.57 -21.00 26.47
CA GLY C 239 23.19 -20.11 27.56
C GLY C 239 24.29 -19.12 27.92
N GLU C 240 25.35 -19.12 27.12
CA GLU C 240 26.44 -18.18 27.34
C GLU C 240 26.20 -16.84 26.62
N THR C 241 25.30 -16.85 25.64
CA THR C 241 24.78 -15.67 24.96
C THR C 241 24.43 -14.54 25.99
N SER C 242 24.79 -13.29 25.68
CA SER C 242 24.65 -12.17 26.67
C SER C 242 24.03 -10.86 26.09
N ARG C 243 23.34 -10.11 26.94
CA ARG C 243 22.61 -8.86 26.55
C ARG C 243 22.73 -7.80 27.67
N ASP C 244 22.43 -6.56 27.32
CA ASP C 244 22.51 -5.44 28.26
C ASP C 244 21.03 -5.07 28.44
N PHE C 245 20.39 -5.82 29.33
CA PHE C 245 18.96 -5.64 29.65
C PHE C 245 18.70 -4.32 30.39
N CYS C 246 17.74 -3.57 29.87
CA CYS C 246 17.61 -2.18 30.31
C CYS C 246 16.17 -1.92 30.84
N TYR C 247 16.00 -1.84 32.16
CA TYR C 247 14.70 -1.53 32.72
C TYR C 247 14.01 -0.32 32.06
N ILE C 248 12.69 -0.37 31.88
CA ILE C 248 12.00 0.74 31.14
C ILE C 248 12.20 2.11 31.71
N ASP C 249 12.29 2.25 33.02
CA ASP C 249 12.40 3.63 33.57
C ASP C 249 13.67 4.34 33.08
N ASN C 250 14.75 3.58 32.81
CA ASN C 250 15.90 4.18 32.16
C ASN C 250 15.59 4.70 30.77
N VAL C 251 14.77 3.94 30.03
CA VAL C 251 14.38 4.39 28.65
C VAL C 251 13.47 5.62 28.74
N ILE C 252 12.51 5.59 29.67
CA ILE C 252 11.66 6.79 29.88
C ILE C 252 12.55 7.96 30.14
N GLN C 253 13.46 7.79 31.10
CA GLN C 253 14.42 8.86 31.41
C GLN C 253 15.10 9.37 30.18
N MET C 254 15.62 8.48 29.32
CA MET C 254 16.37 8.98 28.20
C MET C 254 15.48 9.71 27.16
N ASN C 255 14.26 9.21 26.94
CA ASN C 255 13.33 9.98 26.10
C ASN C 255 13.12 11.43 26.54
N ILE C 256 12.91 11.64 27.84
CA ILE C 256 12.56 13.00 28.35
C ILE C 256 13.81 13.88 28.29
N LEU C 257 14.97 13.32 28.64
CA LEU C 257 16.27 14.06 28.45
C LEU C 257 16.43 14.51 27.04
N SER C 258 16.09 13.63 26.07
CA SER C 258 16.30 13.93 24.68
C SER C 258 15.34 14.95 24.15
N ALA C 259 14.08 14.88 24.55
CA ALA C 259 13.07 15.89 24.19
C ALA C 259 13.49 17.26 24.68
N LEU C 260 14.07 17.38 25.87
CA LEU C 260 14.48 18.70 26.31
C LEU C 260 15.95 19.04 26.10
N ALA C 261 16.62 18.33 25.18
CA ALA C 261 18.06 18.50 25.00
C ALA C 261 18.36 19.84 24.40
N LYS C 262 19.46 20.44 24.84
CA LYS C 262 20.00 21.62 24.16
C LYS C 262 20.33 21.28 22.70
N ASP C 263 20.35 22.33 21.89
CA ASP C 263 20.49 22.17 20.46
C ASP C 263 21.75 21.40 20.04
N SER C 264 22.88 21.66 20.67
CA SER C 264 24.14 21.03 20.20
C SER C 264 24.12 19.53 20.51
N ALA C 265 23.24 19.09 21.42
CA ALA C 265 23.14 17.66 21.73
C ALA C 265 22.26 16.85 20.76
N LYS C 266 21.60 17.58 19.84
CA LYS C 266 20.71 17.04 18.82
C LYS C 266 21.48 16.66 17.57
N ASP C 267 20.78 16.04 16.61
CA ASP C 267 21.34 15.34 15.44
C ASP C 267 22.44 14.34 15.85
N ASN C 268 22.09 13.51 16.80
CA ASN C 268 23.04 12.58 17.40
C ASN C 268 22.30 11.33 17.74
N ILE C 269 23.04 10.21 17.70
CA ILE C 269 22.53 8.92 18.11
C ILE C 269 23.01 8.61 19.48
N TYR C 270 22.14 8.06 20.34
CA TYR C 270 22.61 7.65 21.68
C TYR C 270 22.23 6.21 22.03
N ASN C 271 23.20 5.42 22.52
CA ASN C 271 22.84 4.11 23.14
C ASN C 271 22.00 4.30 24.40
N VAL C 272 20.98 3.47 24.55
CA VAL C 272 20.19 3.44 25.79
C VAL C 272 20.23 2.05 26.42
N ALA C 273 21.02 1.93 27.48
CA ALA C 273 21.14 0.68 28.20
C ALA C 273 21.78 0.99 29.53
N VAL C 274 22.31 -0.04 30.16
CA VAL C 274 23.01 0.13 31.43
C VAL C 274 24.55 0.07 31.23
N GLY C 275 25.04 -0.65 30.22
CA GLY C 275 26.47 -0.88 30.18
C GLY C 275 26.93 -2.20 30.82
N ASP C 276 25.99 -3.03 31.28
CA ASP C 276 26.30 -4.37 31.86
C ASP C 276 25.90 -5.47 30.87
N ARG C 277 26.54 -6.62 31.05
CA ARG C 277 26.32 -7.78 30.22
C ARG C 277 25.74 -8.86 31.14
N THR C 278 24.69 -9.55 30.73
CA THR C 278 24.11 -10.65 31.53
C THR C 278 23.88 -11.86 30.63
N THR C 279 24.26 -13.06 31.10
CA THR C 279 24.06 -14.24 30.29
C THR C 279 22.61 -14.73 30.34
N LEU C 280 22.20 -15.42 29.30
CA LEU C 280 20.91 -16.11 29.32
C LEU C 280 20.81 -17.07 30.55
N ASN C 281 21.90 -17.79 30.84
CA ASN C 281 21.95 -18.71 31.96
C ASN C 281 21.72 -17.93 33.24
N GLU C 282 22.50 -16.88 33.45
CA GLU C 282 22.33 -16.16 34.72
C GLU C 282 20.99 -15.41 34.78
N LEU C 283 20.46 -15.01 33.63
CA LEU C 283 19.13 -14.41 33.62
C LEU C 283 18.08 -15.39 34.12
N SER C 284 18.15 -16.63 33.66
CA SER C 284 17.12 -17.60 33.97
C SER C 284 17.09 -17.77 35.46
N GLY C 285 18.28 -17.56 36.06
CA GLY C 285 18.52 -17.65 37.49
C GLY C 285 18.02 -16.45 38.29
N TYR C 286 18.26 -15.25 37.78
CA TYR C 286 17.69 -14.05 38.41
C TYR C 286 16.14 -13.99 38.32
N ILE C 287 15.55 -14.45 37.22
CA ILE C 287 14.07 -14.47 37.09
C ILE C 287 13.47 -15.47 38.12
N TYR C 288 13.97 -16.71 38.09
CA TYR C 288 13.58 -17.77 39.03
C TYR C 288 13.57 -17.19 40.43
N ASP C 289 14.68 -16.58 40.82
CA ASP C 289 14.90 -16.14 42.21
C ASP C 289 13.86 -15.13 42.62
N GLU C 290 13.68 -14.13 41.77
CA GLU C 290 12.74 -13.06 42.02
C GLU C 290 11.26 -13.50 42.05
N LEU C 291 10.85 -14.42 41.19
CA LEU C 291 9.45 -14.86 41.20
C LEU C 291 9.08 -15.65 42.45
N ASN C 292 10.04 -16.43 42.95
CA ASN C 292 9.89 -17.26 44.16
C ASN C 292 9.71 -16.46 45.43
N LEU C 293 10.43 -15.34 45.54
CA LEU C 293 10.19 -14.40 46.62
C LEU C 293 8.73 -13.91 46.62
N ILE C 294 8.02 -14.14 45.51
CA ILE C 294 6.55 -14.02 45.50
C ILE C 294 5.84 -15.38 45.31
N HIS C 295 6.03 -16.27 46.29
CA HIS C 295 5.28 -17.57 46.49
C HIS C 295 4.79 -18.40 45.28
N HIS C 296 5.68 -18.99 44.49
CA HIS C 296 5.15 -19.73 43.32
C HIS C 296 5.92 -21.01 42.91
N ILE C 302 13.55 -26.11 32.56
CA ILE C 302 14.63 -25.58 31.71
C ILE C 302 15.19 -26.59 30.66
N LYS C 303 14.98 -26.30 29.38
CA LYS C 303 15.44 -27.12 28.25
C LYS C 303 16.39 -26.31 27.35
N TYR C 304 17.51 -26.93 26.99
CA TYR C 304 18.48 -26.39 26.03
C TYR C 304 18.20 -26.90 24.63
N ARG C 305 18.14 -25.98 23.67
CA ARG C 305 17.92 -26.33 22.27
C ARG C 305 18.85 -25.50 21.38
N GLU C 306 18.68 -25.55 20.07
CA GLU C 306 19.65 -24.87 19.22
C GLU C 306 19.60 -23.33 19.21
N PHE C 307 20.75 -22.74 18.91
CA PHE C 307 20.89 -21.30 18.74
C PHE C 307 19.82 -20.77 17.78
N ARG C 308 19.25 -19.62 18.13
CA ARG C 308 18.33 -18.98 17.24
C ARG C 308 19.12 -18.49 16.03
N SER C 309 18.63 -18.83 14.84
CA SER C 309 19.30 -18.48 13.58
C SER C 309 19.51 -16.97 13.41
N GLY C 310 20.75 -16.56 13.10
CA GLY C 310 21.10 -15.12 12.92
C GLY C 310 21.02 -14.29 14.20
N ASP C 311 21.20 -14.99 15.32
CA ASP C 311 21.23 -14.39 16.67
C ASP C 311 22.52 -13.58 16.87
N VAL C 312 22.47 -12.59 17.76
CA VAL C 312 23.66 -11.91 18.20
C VAL C 312 24.25 -12.65 19.40
N ARG C 313 25.57 -12.77 19.42
CA ARG C 313 26.24 -13.49 20.48
C ARG C 313 26.30 -12.73 21.80
N HIS C 314 26.92 -11.56 21.78
CA HIS C 314 27.07 -10.75 22.98
C HIS C 314 26.64 -9.35 22.61
N SER C 315 25.98 -8.67 23.53
CA SER C 315 25.57 -7.33 23.24
C SER C 315 25.71 -6.59 24.53
N GLN C 316 26.33 -5.41 24.45
CA GLN C 316 26.61 -4.57 25.59
C GLN C 316 26.92 -3.17 25.04
N ALA C 317 26.28 -2.16 25.65
CA ALA C 317 26.39 -0.76 25.22
C ALA C 317 27.44 -0.05 26.05
N ASP C 318 28.10 0.90 25.40
CA ASP C 318 28.82 1.93 26.08
C ASP C 318 27.88 3.14 26.15
N VAL C 319 27.53 3.57 27.35
CA VAL C 319 26.55 4.66 27.43
C VAL C 319 27.22 5.92 27.88
N THR C 320 28.53 5.98 27.63
CA THR C 320 29.26 7.21 27.98
C THR C 320 28.69 8.44 27.32
N LYS C 321 28.32 8.30 26.05
CA LYS C 321 27.94 9.51 25.30
C LYS C 321 26.64 10.13 25.90
N ALA C 322 25.64 9.30 26.21
CA ALA C 322 24.45 9.80 26.91
C ALA C 322 24.76 10.35 28.30
N ILE C 323 25.69 9.71 29.01
CA ILE C 323 26.00 10.15 30.37
C ILE C 323 26.57 11.56 30.27
N ASP C 324 27.45 11.78 29.28
CA ASP C 324 28.14 13.07 29.20
C ASP C 324 27.29 14.15 28.60
N LEU C 325 26.72 13.87 27.43
CA LEU C 325 26.03 14.92 26.69
C LEU C 325 24.60 15.18 27.14
N LEU C 326 23.91 14.16 27.67
CA LEU C 326 22.50 14.33 28.04
C LEU C 326 22.33 14.26 29.53
N LYS C 327 23.40 13.86 30.23
CA LYS C 327 23.38 13.69 31.69
C LYS C 327 22.54 12.47 32.15
N TYR C 328 22.40 11.50 31.26
CA TYR C 328 21.83 10.19 31.60
C TYR C 328 22.44 9.53 32.85
N ARG C 329 21.58 8.94 33.65
CA ARG C 329 21.95 8.07 34.79
C ARG C 329 21.30 6.73 34.71
N PRO C 330 22.11 5.74 34.35
CA PRO C 330 21.60 4.36 34.24
C PRO C 330 21.37 3.72 35.63
N ASN C 331 20.40 4.24 36.34
CA ASN C 331 20.29 3.95 37.75
C ASN C 331 19.62 2.63 38.14
N ILE C 332 18.78 2.06 37.27
CA ILE C 332 18.22 0.77 37.58
C ILE C 332 18.96 -0.34 36.82
N LYS C 333 19.68 -1.16 37.59
CA LYS C 333 20.24 -2.43 37.11
C LYS C 333 19.25 -3.58 36.95
N ILE C 334 19.70 -4.66 36.31
CA ILE C 334 18.83 -5.77 35.93
C ILE C 334 18.17 -6.44 37.15
N ARG C 335 18.98 -6.72 38.19
CA ARG C 335 18.45 -7.34 39.43
C ARG C 335 17.27 -6.51 39.95
N GLU C 336 17.55 -5.25 40.28
CA GLU C 336 16.50 -4.34 40.73
C GLU C 336 15.29 -4.29 39.76
N GLY C 337 15.58 -4.24 38.45
CA GLY C 337 14.51 -4.09 37.47
C GLY C 337 13.62 -5.31 37.51
N LEU C 338 14.22 -6.49 37.65
CA LEU C 338 13.38 -7.68 37.64
C LEU C 338 12.57 -7.74 38.93
N ARG C 339 13.08 -7.20 40.02
CA ARG C 339 12.32 -7.17 41.27
C ARG C 339 11.09 -6.28 41.07
N LEU C 340 11.29 -5.13 40.41
CA LEU C 340 10.21 -4.17 40.22
C LEU C 340 9.16 -4.71 39.27
N SER C 341 9.57 -5.51 38.30
CA SER C 341 8.64 -5.99 37.28
C SER C 341 7.87 -7.26 37.68
N MET C 342 8.49 -8.12 38.49
CA MET C 342 7.84 -9.40 38.81
C MET C 342 6.39 -9.24 39.37
N PRO C 343 6.12 -8.21 40.24
CA PRO C 343 4.73 -8.18 40.71
C PRO C 343 3.74 -7.93 39.56
N TRP C 344 4.13 -7.09 38.60
CA TRP C 344 3.25 -6.68 37.48
C TRP C 344 2.88 -7.86 36.63
N TYR C 345 3.86 -8.76 36.40
CA TYR C 345 3.60 -10.05 35.73
C TYR C 345 2.69 -11.05 36.51
N VAL C 346 2.92 -11.17 37.80
CA VAL C 346 2.03 -12.02 38.62
C VAL C 346 0.57 -11.56 38.52
N ARG C 347 0.29 -10.27 38.80
CA ARG C 347 -1.06 -9.66 38.54
C ARG C 347 -1.57 -9.99 37.18
N PHE C 348 -0.78 -9.63 36.16
CA PHE C 348 -1.26 -9.62 34.79
C PHE C 348 -1.69 -11.01 34.37
N LEU C 349 -1.03 -12.00 34.95
CA LEU C 349 -1.27 -13.41 34.62
C LEU C 349 -2.22 -14.23 35.54
N LYS C 350 -2.47 -13.82 36.79
CA LYS C 350 -3.26 -14.68 37.71
C LYS C 350 -4.72 -14.98 37.31
N TYR D 10 -15.89 -4.55 1.17
CA TYR D 10 -15.57 -4.36 2.61
C TYR D 10 -16.28 -5.39 3.52
N MET D 11 -15.58 -6.51 3.74
CA MET D 11 -15.79 -7.38 4.92
C MET D 11 -15.01 -6.77 6.12
N SER D 12 -15.40 -5.56 6.57
CA SER D 12 -14.57 -4.84 7.53
C SER D 12 -14.13 -5.68 8.72
N ARG D 13 -15.03 -6.48 9.33
CA ARG D 13 -14.60 -7.28 10.49
C ARG D 13 -13.55 -8.35 10.13
N TYR D 14 -13.87 -9.15 9.11
CA TYR D 14 -12.97 -10.13 8.58
C TYR D 14 -11.65 -9.50 8.14
N GLU D 15 -11.67 -8.42 7.34
CA GLU D 15 -10.42 -7.69 7.01
C GLU D 15 -9.67 -7.23 8.27
N GLU D 16 -10.39 -6.65 9.22
CA GLU D 16 -9.76 -6.24 10.45
C GLU D 16 -9.00 -7.37 11.15
N ILE D 17 -9.68 -8.49 11.36
CA ILE D 17 -9.10 -9.64 12.03
C ILE D 17 -7.89 -10.11 11.22
N THR D 18 -8.03 -10.14 9.89
CA THR D 18 -6.95 -10.65 9.07
C THR D 18 -5.69 -9.72 9.13
N GLN D 19 -5.92 -8.42 9.32
CA GLN D 19 -4.81 -7.45 9.39
C GLN D 19 -4.11 -7.63 10.72
N GLN D 20 -4.87 -7.78 11.79
CA GLN D 20 -4.31 -8.13 13.12
C GLN D 20 -3.40 -9.39 13.03
N LEU D 21 -3.89 -10.46 12.39
CA LEU D 21 -3.06 -11.69 12.35
C LEU D 21 -1.73 -11.52 11.63
N ILE D 22 -1.72 -10.71 10.59
CA ILE D 22 -0.47 -10.35 9.89
C ILE D 22 0.56 -9.79 10.89
N PHE D 23 0.07 -9.02 11.87
CA PHE D 23 0.88 -8.36 12.93
C PHE D 23 1.11 -9.21 14.17
N SER D 24 0.22 -10.11 14.49
CA SER D 24 0.41 -10.85 15.73
C SER D 24 0.08 -12.29 15.51
N PRO D 25 1.06 -13.05 14.95
CA PRO D 25 0.80 -14.42 14.54
C PRO D 25 0.59 -15.34 15.71
N LYS D 26 -0.30 -16.29 15.47
CA LYS D 26 -0.71 -17.24 16.45
C LYS D 26 -0.33 -18.66 15.94
N THR D 27 -0.49 -19.66 16.77
CA THR D 27 -0.31 -21.01 16.30
C THR D 27 -1.71 -21.66 16.08
N TRP D 28 -1.91 -22.29 14.92
CA TRP D 28 -3.20 -22.86 14.56
C TRP D 28 -3.00 -24.32 14.37
N LEU D 29 -3.96 -25.13 14.76
CA LEU D 29 -3.91 -26.54 14.40
C LEU D 29 -5.04 -26.76 13.40
N ILE D 30 -4.72 -27.37 12.27
CA ILE D 30 -5.66 -27.68 11.27
C ILE D 30 -5.64 -29.19 11.11
N THR D 31 -6.76 -29.83 11.47
CA THR D 31 -6.88 -31.27 11.17
C THR D 31 -7.54 -31.42 9.85
N GLY D 32 -7.16 -32.43 9.08
CA GLY D 32 -7.80 -32.58 7.75
C GLY D 32 -7.20 -31.58 6.79
N VAL D 33 -5.99 -31.13 7.16
CA VAL D 33 -5.21 -30.15 6.39
C VAL D 33 -4.95 -30.54 4.93
N ALA D 34 -4.85 -31.85 4.63
CA ALA D 34 -4.59 -32.28 3.23
C ALA D 34 -5.83 -32.40 2.42
N GLY D 35 -6.97 -32.00 2.98
CA GLY D 35 -8.25 -32.18 2.34
C GLY D 35 -8.68 -30.90 1.66
N PHE D 36 -9.95 -30.85 1.25
CA PHE D 36 -10.43 -29.71 0.48
C PHE D 36 -10.40 -28.46 1.37
N ILE D 37 -11.19 -28.45 2.44
CA ILE D 37 -11.40 -27.22 3.26
C ILE D 37 -10.13 -26.94 4.06
N GLY D 38 -9.54 -28.01 4.60
CA GLY D 38 -8.29 -27.93 5.35
C GLY D 38 -7.14 -27.26 4.59
N SER D 39 -6.88 -27.71 3.36
CA SER D 39 -5.74 -27.14 2.56
C SER D 39 -6.06 -25.72 2.10
N ASN D 40 -7.36 -25.44 1.88
CA ASN D 40 -7.77 -24.02 1.72
C ASN D 40 -7.48 -23.14 2.93
N LEU D 41 -7.71 -23.67 4.14
CA LEU D 41 -7.38 -22.96 5.34
C LEU D 41 -5.91 -22.76 5.53
N LEU D 42 -5.13 -23.79 5.21
CA LEU D 42 -3.66 -23.72 5.28
C LEU D 42 -3.17 -22.62 4.32
N GLU D 43 -3.62 -22.64 3.07
CA GLU D 43 -3.23 -21.63 2.09
C GLU D 43 -3.42 -20.22 2.69
N LYS D 44 -4.64 -19.95 3.17
CA LYS D 44 -4.94 -18.69 3.81
C LYS D 44 -4.10 -18.32 5.04
N LEU D 45 -3.96 -19.23 6.00
CA LEU D 45 -3.19 -18.93 7.19
C LEU D 45 -1.66 -18.76 6.94
N LEU D 46 -1.09 -19.45 5.96
CA LEU D 46 0.34 -19.28 5.70
C LEU D 46 0.53 -17.92 4.98
N LYS D 47 -0.47 -17.54 4.19
CA LYS D 47 -0.39 -16.28 3.45
C LYS D 47 -0.44 -15.14 4.41
N LEU D 48 -1.00 -15.39 5.57
CA LEU D 48 -1.03 -14.42 6.64
C LEU D 48 0.13 -14.61 7.59
N ASN D 49 1.12 -15.44 7.18
CA ASN D 49 2.32 -15.68 8.00
C ASN D 49 2.01 -16.31 9.36
N GLN D 50 0.93 -17.11 9.45
CA GLN D 50 0.68 -17.80 10.74
C GLN D 50 1.63 -19.02 10.98
N VAL D 51 1.75 -19.48 12.21
CA VAL D 51 2.38 -20.78 12.48
C VAL D 51 1.26 -21.83 12.40
N VAL D 52 1.43 -22.88 11.60
CA VAL D 52 0.32 -23.85 11.38
C VAL D 52 0.85 -25.28 11.61
N ILE D 53 0.20 -26.01 12.54
CA ILE D 53 0.45 -27.44 12.66
C ILE D 53 -0.66 -28.12 11.92
N GLY D 54 -0.28 -29.06 11.10
CA GLY D 54 -1.25 -29.84 10.37
C GLY D 54 -1.26 -31.31 10.83
N LEU D 55 -2.46 -31.90 10.79
CA LEU D 55 -2.55 -33.34 11.00
C LEU D 55 -3.44 -33.96 9.94
N ASP D 56 -2.96 -35.04 9.28
CA ASP D 56 -3.80 -35.73 8.27
C ASP D 56 -3.29 -37.15 8.04
N ASN D 57 -4.18 -38.11 7.73
CA ASN D 57 -3.71 -39.47 7.48
C ASN D 57 -3.86 -39.78 5.99
N PHE D 58 -4.06 -38.76 5.17
CA PHE D 58 -4.28 -38.96 3.72
C PHE D 58 -5.32 -40.06 3.42
N SER D 59 -6.37 -40.16 4.25
CA SER D 59 -7.43 -41.12 3.98
C SER D 59 -8.25 -40.60 2.78
N THR D 60 -8.79 -39.39 2.87
CA THR D 60 -9.49 -38.82 1.73
C THR D 60 -8.71 -37.62 1.16
N GLY D 61 -7.72 -37.14 1.90
CA GLY D 61 -6.90 -36.00 1.48
C GLY D 61 -5.66 -36.46 0.74
N HIS D 62 -4.81 -35.52 0.33
CA HIS D 62 -3.82 -35.85 -0.71
C HIS D 62 -2.59 -35.01 -0.50
N GLN D 63 -1.44 -35.69 -0.60
CA GLN D 63 -0.16 -35.01 -0.55
C GLN D 63 -0.12 -33.93 -1.62
N TYR D 64 -0.74 -34.16 -2.76
CA TYR D 64 -0.65 -33.19 -3.84
C TYR D 64 -1.36 -31.88 -3.53
N ASN D 65 -2.35 -31.89 -2.63
CA ASN D 65 -2.92 -30.62 -2.17
C ASN D 65 -1.89 -29.83 -1.34
N LEU D 66 -1.11 -30.54 -0.54
CA LEU D 66 -0.08 -29.86 0.21
C LEU D 66 1.02 -29.25 -0.73
N ASP D 67 1.48 -30.06 -1.70
CA ASP D 67 2.46 -29.64 -2.69
C ASP D 67 1.92 -28.39 -3.35
N GLU D 68 0.63 -28.41 -3.70
CA GLU D 68 0.05 -27.22 -4.33
C GLU D 68 0.14 -25.98 -3.44
N VAL D 69 -0.19 -26.11 -2.16
CA VAL D 69 -0.14 -24.94 -1.27
C VAL D 69 1.29 -24.40 -1.14
N LYS D 70 2.27 -25.28 -1.19
CA LYS D 70 3.67 -24.87 -1.12
C LYS D 70 4.03 -24.05 -2.38
N THR D 71 3.42 -24.35 -3.53
CA THR D 71 3.63 -23.52 -4.75
C THR D 71 3.07 -22.10 -4.59
N LEU D 72 2.14 -21.90 -3.67
CA LEU D 72 1.45 -20.60 -3.57
C LEU D 72 1.92 -19.70 -2.43
N VAL D 73 2.96 -20.09 -1.69
CA VAL D 73 3.37 -19.27 -0.56
C VAL D 73 4.93 -19.23 -0.58
N SER D 74 5.55 -18.42 0.30
CA SER D 74 6.97 -18.20 0.23
C SER D 74 7.66 -19.27 1.01
N THR D 75 8.92 -19.53 0.69
CA THR D 75 9.75 -20.38 1.54
C THR D 75 9.59 -20.10 3.03
N GLU D 76 9.68 -18.82 3.42
CA GLU D 76 9.59 -18.48 4.86
C GLU D 76 8.22 -18.78 5.47
N GLN D 77 7.17 -18.53 4.67
CA GLN D 77 5.79 -18.87 5.06
C GLN D 77 5.59 -20.37 5.23
N TRP D 78 6.12 -21.15 4.28
CA TRP D 78 6.06 -22.61 4.29
C TRP D 78 6.80 -23.15 5.53
N SER D 79 7.95 -22.52 5.82
CA SER D 79 8.75 -22.87 6.95
C SER D 79 7.99 -22.89 8.25
N ARG D 80 6.84 -22.17 8.31
CA ARG D 80 6.09 -22.08 9.56
C ARG D 80 4.94 -23.16 9.70
N PHE D 81 4.84 -24.01 8.68
CA PHE D 81 3.87 -25.13 8.60
C PHE D 81 4.63 -26.39 9.07
N CYS D 82 4.28 -26.88 10.25
CA CYS D 82 4.76 -28.19 10.69
C CYS D 82 3.68 -29.27 10.36
N PHE D 83 3.95 -30.16 9.40
CA PHE D 83 2.98 -31.20 8.99
C PHE D 83 3.23 -32.53 9.67
N ILE D 84 2.18 -33.05 10.33
CA ILE D 84 2.23 -34.40 10.94
C ILE D 84 1.35 -35.40 10.15
N GLU D 85 1.97 -36.47 9.63
CA GLU D 85 1.13 -37.52 9.04
C GLU D 85 0.67 -38.40 10.17
N GLY D 86 -0.65 -38.47 10.40
CA GLY D 86 -1.14 -39.26 11.53
C GLY D 86 -2.67 -39.28 11.64
N ASP D 87 -3.17 -39.88 12.74
CA ASP D 87 -4.61 -40.18 12.85
C ASP D 87 -5.25 -39.60 14.10
N ILE D 88 -6.31 -38.80 13.93
CA ILE D 88 -7.07 -38.29 15.07
C ILE D 88 -7.71 -39.42 15.91
N ARG D 89 -7.78 -40.64 15.39
CA ARG D 89 -8.30 -41.74 16.24
C ARG D 89 -7.30 -42.19 17.33
N ASP D 90 -6.04 -41.70 17.24
CA ASP D 90 -5.08 -42.00 18.31
C ASP D 90 -4.87 -40.78 19.21
N LEU D 91 -5.28 -40.92 20.48
CA LEU D 91 -5.23 -39.82 21.44
C LEU D 91 -3.82 -39.23 21.68
N THR D 92 -2.80 -40.09 21.80
CA THR D 92 -1.42 -39.62 21.89
C THR D 92 -1.11 -38.66 20.71
N THR D 93 -1.40 -39.07 19.48
CA THR D 93 -1.15 -38.21 18.37
C THR D 93 -1.86 -36.83 18.56
N CYS D 94 -3.14 -36.83 19.00
CA CYS D 94 -3.88 -35.59 19.24
C CYS D 94 -3.22 -34.68 20.27
N GLU D 95 -2.76 -35.26 21.37
CA GLU D 95 -2.22 -34.45 22.43
C GLU D 95 -0.86 -33.85 21.98
N GLN D 96 -0.17 -34.61 21.15
CA GLN D 96 1.19 -34.24 20.71
C GLN D 96 1.06 -33.01 19.80
N VAL D 97 0.11 -33.06 18.83
CA VAL D 97 -0.11 -31.87 17.95
C VAL D 97 -0.79 -30.69 18.57
N MET D 98 -1.36 -30.86 19.73
CA MET D 98 -1.96 -29.78 20.47
C MET D 98 -0.95 -28.87 21.21
N LYS D 99 0.28 -29.35 21.40
CA LYS D 99 1.21 -28.61 22.29
C LYS D 99 1.42 -27.22 21.77
N GLY D 100 1.11 -26.22 22.59
CA GLY D 100 1.37 -24.81 22.23
C GLY D 100 0.41 -24.19 21.23
N VAL D 101 -0.60 -24.94 20.80
CA VAL D 101 -1.61 -24.40 19.91
C VAL D 101 -2.48 -23.32 20.49
N ASP D 102 -2.81 -22.30 19.67
CA ASP D 102 -3.75 -21.29 20.14
C ASP D 102 -5.17 -21.53 19.62
N HIS D 103 -5.29 -21.77 18.32
CA HIS D 103 -6.62 -21.88 17.70
C HIS D 103 -6.75 -23.22 17.05
N VAL D 104 -7.81 -23.95 17.41
CA VAL D 104 -8.02 -25.22 16.76
C VAL D 104 -9.07 -25.12 15.62
N LEU D 105 -8.68 -25.61 14.43
CA LEU D 105 -9.59 -25.74 13.31
C LEU D 105 -9.75 -27.21 12.90
N HIS D 106 -10.79 -27.82 13.50
CA HIS D 106 -10.96 -29.23 13.34
C HIS D 106 -11.84 -29.57 12.15
N GLN D 107 -11.23 -30.10 11.08
CA GLN D 107 -11.89 -30.40 9.82
C GLN D 107 -11.72 -31.88 9.49
N ALA D 108 -10.90 -32.61 10.25
CA ALA D 108 -10.69 -34.03 9.87
C ALA D 108 -11.96 -34.92 10.14
N ALA D 109 -12.43 -35.63 9.12
CA ALA D 109 -13.64 -36.47 9.18
C ALA D 109 -13.77 -37.23 7.88
N LEU D 110 -14.62 -38.27 7.86
CA LEU D 110 -15.00 -38.87 6.58
C LEU D 110 -16.39 -38.32 6.23
N GLY D 111 -16.51 -37.59 5.13
CA GLY D 111 -17.81 -37.02 4.75
C GLY D 111 -18.59 -38.11 4.09
N SER D 112 -19.72 -37.72 3.52
CA SER D 112 -20.54 -38.60 2.66
C SER D 112 -21.61 -39.47 3.37
N VAL D 113 -22.85 -39.10 3.17
CA VAL D 113 -23.93 -39.94 3.58
C VAL D 113 -23.83 -41.42 3.07
N PRO D 114 -23.69 -41.64 1.74
CA PRO D 114 -23.71 -43.02 1.24
C PRO D 114 -22.51 -43.83 1.72
N ARG D 115 -21.38 -43.14 1.95
CA ARG D 115 -20.19 -43.86 2.49
C ARG D 115 -20.58 -44.47 3.87
N SER D 116 -21.33 -43.70 4.66
CA SER D 116 -21.58 -44.07 6.06
C SER D 116 -22.64 -45.19 6.12
N ILE D 117 -23.45 -45.31 5.05
CA ILE D 117 -24.45 -46.35 5.00
C ILE D 117 -23.78 -47.67 4.71
N VAL D 118 -22.83 -47.64 3.79
CA VAL D 118 -22.02 -48.86 3.54
C VAL D 118 -21.11 -49.25 4.69
N ASP D 119 -20.50 -48.24 5.31
CA ASP D 119 -19.50 -48.58 6.32
C ASP D 119 -19.69 -47.66 7.52
N PRO D 120 -20.76 -47.88 8.31
CA PRO D 120 -21.00 -47.01 9.49
C PRO D 120 -19.86 -47.08 10.54
N ILE D 121 -19.16 -48.18 10.60
CA ILE D 121 -18.14 -48.33 11.68
C ILE D 121 -16.97 -47.38 11.44
N THR D 122 -16.46 -47.35 10.21
CA THR D 122 -15.31 -46.46 9.90
C THR D 122 -15.68 -44.98 10.08
N THR D 123 -16.90 -44.65 9.61
CA THR D 123 -17.38 -43.31 9.77
C THR D 123 -17.51 -42.95 11.24
N ASN D 124 -18.07 -43.84 12.07
CA ASN D 124 -18.16 -43.56 13.49
C ASN D 124 -16.78 -43.30 14.13
N ALA D 125 -15.85 -44.20 13.82
CA ALA D 125 -14.55 -44.12 14.42
C ALA D 125 -13.82 -42.76 14.14
N THR D 126 -13.77 -42.33 12.87
CA THR D 126 -13.18 -41.07 12.56
C THR D 126 -14.05 -39.92 13.06
N ASN D 127 -15.37 -39.95 12.81
CA ASN D 127 -16.15 -38.76 13.11
C ASN D 127 -16.55 -38.61 14.58
N ILE D 128 -16.71 -39.71 15.31
CA ILE D 128 -17.00 -39.52 16.75
C ILE D 128 -15.75 -39.66 17.61
N THR D 129 -15.09 -40.83 17.56
CA THR D 129 -13.89 -41.08 18.41
C THR D 129 -12.81 -39.99 18.13
N GLY D 130 -12.50 -39.80 16.84
CA GLY D 130 -11.56 -38.77 16.36
C GLY D 130 -11.88 -37.36 16.84
N PHE D 131 -13.12 -36.94 16.59
CA PHE D 131 -13.55 -35.69 17.07
C PHE D 131 -13.37 -35.61 18.58
N LEU D 132 -13.78 -36.64 19.29
CA LEU D 132 -13.72 -36.47 20.74
C LEU D 132 -12.22 -36.41 21.21
N ASN D 133 -11.37 -37.20 20.57
CA ASN D 133 -9.94 -37.13 20.90
C ASN D 133 -9.41 -35.69 20.78
N ILE D 134 -9.75 -35.04 19.66
CA ILE D 134 -9.32 -33.64 19.40
C ILE D 134 -9.93 -32.65 20.35
N LEU D 135 -11.26 -32.73 20.55
CA LEU D 135 -11.88 -31.89 21.59
C LEU D 135 -11.20 -32.10 22.97
N HIS D 136 -11.10 -33.35 23.39
CA HIS D 136 -10.51 -33.62 24.73
C HIS D 136 -9.02 -33.07 24.83
N ALA D 137 -8.20 -33.38 23.85
CA ALA D 137 -6.79 -32.86 23.87
C ALA D 137 -6.73 -31.32 23.94
N ALA D 138 -7.64 -30.63 23.24
CA ALA D 138 -7.68 -29.21 23.21
C ALA D 138 -8.13 -28.65 24.58
N LYS D 139 -9.13 -29.32 25.19
CA LYS D 139 -9.56 -28.95 26.51
C LYS D 139 -8.40 -29.09 27.49
N ASN D 140 -7.67 -30.21 27.40
CA ASN D 140 -6.54 -30.45 28.30
C ASN D 140 -5.36 -29.47 28.05
N ALA D 141 -5.14 -29.05 26.79
CA ALA D 141 -4.08 -28.09 26.45
C ALA D 141 -4.46 -26.65 26.65
N GLN D 142 -5.73 -26.44 26.99
CA GLN D 142 -6.34 -25.13 27.16
C GLN D 142 -6.09 -24.14 26.04
N VAL D 143 -6.35 -24.55 24.79
CA VAL D 143 -6.21 -23.66 23.63
C VAL D 143 -7.12 -22.42 23.74
N GLN D 144 -6.86 -21.35 22.98
CA GLN D 144 -7.74 -20.16 23.06
C GLN D 144 -9.09 -20.34 22.36
N SER D 145 -9.18 -21.24 21.39
CA SER D 145 -10.41 -21.34 20.59
C SER D 145 -10.46 -22.69 19.93
N PHE D 146 -11.70 -23.14 19.68
CA PHE D 146 -11.90 -24.46 19.16
C PHE D 146 -13.18 -24.36 18.30
N THR D 147 -12.97 -24.55 17.01
CA THR D 147 -13.97 -24.38 15.99
C THR D 147 -13.99 -25.71 15.21
N TYR D 148 -15.17 -26.31 15.01
CA TYR D 148 -15.20 -27.58 14.27
C TYR D 148 -16.21 -27.54 13.11
N ALA D 149 -15.96 -28.42 12.17
CA ALA D 149 -16.79 -28.67 11.02
C ALA D 149 -18.03 -29.50 11.42
N ALA D 150 -19.21 -28.85 11.44
CA ALA D 150 -20.46 -29.55 11.68
C ALA D 150 -21.16 -29.74 10.33
N SER D 151 -22.45 -30.07 10.35
CA SER D 151 -23.04 -30.34 9.08
C SER D 151 -24.51 -29.99 9.08
N SER D 152 -25.00 -29.56 7.91
CA SER D 152 -26.38 -29.26 7.71
C SER D 152 -27.21 -30.56 7.75
N SER D 153 -26.56 -31.71 7.72
CA SER D 153 -27.27 -32.99 7.89
C SER D 153 -27.92 -33.11 9.30
N THR D 154 -27.47 -32.23 10.20
CA THR D 154 -27.98 -32.24 11.59
C THR D 154 -29.44 -31.77 11.58
N TYR D 155 -29.86 -31.03 10.55
CA TYR D 155 -31.33 -30.66 10.44
C TYR D 155 -32.25 -31.86 10.32
N GLY D 156 -31.77 -32.94 9.65
CA GLY D 156 -32.45 -34.22 9.65
C GLY D 156 -33.79 -34.07 8.98
N ASP D 157 -34.84 -34.60 9.57
CA ASP D 157 -36.12 -34.59 8.92
C ASP D 157 -36.99 -33.36 9.24
N HIS D 158 -36.39 -32.31 9.79
CA HIS D 158 -37.14 -31.13 10.23
C HIS D 158 -37.64 -30.36 9.00
N PRO D 159 -38.94 -30.01 8.98
CA PRO D 159 -39.49 -29.44 7.73
C PRO D 159 -39.25 -27.94 7.47
N ALA D 160 -38.64 -27.22 8.40
CA ALA D 160 -38.41 -25.80 8.18
C ALA D 160 -37.45 -25.59 7.03
N LEU D 161 -37.71 -24.52 6.26
CA LEU D 161 -36.83 -24.08 5.19
C LEU D 161 -37.07 -22.59 4.85
N PRO D 162 -36.00 -21.76 4.88
CA PRO D 162 -34.60 -22.05 5.20
C PRO D 162 -34.40 -22.66 6.59
N LYS D 163 -33.21 -23.20 6.83
CA LYS D 163 -32.94 -23.92 8.10
C LYS D 163 -32.39 -22.96 9.13
N VAL D 164 -32.88 -23.00 10.37
CA VAL D 164 -32.36 -22.09 11.39
C VAL D 164 -31.87 -22.90 12.58
N GLU D 165 -30.79 -22.42 13.18
CA GLU D 165 -29.94 -23.33 13.90
C GLU D 165 -30.63 -24.02 15.05
N GLU D 166 -31.48 -23.30 15.79
CA GLU D 166 -32.15 -23.83 17.01
C GLU D 166 -33.14 -24.96 16.76
N ASN D 167 -33.66 -25.03 15.54
CA ASN D 167 -34.65 -26.09 15.20
C ASN D 167 -34.14 -27.20 14.32
N ILE D 168 -34.01 -28.41 14.86
CA ILE D 168 -33.49 -29.59 14.11
C ILE D 168 -34.42 -30.79 14.36
N GLY D 169 -34.41 -31.79 13.48
CA GLY D 169 -35.21 -32.99 13.64
C GLY D 169 -34.35 -34.22 13.92
N ASN D 170 -34.86 -35.37 13.53
CA ASN D 170 -34.17 -36.65 13.62
C ASN D 170 -33.07 -36.83 12.57
N PRO D 171 -31.87 -37.25 13.03
CA PRO D 171 -30.78 -37.46 12.04
C PRO D 171 -31.12 -38.68 11.12
N LEU D 172 -30.73 -38.66 9.87
CA LEU D 172 -31.27 -39.64 8.88
C LEU D 172 -30.31 -40.61 8.31
N SER D 173 -29.06 -40.58 8.80
CA SER D 173 -28.06 -41.57 8.34
C SER D 173 -26.96 -41.68 9.40
N PRO D 174 -26.07 -42.69 9.25
CA PRO D 174 -25.02 -42.84 10.22
C PRO D 174 -24.08 -41.61 10.26
N TYR D 175 -23.79 -41.05 9.12
CA TYR D 175 -23.01 -39.81 9.07
C TYR D 175 -23.66 -38.68 9.83
N ALA D 176 -24.97 -38.53 9.62
CA ALA D 176 -25.68 -37.44 10.28
C ALA D 176 -25.61 -37.65 11.82
N VAL D 177 -25.67 -38.90 12.28
CA VAL D 177 -25.57 -39.17 13.75
C VAL D 177 -24.19 -38.62 14.22
N THR D 178 -23.13 -38.93 13.45
CA THR D 178 -21.75 -38.53 13.90
C THR D 178 -21.67 -37.00 14.02
N LYS D 179 -22.20 -36.28 13.03
CA LYS D 179 -22.00 -34.82 13.06
C LYS D 179 -22.85 -34.16 14.15
N TYR D 180 -24.06 -34.64 14.32
CA TYR D 180 -24.89 -34.20 15.47
C TYR D 180 -24.17 -34.51 16.80
N VAL D 181 -23.63 -35.73 16.93
CA VAL D 181 -22.92 -36.10 18.21
C VAL D 181 -21.73 -35.17 18.46
N ASN D 182 -21.14 -34.66 17.40
CA ASN D 182 -20.04 -33.66 17.61
C ASN D 182 -20.51 -32.40 18.39
N GLU D 183 -21.68 -31.87 18.00
CA GLU D 183 -22.27 -30.72 18.66
C GLU D 183 -22.71 -31.08 20.07
N ILE D 184 -23.28 -32.27 20.26
CA ILE D 184 -23.65 -32.65 21.60
C ILE D 184 -22.45 -32.71 22.57
N TYR D 185 -21.39 -33.36 22.13
CA TYR D 185 -20.19 -33.40 22.96
C TYR D 185 -19.64 -32.01 23.19
N ALA D 186 -19.60 -31.16 22.17
CA ALA D 186 -19.09 -29.80 22.38
C ALA D 186 -19.92 -29.00 23.43
N GLN D 187 -21.25 -29.13 23.37
CA GLN D 187 -22.13 -28.52 24.40
C GLN D 187 -21.88 -29.12 25.79
N VAL D 188 -21.71 -30.43 25.87
CA VAL D 188 -21.50 -31.06 27.21
C VAL D 188 -20.10 -30.64 27.70
N TYR D 189 -19.16 -30.37 26.78
CA TYR D 189 -17.82 -29.96 27.25
C TYR D 189 -17.83 -28.54 27.84
N ALA D 190 -18.59 -27.65 27.19
CA ALA D 190 -18.87 -26.31 27.77
C ALA D 190 -19.45 -26.41 29.16
N ARG D 191 -20.50 -27.24 29.29
CA ARG D 191 -21.21 -27.45 30.55
C ARG D 191 -20.34 -28.05 31.63
N THR D 192 -19.59 -29.06 31.28
CA THR D 192 -18.88 -29.80 32.32
C THR D 192 -17.43 -29.32 32.59
N TYR D 193 -16.77 -28.75 31.59
CA TYR D 193 -15.37 -28.30 31.79
C TYR D 193 -15.18 -26.81 31.54
N GLY D 194 -16.27 -26.10 31.18
CA GLY D 194 -16.19 -24.67 30.82
C GLY D 194 -15.48 -24.36 29.48
N PHE D 195 -15.35 -25.38 28.63
CA PHE D 195 -14.60 -25.27 27.37
C PHE D 195 -15.60 -24.94 26.24
N LYS D 196 -15.59 -23.68 25.80
CA LYS D 196 -16.59 -23.18 24.87
C LYS D 196 -16.13 -23.24 23.44
N THR D 197 -16.90 -23.96 22.62
CA THR D 197 -16.49 -24.20 21.23
C THR D 197 -17.46 -23.46 20.28
N ILE D 198 -17.16 -23.42 18.98
CA ILE D 198 -18.08 -23.01 17.92
C ILE D 198 -18.14 -24.11 16.85
N GLY D 199 -19.38 -24.59 16.60
CA GLY D 199 -19.61 -25.56 15.55
C GLY D 199 -20.15 -24.88 14.31
N LEU D 200 -19.58 -25.24 13.15
CA LEU D 200 -20.01 -24.65 11.86
C LEU D 200 -20.76 -25.60 10.95
N ARG D 201 -22.07 -25.41 10.87
CA ARG D 201 -22.86 -26.33 10.04
C ARG D 201 -22.60 -25.91 8.61
N TYR D 202 -21.69 -26.60 7.93
CA TYR D 202 -21.46 -26.32 6.53
C TYR D 202 -22.62 -26.79 5.70
N PHE D 203 -22.92 -26.04 4.64
CA PHE D 203 -23.83 -26.42 3.52
C PHE D 203 -23.09 -26.55 2.17
N ASN D 204 -23.10 -27.70 1.55
CA ASN D 204 -22.54 -27.76 0.17
C ASN D 204 -21.38 -26.87 -0.37
N VAL D 205 -20.26 -26.94 0.32
CA VAL D 205 -19.08 -26.13 0.07
C VAL D 205 -18.45 -26.53 -1.27
N PHE D 206 -18.02 -25.58 -2.09
CA PHE D 206 -17.35 -25.97 -3.33
C PHE D 206 -16.17 -25.05 -3.59
N GLY D 207 -15.28 -25.44 -4.49
CA GLY D 207 -14.17 -24.59 -4.88
C GLY D 207 -12.92 -25.40 -5.13
N ARG D 208 -11.78 -24.71 -5.17
CA ARG D 208 -10.56 -25.37 -5.59
C ARG D 208 -10.19 -26.43 -4.56
N ARG D 209 -9.52 -27.49 -5.03
CA ARG D 209 -9.05 -28.67 -4.32
C ARG D 209 -10.15 -29.56 -3.71
N GLN D 210 -11.41 -29.32 -4.09
CA GLN D 210 -12.49 -30.27 -3.86
C GLN D 210 -12.38 -31.43 -4.85
N ASP D 211 -12.11 -32.60 -4.31
CA ASP D 211 -11.74 -33.75 -5.11
C ASP D 211 -12.84 -34.12 -6.11
N PRO D 212 -12.52 -34.13 -7.43
CA PRO D 212 -13.49 -34.55 -8.47
C PRO D 212 -13.60 -36.05 -8.70
N ASN D 213 -12.64 -36.82 -8.17
CA ASN D 213 -12.50 -38.28 -8.34
C ASN D 213 -12.99 -39.10 -7.14
N GLY D 214 -13.54 -40.27 -7.42
CA GLY D 214 -13.81 -41.22 -6.35
C GLY D 214 -15.30 -41.43 -6.29
N ALA D 215 -15.71 -42.60 -5.81
CA ALA D 215 -17.14 -42.91 -5.65
C ALA D 215 -17.96 -41.81 -4.95
N TYR D 216 -17.33 -41.07 -4.02
CA TYR D 216 -18.06 -40.09 -3.17
C TYR D 216 -17.86 -38.62 -3.56
N ALA D 217 -17.43 -38.35 -4.80
CA ALA D 217 -17.30 -36.95 -5.22
C ALA D 217 -18.64 -36.18 -5.22
N ALA D 218 -18.53 -34.94 -4.75
CA ALA D 218 -19.55 -33.94 -4.69
C ALA D 218 -19.97 -33.55 -6.09
N VAL D 219 -21.18 -33.03 -6.23
CA VAL D 219 -21.79 -32.80 -7.55
C VAL D 219 -21.01 -31.82 -8.48
N ILE D 220 -20.62 -30.67 -7.94
CA ILE D 220 -19.94 -29.60 -8.72
C ILE D 220 -18.62 -30.03 -9.28
N PRO D 221 -17.72 -30.59 -8.43
CA PRO D 221 -16.50 -31.16 -9.06
C PRO D 221 -16.77 -32.39 -9.95
N LYS D 222 -17.71 -33.26 -9.56
CA LYS D 222 -18.02 -34.45 -10.36
C LYS D 222 -18.52 -34.13 -11.77
N TRP D 223 -19.35 -33.07 -11.87
CA TRP D 223 -19.95 -32.64 -13.10
C TRP D 223 -18.98 -31.89 -13.93
N THR D 224 -18.13 -31.12 -13.25
CA THR D 224 -17.09 -30.38 -13.91
C THR D 224 -16.11 -31.33 -14.62
N ALA D 225 -15.65 -32.35 -13.91
CA ALA D 225 -14.78 -33.37 -14.48
C ALA D 225 -15.47 -34.01 -15.72
N ALA D 226 -16.76 -34.30 -15.59
CA ALA D 226 -17.46 -35.04 -16.60
C ALA D 226 -17.62 -34.19 -17.85
N MET D 227 -17.98 -32.91 -17.69
CA MET D 227 -18.08 -31.98 -18.81
C MET D 227 -16.77 -31.80 -19.58
N LEU D 228 -15.66 -31.62 -18.86
CA LEU D 228 -14.34 -31.55 -19.52
C LEU D 228 -13.98 -32.83 -20.33
N LYS D 229 -14.38 -34.01 -19.86
CA LYS D 229 -14.11 -35.28 -20.52
C LYS D 229 -15.11 -35.67 -21.63
N GLY D 230 -16.22 -34.92 -21.70
CA GLY D 230 -17.41 -35.30 -22.50
C GLY D 230 -18.12 -36.52 -21.95
N ASP D 231 -17.85 -36.85 -20.68
CA ASP D 231 -18.66 -37.85 -19.94
C ASP D 231 -20.09 -37.37 -19.67
N ASP D 232 -20.99 -38.34 -19.49
CA ASP D 232 -22.41 -38.06 -19.21
C ASP D 232 -22.56 -37.40 -17.85
N VAL D 233 -23.25 -36.27 -17.84
CA VAL D 233 -23.65 -35.60 -16.60
C VAL D 233 -24.99 -36.17 -16.11
N TYR D 234 -24.93 -36.92 -15.02
CA TYR D 234 -26.12 -37.51 -14.43
C TYR D 234 -26.84 -36.60 -13.45
N ILE D 235 -28.14 -36.37 -13.68
CA ILE D 235 -28.99 -35.70 -12.67
C ILE D 235 -29.93 -36.71 -11.96
N ASN D 236 -29.71 -36.94 -10.67
CA ASN D 236 -30.55 -37.84 -9.88
C ASN D 236 -31.92 -37.22 -9.54
N GLY D 237 -32.93 -37.49 -10.37
CA GLY D 237 -34.26 -36.95 -10.13
C GLY D 237 -34.72 -36.09 -11.29
N ASP D 238 -35.64 -35.17 -11.02
CA ASP D 238 -36.18 -34.27 -12.03
C ASP D 238 -35.39 -33.01 -12.07
N GLY D 239 -34.38 -32.92 -11.20
CA GLY D 239 -33.48 -31.77 -11.27
C GLY D 239 -33.94 -30.54 -10.52
N GLU D 240 -35.11 -30.63 -9.87
CA GLU D 240 -35.65 -29.48 -9.13
C GLU D 240 -35.12 -29.45 -7.69
N THR D 241 -34.54 -30.59 -7.27
CA THR D 241 -33.77 -30.70 -6.05
C THR D 241 -32.83 -29.46 -5.93
N SER D 242 -32.70 -28.89 -4.74
CA SER D 242 -31.99 -27.58 -4.59
C SER D 242 -31.08 -27.53 -3.32
N ARG D 243 -29.99 -26.77 -3.43
CA ARG D 243 -28.92 -26.70 -2.38
C ARG D 243 -28.42 -25.25 -2.23
N ASP D 244 -27.81 -24.96 -1.10
CA ASP D 244 -27.29 -23.60 -0.83
C ASP D 244 -25.76 -23.77 -0.95
N PHE D 245 -25.29 -23.78 -2.19
CA PHE D 245 -23.89 -23.95 -2.53
C PHE D 245 -23.07 -22.78 -2.04
N CYS D 246 -21.95 -23.09 -1.39
CA CYS D 246 -21.20 -22.06 -0.64
C CYS D 246 -19.70 -22.13 -1.07
N TYR D 247 -19.24 -21.11 -1.82
CA TYR D 247 -17.83 -21.01 -2.21
C TYR D 247 -16.86 -21.13 -1.02
N ILE D 248 -15.74 -21.82 -1.18
CA ILE D 248 -14.82 -22.03 0.01
C ILE D 248 -14.47 -20.76 0.73
N ASP D 249 -14.28 -19.63 0.05
CA ASP D 249 -13.73 -18.47 0.82
C ASP D 249 -14.70 -17.96 1.87
N ASN D 250 -16.01 -18.17 1.66
CA ASN D 250 -16.96 -17.88 2.72
C ASN D 250 -16.77 -18.75 3.95
N VAL D 251 -16.46 -20.02 3.69
CA VAL D 251 -16.14 -20.98 4.78
C VAL D 251 -14.84 -20.57 5.50
N ILE D 252 -13.79 -20.26 4.74
CA ILE D 252 -12.52 -19.77 5.37
C ILE D 252 -12.82 -18.61 6.30
N GLN D 253 -13.56 -17.64 5.76
CA GLN D 253 -14.01 -16.50 6.51
C GLN D 253 -14.67 -16.87 7.80
N MET D 254 -15.64 -17.81 7.77
CA MET D 254 -16.31 -18.12 8.98
C MET D 254 -15.38 -18.80 9.99
N ASN D 255 -14.51 -19.69 9.51
CA ASN D 255 -13.53 -20.30 10.44
C ASN D 255 -12.68 -19.29 11.19
N ILE D 256 -12.18 -18.26 10.49
CA ILE D 256 -11.30 -17.26 11.17
C ILE D 256 -12.11 -16.34 12.11
N LEU D 257 -13.30 -15.88 11.68
CA LEU D 257 -14.19 -15.14 12.63
C LEU D 257 -14.50 -15.93 13.86
N SER D 258 -14.72 -17.25 13.71
CA SER D 258 -15.06 -18.04 14.89
C SER D 258 -13.89 -18.24 15.79
N ALA D 259 -12.70 -18.47 15.21
CA ALA D 259 -11.47 -18.62 16.02
C ALA D 259 -11.25 -17.36 16.84
N LEU D 260 -11.51 -16.19 16.29
CA LEU D 260 -11.28 -15.01 17.10
C LEU D 260 -12.54 -14.45 17.77
N ALA D 261 -13.57 -15.28 17.94
CA ALA D 261 -14.86 -14.75 18.41
C ALA D 261 -14.74 -14.30 19.84
N LYS D 262 -15.52 -13.30 20.26
CA LYS D 262 -15.67 -13.02 21.69
C LYS D 262 -16.36 -14.17 22.40
N ASP D 263 -16.17 -14.21 23.70
CA ASP D 263 -16.57 -15.34 24.51
C ASP D 263 -18.08 -15.62 24.45
N SER D 264 -18.87 -14.55 24.39
CA SER D 264 -20.31 -14.75 24.45
C SER D 264 -20.80 -15.33 23.10
N ALA D 265 -19.97 -15.22 22.06
CA ALA D 265 -20.32 -15.78 20.78
C ALA D 265 -20.05 -17.28 20.66
N LYS D 266 -19.37 -17.86 21.65
CA LYS D 266 -18.95 -19.28 21.66
C LYS D 266 -20.03 -20.09 22.31
N ASP D 267 -19.77 -21.39 22.42
CA ASP D 267 -20.75 -22.43 22.72
C ASP D 267 -22.03 -22.25 21.90
N ASN D 268 -21.83 -22.09 20.59
CA ASN D 268 -22.91 -21.74 19.66
C ASN D 268 -22.67 -22.44 18.35
N ILE D 269 -23.76 -22.83 17.68
CA ILE D 269 -23.69 -23.35 16.33
C ILE D 269 -24.08 -22.29 15.32
N TYR D 270 -23.40 -22.29 14.17
CA TYR D 270 -23.71 -21.35 13.09
C TYR D 270 -23.80 -22.06 11.74
N ASN D 271 -24.87 -21.78 10.98
CA ASN D 271 -24.92 -22.22 9.56
C ASN D 271 -23.86 -21.45 8.82
N VAL D 272 -23.23 -22.11 7.86
CA VAL D 272 -22.26 -21.49 6.97
C VAL D 272 -22.72 -21.77 5.54
N ALA D 273 -23.37 -20.75 4.93
CA ALA D 273 -23.79 -20.82 3.56
C ALA D 273 -24.04 -19.43 3.10
N VAL D 274 -24.75 -19.32 1.99
CA VAL D 274 -25.05 -18.02 1.44
C VAL D 274 -26.48 -17.56 1.79
N GLY D 275 -27.42 -18.49 2.00
CA GLY D 275 -28.79 -18.04 2.11
C GLY D 275 -29.60 -18.18 0.83
N ASP D 276 -28.98 -18.64 -0.26
CA ASP D 276 -29.66 -18.81 -1.57
C ASP D 276 -29.86 -20.27 -1.85
N ARG D 277 -30.84 -20.52 -2.70
CA ARG D 277 -31.22 -21.85 -3.08
C ARG D 277 -30.97 -21.95 -4.59
N THR D 278 -30.30 -23.00 -5.04
CA THR D 278 -30.05 -23.23 -6.48
C THR D 278 -30.48 -24.67 -6.83
N THR D 279 -31.18 -24.86 -7.97
CA THR D 279 -31.62 -26.20 -8.37
C THR D 279 -30.52 -26.97 -9.11
N LEU D 280 -30.65 -28.29 -9.15
CA LEU D 280 -29.68 -29.09 -9.90
C LEU D 280 -29.72 -28.74 -11.40
N ASN D 281 -30.93 -28.56 -11.93
CA ASN D 281 -31.08 -28.17 -13.32
C ASN D 281 -30.31 -26.89 -13.58
N GLU D 282 -30.59 -25.84 -12.81
CA GLU D 282 -29.88 -24.58 -13.04
C GLU D 282 -28.35 -24.65 -12.84
N LEU D 283 -27.91 -25.43 -11.87
CA LEU D 283 -26.46 -25.61 -11.66
C LEU D 283 -25.80 -26.21 -12.89
N SER D 284 -26.42 -27.22 -13.50
CA SER D 284 -25.83 -27.85 -14.68
C SER D 284 -25.63 -26.81 -15.75
N GLY D 285 -26.61 -25.92 -15.84
CA GLY D 285 -26.59 -24.77 -16.75
C GLY D 285 -25.46 -23.80 -16.42
N TYR D 286 -25.32 -23.46 -15.13
CA TYR D 286 -24.26 -22.54 -14.71
C TYR D 286 -22.84 -23.14 -14.83
N ILE D 287 -22.68 -24.44 -14.66
CA ILE D 287 -21.34 -25.06 -14.79
C ILE D 287 -20.97 -25.11 -16.28
N TYR D 288 -21.95 -25.41 -17.14
CA TYR D 288 -21.74 -25.44 -18.57
C TYR D 288 -21.21 -24.10 -19.06
N ASP D 289 -21.91 -23.02 -18.68
CA ASP D 289 -21.65 -21.64 -19.16
C ASP D 289 -20.25 -21.14 -18.82
N GLU D 290 -19.85 -21.33 -17.56
CA GLU D 290 -18.54 -20.89 -17.05
C GLU D 290 -17.39 -21.70 -17.61
N LEU D 291 -17.61 -22.98 -17.90
CA LEU D 291 -16.59 -23.78 -18.59
C LEU D 291 -16.41 -23.35 -20.05
N ASN D 292 -17.51 -23.00 -20.72
CA ASN D 292 -17.51 -22.48 -22.11
C ASN D 292 -16.81 -21.15 -22.34
N LEU D 293 -16.82 -20.26 -21.35
CA LEU D 293 -16.06 -19.04 -21.50
C LEU D 293 -14.57 -19.32 -21.33
N ILE D 294 -14.23 -20.46 -20.75
CA ILE D 294 -12.85 -20.93 -20.72
C ILE D 294 -12.71 -22.06 -21.75
N HIS D 295 -13.44 -21.87 -22.85
CA HIS D 295 -13.34 -22.61 -24.16
C HIS D 295 -12.98 -24.11 -24.10
N HIS D 296 -13.92 -24.97 -24.48
CA HIS D 296 -13.69 -26.41 -24.68
C HIS D 296 -14.91 -27.01 -25.37
N ILE D 302 -25.95 -34.81 -20.85
CA ILE D 302 -26.85 -34.76 -19.69
C ILE D 302 -27.92 -35.86 -19.69
N LYS D 303 -27.89 -36.72 -18.67
CA LYS D 303 -28.85 -37.81 -18.52
C LYS D 303 -29.60 -37.73 -17.17
N TYR D 304 -30.85 -38.21 -17.17
CA TYR D 304 -31.77 -38.21 -16.05
C TYR D 304 -32.02 -39.61 -15.51
N ARG D 305 -31.75 -39.81 -14.23
CA ARG D 305 -31.96 -41.10 -13.60
C ARG D 305 -32.68 -40.91 -12.27
N GLU D 306 -32.83 -41.99 -11.52
CA GLU D 306 -33.63 -41.91 -10.31
C GLU D 306 -32.94 -41.16 -9.15
N PHE D 307 -33.77 -40.64 -8.25
CA PHE D 307 -33.31 -39.94 -7.05
C PHE D 307 -32.31 -40.81 -6.29
N ARG D 308 -31.28 -40.15 -5.78
CA ARG D 308 -30.42 -40.81 -4.81
C ARG D 308 -31.30 -41.06 -3.57
N SER D 309 -31.10 -42.19 -2.89
CA SER D 309 -32.04 -42.51 -1.80
C SER D 309 -31.53 -41.94 -0.47
N GLY D 310 -32.46 -41.45 0.36
CA GLY D 310 -32.08 -40.74 1.60
C GLY D 310 -31.56 -39.35 1.27
N ASP D 311 -31.89 -38.92 0.04
CA ASP D 311 -31.51 -37.60 -0.47
C ASP D 311 -32.29 -36.59 0.34
N VAL D 312 -31.87 -35.33 0.26
CA VAL D 312 -32.64 -34.23 0.78
C VAL D 312 -33.19 -33.49 -0.40
N ARG D 313 -34.47 -33.15 -0.36
CA ARG D 313 -35.12 -32.45 -1.46
C ARG D 313 -34.66 -30.99 -1.66
N HIS D 314 -34.73 -30.19 -0.59
CA HIS D 314 -34.36 -28.78 -0.68
C HIS D 314 -33.52 -28.42 0.54
N SER D 315 -32.47 -27.62 0.30
CA SER D 315 -31.63 -27.23 1.38
C SER D 315 -31.25 -25.79 1.18
N GLN D 316 -31.34 -25.01 2.23
CA GLN D 316 -31.07 -23.59 2.19
C GLN D 316 -30.95 -23.15 3.67
N ALA D 317 -29.92 -22.35 3.93
CA ALA D 317 -29.58 -21.88 5.30
C ALA D 317 -30.14 -20.50 5.49
N ASP D 318 -30.43 -20.19 6.75
CA ASP D 318 -30.64 -18.86 7.20
C ASP D 318 -29.33 -18.53 7.90
N VAL D 319 -28.62 -17.53 7.42
CA VAL D 319 -27.31 -17.23 8.01
C VAL D 319 -27.38 -15.94 8.80
N THR D 320 -28.59 -15.54 9.22
CA THR D 320 -28.73 -14.36 10.13
C THR D 320 -27.84 -14.41 11.36
N LYS D 321 -27.83 -15.54 12.05
CA LYS D 321 -27.14 -15.62 13.34
C LYS D 321 -25.61 -15.35 13.11
N ALA D 322 -25.02 -16.02 12.13
CA ALA D 322 -23.65 -15.67 11.76
C ALA D 322 -23.44 -14.19 11.42
N ILE D 323 -24.37 -13.60 10.64
CA ILE D 323 -24.21 -12.24 10.20
C ILE D 323 -24.20 -11.35 11.45
N ASP D 324 -25.09 -11.69 12.39
CA ASP D 324 -25.30 -10.82 13.51
C ASP D 324 -24.21 -10.92 14.53
N LEU D 325 -24.03 -12.15 15.01
CA LEU D 325 -23.19 -12.42 16.16
C LEU D 325 -21.70 -12.45 15.83
N LEU D 326 -21.35 -12.77 14.56
CA LEU D 326 -19.96 -12.99 14.18
C LEU D 326 -19.49 -11.98 13.14
N LYS D 327 -20.44 -11.23 12.57
CA LYS D 327 -20.22 -10.24 11.49
C LYS D 327 -19.83 -10.89 10.17
N TYR D 328 -20.24 -12.13 9.98
CA TYR D 328 -20.19 -12.81 8.68
C TYR D 328 -20.75 -12.00 7.51
N ARG D 329 -20.03 -12.00 6.39
CA ARG D 329 -20.49 -11.48 5.09
C ARG D 329 -20.44 -12.51 4.01
N PRO D 330 -21.61 -13.04 3.64
CA PRO D 330 -21.56 -14.08 2.59
C PRO D 330 -21.37 -13.50 1.16
N ASN D 331 -20.16 -13.00 0.88
CA ASN D 331 -19.98 -12.14 -0.26
C ASN D 331 -19.86 -12.82 -1.62
N ILE D 332 -19.46 -14.08 -1.65
CA ILE D 332 -19.41 -14.80 -2.91
C ILE D 332 -20.62 -15.74 -3.08
N LYS D 333 -21.45 -15.39 -4.07
CA LYS D 333 -22.55 -16.28 -4.53
C LYS D 333 -22.08 -17.36 -5.48
N ILE D 334 -22.98 -18.31 -5.78
CA ILE D 334 -22.66 -19.45 -6.61
C ILE D 334 -22.01 -19.10 -7.97
N ARG D 335 -22.61 -18.13 -8.70
CA ARG D 335 -22.14 -17.70 -10.04
C ARG D 335 -20.66 -17.27 -9.99
N GLU D 336 -20.39 -16.23 -9.21
CA GLU D 336 -19.01 -15.80 -9.01
C GLU D 336 -18.10 -16.98 -8.56
N GLY D 337 -18.63 -17.87 -7.72
CA GLY D 337 -17.79 -18.90 -7.15
C GLY D 337 -17.41 -19.88 -8.23
N LEU D 338 -18.38 -20.20 -9.10
CA LEU D 338 -18.10 -21.15 -10.15
C LEU D 338 -17.10 -20.53 -11.15
N ARG D 339 -17.18 -19.22 -11.36
CA ARG D 339 -16.23 -18.60 -12.29
C ARG D 339 -14.82 -18.75 -11.72
N LEU D 340 -14.71 -18.53 -10.40
CA LEU D 340 -13.42 -18.49 -9.73
C LEU D 340 -12.80 -19.88 -9.69
N SER D 341 -13.65 -20.89 -9.59
CA SER D 341 -13.21 -22.27 -9.46
C SER D 341 -12.87 -22.90 -10.80
N MET D 342 -13.64 -22.56 -11.83
CA MET D 342 -13.49 -23.26 -13.13
C MET D 342 -12.03 -23.35 -13.66
N PRO D 343 -11.22 -22.26 -13.56
CA PRO D 343 -9.83 -22.39 -14.00
C PRO D 343 -9.05 -23.46 -13.24
N TRP D 344 -9.19 -23.51 -11.91
CA TRP D 344 -8.49 -24.52 -11.10
C TRP D 344 -8.76 -25.92 -11.61
N TYR D 345 -10.04 -26.21 -11.93
CA TYR D 345 -10.40 -27.52 -12.52
C TYR D 345 -9.79 -27.78 -13.92
N VAL D 346 -9.85 -26.80 -14.79
CA VAL D 346 -9.20 -26.95 -16.11
C VAL D 346 -7.73 -27.40 -15.97
N ARG D 347 -6.90 -26.62 -15.26
CA ARG D 347 -5.51 -26.99 -14.92
C ARG D 347 -5.37 -28.36 -14.32
N PHE D 348 -6.06 -28.55 -13.18
CA PHE D 348 -5.92 -29.78 -12.41
C PHE D 348 -6.22 -30.97 -13.31
N LEU D 349 -7.15 -30.76 -14.25
CA LEU D 349 -7.52 -31.81 -15.21
C LEU D 349 -6.68 -31.98 -16.50
N LYS D 350 -5.95 -30.95 -16.95
CA LYS D 350 -5.11 -31.11 -18.16
C LYS D 350 -3.64 -31.37 -17.81
#